data_9HRV
# 
_entry.id   9HRV 
# 
_audit_conform.dict_name       mmcif_pdbx.dic 
_audit_conform.dict_version    5.404 
_audit_conform.dict_location   http://mmcif.pdb.org/dictionaries/ascii/mmcif_pdbx.dic 
# 
loop_
_database_2.database_id 
_database_2.database_code 
_database_2.pdbx_database_accession 
_database_2.pdbx_DOI 
PDB   9HRV         pdb_00009hrv 10.2210/pdb9hrv/pdb 
WWPDB D_1292143200 ?            ?                   
# 
_pdbx_audit_revision_history.ordinal             1 
_pdbx_audit_revision_history.data_content_type   'Structure model' 
_pdbx_audit_revision_history.major_revision      1 
_pdbx_audit_revision_history.minor_revision      0 
_pdbx_audit_revision_history.revision_date       2025-08-20 
_pdbx_audit_revision_history.part_number         ? 
# 
_pdbx_audit_revision_details.ordinal             1 
_pdbx_audit_revision_details.revision_ordinal    1 
_pdbx_audit_revision_details.data_content_type   'Structure model' 
_pdbx_audit_revision_details.provider            repository 
_pdbx_audit_revision_details.type                'Initial release' 
_pdbx_audit_revision_details.description         ? 
_pdbx_audit_revision_details.details             ? 
# 
_pdbx_database_status.status_code                     REL 
_pdbx_database_status.status_code_sf                  REL 
_pdbx_database_status.status_code_mr                  ? 
_pdbx_database_status.entry_id                        9HRV 
_pdbx_database_status.recvd_initial_deposition_date   2024-12-18 
_pdbx_database_status.SG_entry                        N 
_pdbx_database_status.deposit_site                    PDBE 
_pdbx_database_status.process_site                    PDBE 
_pdbx_database_status.status_code_cs                  ? 
_pdbx_database_status.status_code_nmr_data            ? 
_pdbx_database_status.methods_development_category    ? 
_pdbx_database_status.pdb_format_compatible           N 
# 
_pdbx_contact_author.id                 2 
_pdbx_contact_author.email              peter.crowley@universityofgalway.ie 
_pdbx_contact_author.name_first         Peter 
_pdbx_contact_author.name_last          Crowley 
_pdbx_contact_author.name_mi            B 
_pdbx_contact_author.role               'principal investigator/group leader' 
_pdbx_contact_author.identifier_ORCID   0000-0002-5365-0096 
# 
loop_
_audit_author.name 
_audit_author.pdbx_ordinal 
_audit_author.identifier_ORCID 
'Wren, C.P.'    1 ? 
'Flood, R.J.'   2 ? 
'Mockler, N.M.' 3 ? 
'Crowley, P.B.' 4 ? 
# 
_citation.abstract                  ? 
_citation.abstract_id_CAS           ? 
_citation.book_id_ISBN              ? 
_citation.book_publisher            ? 
_citation.book_publisher_city       ? 
_citation.book_title                ? 
_citation.coordinate_linkage        ? 
_citation.country                   US 
_citation.database_id_Medline       ? 
_citation.details                   ? 
_citation.id                        primary 
_citation.journal_abbrev            J.Am.Chem.Soc. 
_citation.journal_id_ASTM           JACSAT 
_citation.journal_id_CSD            ? 
_citation.journal_id_ISSN           1520-5126 
_citation.journal_full              ? 
_citation.journal_issue             ? 
_citation.journal_volume            147 
_citation.language                  ? 
_citation.page_first                28107 
_citation.page_last                 28116 
_citation.title                     'Protein Recognition and Assembly by a Phosphocavitand.' 
_citation.year                      2025 
_citation.database_id_CSD           ? 
_citation.pdbx_database_id_DOI      10.1021/jacs.5c08121 
_citation.pdbx_database_id_PubMed   40694812 
_citation.pdbx_database_id_patent   ? 
_citation.unpublished_flag          ? 
# 
loop_
_citation_author.citation_id 
_citation_author.name 
_citation_author.ordinal 
_citation_author.identifier_ORCID 
primary 'Wren, C.P.'    1 ?                   
primary 'Flood, R.J.'   2 ?                   
primary 'Mockler, N.M.' 3 ?                   
primary 'Savko, M.'     4 ?                   
primary 'Malinska, M.'  5 0000-0002-7138-7041 
primary 'Shi, Q.'       6 ?                   
primary 'Crowley, P.B.' 7 0000-0002-5365-0096 
# 
loop_
_entity.id 
_entity.type 
_entity.src_method 
_entity.pdbx_description 
_entity.formula_weight 
_entity.pdbx_number_of_molecules 
_entity.pdbx_ec 
_entity.pdbx_mutation 
_entity.pdbx_fragment 
_entity.details 
1 polymer     man 'Fucose-binding lectin protein'        9733.562 1   ? ? ? ? 
2 non-polymer syn beta-D-fructopyranose                  180.156  2   ? ? ? ? 
3 non-polymer syn phosphated-cyclotrixylohydroquinoylene 636.417  2   ? ? ? ? 
4 water       nat water                                  18.015   171 ? ? ? ? 
# 
_entity_name_com.entity_id   1 
_entity_name_com.name        'Putative fucose-binding lectin protein' 
# 
_entity_poly.entity_id                      1 
_entity_poly.type                           'polypeptide(L)' 
_entity_poly.nstd_linkage                   no 
_entity_poly.nstd_monomer                   no 
_entity_poly.pdbx_seq_one_letter_code       
;SSVQTAATSWGTVPSIRVYTANNGKITERCWDGKGWYTGAFNEPGDNVSVTSWLVGSAIHIRVYASTGTTTTEWCWDGNG
WTKGAYTATN
;
_entity_poly.pdbx_seq_one_letter_code_can   
;SSVQTAATSWGTVPSIRVYTANNGKITERCWDGKGWYTGAFNEPGDNVSVTSWLVGSAIHIRVYASTGTTTTEWCWDGNG
WTKGAYTATN
;
_entity_poly.pdbx_strand_id                 A 
_entity_poly.pdbx_target_identifier         ? 
# 
loop_
_pdbx_entity_nonpoly.entity_id 
_pdbx_entity_nonpoly.name 
_pdbx_entity_nonpoly.comp_id 
2 beta-D-fructopyranose                  BDF   
3 phosphated-cyclotrixylohydroquinoylene A1IXG 
4 water                                  HOH   
# 
loop_
_entity_poly_seq.entity_id 
_entity_poly_seq.num 
_entity_poly_seq.mon_id 
_entity_poly_seq.hetero 
1 1  SER n 
1 2  SER n 
1 3  VAL n 
1 4  GLN n 
1 5  THR n 
1 6  ALA n 
1 7  ALA n 
1 8  THR n 
1 9  SER n 
1 10 TRP n 
1 11 GLY n 
1 12 THR n 
1 13 VAL n 
1 14 PRO n 
1 15 SER n 
1 16 ILE n 
1 17 ARG n 
1 18 VAL n 
1 19 TYR n 
1 20 THR n 
1 21 ALA n 
1 22 ASN n 
1 23 ASN n 
1 24 GLY n 
1 25 LYS n 
1 26 ILE n 
1 27 THR n 
1 28 GLU n 
1 29 ARG n 
1 30 CYS n 
1 31 TRP n 
1 32 ASP n 
1 33 GLY n 
1 34 LYS n 
1 35 GLY n 
1 36 TRP n 
1 37 TYR n 
1 38 THR n 
1 39 GLY n 
1 40 ALA n 
1 41 PHE n 
1 42 ASN n 
1 43 GLU n 
1 44 PRO n 
1 45 GLY n 
1 46 ASP n 
1 47 ASN n 
1 48 VAL n 
1 49 SER n 
1 50 VAL n 
1 51 THR n 
1 52 SER n 
1 53 TRP n 
1 54 LEU n 
1 55 VAL n 
1 56 GLY n 
1 57 SER n 
1 58 ALA n 
1 59 ILE n 
1 60 HIS n 
1 61 ILE n 
1 62 ARG n 
1 63 VAL n 
1 64 TYR n 
1 65 ALA n 
1 66 SER n 
1 67 THR n 
1 68 GLY n 
1 69 THR n 
1 70 THR n 
1 71 THR n 
1 72 THR n 
1 73 GLU n 
1 74 TRP n 
1 75 CYS n 
1 76 TRP n 
1 77 ASP n 
1 78 GLY n 
1 79 ASN n 
1 80 GLY n 
1 81 TRP n 
1 82 THR n 
1 83 LYS n 
1 84 GLY n 
1 85 ALA n 
1 86 TYR n 
1 87 THR n 
1 88 ALA n 
1 89 THR n 
1 90 ASN n 
# 
_entity_src_gen.entity_id                          1 
_entity_src_gen.pdbx_src_id                        1 
_entity_src_gen.pdbx_alt_source_flag               sample 
_entity_src_gen.pdbx_seq_type                      'Biological sequence' 
_entity_src_gen.pdbx_beg_seq_num                   1 
_entity_src_gen.pdbx_end_seq_num                   90 
_entity_src_gen.gene_src_common_name               ? 
_entity_src_gen.gene_src_genus                     ? 
_entity_src_gen.pdbx_gene_src_gene                 'E7Z57_08365, RSP795_21825, RSP822_19650, RUN39_v1_50103' 
_entity_src_gen.gene_src_species                   ? 
_entity_src_gen.gene_src_strain                    ? 
_entity_src_gen.gene_src_tissue                    ? 
_entity_src_gen.gene_src_tissue_fraction           ? 
_entity_src_gen.gene_src_details                   ? 
_entity_src_gen.pdbx_gene_src_fragment             ? 
_entity_src_gen.pdbx_gene_src_scientific_name      'Ralstonia solanacearum' 
_entity_src_gen.pdbx_gene_src_ncbi_taxonomy_id     305 
_entity_src_gen.pdbx_gene_src_variant              ? 
_entity_src_gen.pdbx_gene_src_cell_line            ? 
_entity_src_gen.pdbx_gene_src_atcc                 ? 
_entity_src_gen.pdbx_gene_src_organ                ? 
_entity_src_gen.pdbx_gene_src_organelle            ? 
_entity_src_gen.pdbx_gene_src_cell                 ? 
_entity_src_gen.pdbx_gene_src_cellular_location    ? 
_entity_src_gen.host_org_common_name               ? 
_entity_src_gen.pdbx_host_org_scientific_name      'Escherichia coli' 
_entity_src_gen.pdbx_host_org_ncbi_taxonomy_id     562 
_entity_src_gen.host_org_genus                     ? 
_entity_src_gen.pdbx_host_org_gene                 ? 
_entity_src_gen.pdbx_host_org_organ                ? 
_entity_src_gen.host_org_species                   ? 
_entity_src_gen.pdbx_host_org_tissue               ? 
_entity_src_gen.pdbx_host_org_tissue_fraction      ? 
_entity_src_gen.pdbx_host_org_strain               ? 
_entity_src_gen.pdbx_host_org_variant              ? 
_entity_src_gen.pdbx_host_org_cell_line            ? 
_entity_src_gen.pdbx_host_org_atcc                 ? 
_entity_src_gen.pdbx_host_org_culture_collection   ? 
_entity_src_gen.pdbx_host_org_cell                 ? 
_entity_src_gen.pdbx_host_org_organelle            ? 
_entity_src_gen.pdbx_host_org_cellular_location    ? 
_entity_src_gen.pdbx_host_org_vector_type          ? 
_entity_src_gen.pdbx_host_org_vector               ? 
_entity_src_gen.host_org_details                   ? 
_entity_src_gen.expression_system_id               ? 
_entity_src_gen.plasmid_name                       ? 
_entity_src_gen.plasmid_details                    ? 
_entity_src_gen.pdbx_description                   ? 
# 
loop_
_chem_comp.id 
_chem_comp.type 
_chem_comp.mon_nstd_flag 
_chem_comp.name 
_chem_comp.pdbx_synonyms 
_chem_comp.formula 
_chem_comp.formula_weight 
A1IXG non-polymer                  . phosphated-cyclotrixylohydroquinoylene ?                                       
'C27 H27 O12 P3' 636.417 
ALA   'L-peptide linking'          y ALANINE                                ?                                       'C3 H7 N O2' 
89.093  
ARG   'L-peptide linking'          y ARGININE                               ?                                       
'C6 H15 N4 O2 1' 175.209 
ASN   'L-peptide linking'          y ASPARAGINE                             ?                                       'C4 H8 N2 O3' 
132.118 
ASP   'L-peptide linking'          y 'ASPARTIC ACID'                        ?                                       'C4 H7 N O4' 
133.103 
BDF   'D-saccharide, beta linking' . beta-D-fructopyranose                  'beta-D-fructose; D-fructose; fructose' 'C6 H12 O6' 
180.156 
CYS   'L-peptide linking'          y CYSTEINE                               ?                                       'C3 H7 N O2 S' 
121.158 
GLN   'L-peptide linking'          y GLUTAMINE                              ?                                       'C5 H10 N2 O3' 
146.144 
GLU   'L-peptide linking'          y 'GLUTAMIC ACID'                        ?                                       'C5 H9 N O4' 
147.129 
GLY   'peptide linking'            y GLYCINE                                ?                                       'C2 H5 N O2' 
75.067  
HIS   'L-peptide linking'          y HISTIDINE                              ?                                       
'C6 H10 N3 O2 1' 156.162 
HOH   non-polymer                  . WATER                                  ?                                       'H2 O' 18.015  
ILE   'L-peptide linking'          y ISOLEUCINE                             ?                                       'C6 H13 N O2' 
131.173 
LEU   'L-peptide linking'          y LEUCINE                                ?                                       'C6 H13 N O2' 
131.173 
LYS   'L-peptide linking'          y LYSINE                                 ?                                       
'C6 H15 N2 O2 1' 147.195 
PHE   'L-peptide linking'          y PHENYLALANINE                          ?                                       'C9 H11 N O2' 
165.189 
PRO   'L-peptide linking'          y PROLINE                                ?                                       'C5 H9 N O2' 
115.130 
SER   'L-peptide linking'          y SERINE                                 ?                                       'C3 H7 N O3' 
105.093 
THR   'L-peptide linking'          y THREONINE                              ?                                       'C4 H9 N O3' 
119.119 
TRP   'L-peptide linking'          y TRYPTOPHAN                             ?                                       
'C11 H12 N2 O2'  204.225 
TYR   'L-peptide linking'          y TYROSINE                               ?                                       'C9 H11 N O3' 
181.189 
VAL   'L-peptide linking'          y VALINE                                 ?                                       'C5 H11 N O2' 
117.146 
# 
loop_
_pdbx_chem_comp_identifier.comp_id 
_pdbx_chem_comp_identifier.type 
_pdbx_chem_comp_identifier.program 
_pdbx_chem_comp_identifier.program_version 
_pdbx_chem_comp_identifier.identifier 
BDF 'CONDENSED IUPAC CARBOHYDRATE SYMBOL' GMML     1.0 DFrupb             
BDF 'COMMON NAME'                         GMML     1.0 b-D-fructopyranose 
BDF 'IUPAC CARBOHYDRATE SYMBOL'           PDB-CARE 1.0 b-D-Frup           
BDF 'SNFG CARBOHYDRATE SYMBOL'            GMML     1.0 Fru                
# 
loop_
_pdbx_poly_seq_scheme.asym_id 
_pdbx_poly_seq_scheme.entity_id 
_pdbx_poly_seq_scheme.seq_id 
_pdbx_poly_seq_scheme.mon_id 
_pdbx_poly_seq_scheme.ndb_seq_num 
_pdbx_poly_seq_scheme.pdb_seq_num 
_pdbx_poly_seq_scheme.auth_seq_num 
_pdbx_poly_seq_scheme.pdb_mon_id 
_pdbx_poly_seq_scheme.auth_mon_id 
_pdbx_poly_seq_scheme.pdb_strand_id 
_pdbx_poly_seq_scheme.pdb_ins_code 
_pdbx_poly_seq_scheme.hetero 
A 1 1  SER 1  1  1  SER SER A . n 
A 1 2  SER 2  2  2  SER SER A . n 
A 1 3  VAL 3  3  3  VAL VAL A . n 
A 1 4  GLN 4  4  4  GLN GLN A . n 
A 1 5  THR 5  5  5  THR THR A . n 
A 1 6  ALA 6  6  6  ALA ALA A . n 
A 1 7  ALA 7  7  7  ALA ALA A . n 
A 1 8  THR 8  8  8  THR THR A . n 
A 1 9  SER 9  9  9  SER SER A . n 
A 1 10 TRP 10 10 10 TRP TRP A . n 
A 1 11 GLY 11 11 11 GLY GLY A . n 
A 1 12 THR 12 12 12 THR THR A . n 
A 1 13 VAL 13 13 13 VAL VAL A . n 
A 1 14 PRO 14 14 14 PRO PRO A . n 
A 1 15 SER 15 15 15 SER SER A . n 
A 1 16 ILE 16 16 16 ILE ILE A . n 
A 1 17 ARG 17 17 17 ARG ARG A . n 
A 1 18 VAL 18 18 18 VAL VAL A . n 
A 1 19 TYR 19 19 19 TYR TYR A . n 
A 1 20 THR 20 20 20 THR THR A . n 
A 1 21 ALA 21 21 21 ALA ALA A . n 
A 1 22 ASN 22 22 22 ASN ASN A . n 
A 1 23 ASN 23 23 23 ASN ASN A . n 
A 1 24 GLY 24 24 24 GLY GLY A . n 
A 1 25 LYS 25 25 25 LYS LYS A . n 
A 1 26 ILE 26 26 26 ILE ILE A . n 
A 1 27 THR 27 27 27 THR THR A . n 
A 1 28 GLU 28 28 28 GLU GLU A . n 
A 1 29 ARG 29 29 29 ARG ARG A . n 
A 1 30 CYS 30 30 30 CYS CYS A . n 
A 1 31 TRP 31 31 31 TRP TRP A . n 
A 1 32 ASP 32 32 32 ASP ASP A . n 
A 1 33 GLY 33 33 33 GLY GLY A . n 
A 1 34 LYS 34 34 34 LYS LYS A . n 
A 1 35 GLY 35 35 35 GLY GLY A . n 
A 1 36 TRP 36 36 36 TRP TRP A . n 
A 1 37 TYR 37 37 37 TYR TYR A . n 
A 1 38 THR 38 38 38 THR THR A . n 
A 1 39 GLY 39 39 39 GLY GLY A . n 
A 1 40 ALA 40 40 40 ALA ALA A . n 
A 1 41 PHE 41 41 41 PHE PHE A . n 
A 1 42 ASN 42 42 42 ASN ASN A . n 
A 1 43 GLU 43 43 43 GLU GLU A . n 
A 1 44 PRO 44 44 44 PRO PRO A . n 
A 1 45 GLY 45 45 45 GLY GLY A . n 
A 1 46 ASP 46 46 46 ASP ASP A . n 
A 1 47 ASN 47 47 47 ASN ASN A . n 
A 1 48 VAL 48 48 48 VAL VAL A . n 
A 1 49 SER 49 49 49 SER SER A . n 
A 1 50 VAL 50 50 50 VAL VAL A . n 
A 1 51 THR 51 51 51 THR THR A . n 
A 1 52 SER 52 52 52 SER SER A . n 
A 1 53 TRP 53 53 53 TRP TRP A . n 
A 1 54 LEU 54 54 54 LEU LEU A . n 
A 1 55 VAL 55 55 55 VAL VAL A . n 
A 1 56 GLY 56 56 56 GLY GLY A . n 
A 1 57 SER 57 57 57 SER SER A . n 
A 1 58 ALA 58 58 58 ALA ALA A . n 
A 1 59 ILE 59 59 59 ILE ILE A . n 
A 1 60 HIS 60 60 60 HIS HIS A . n 
A 1 61 ILE 61 61 61 ILE ILE A . n 
A 1 62 ARG 62 62 62 ARG ARG A . n 
A 1 63 VAL 63 63 63 VAL VAL A . n 
A 1 64 TYR 64 64 64 TYR TYR A . n 
A 1 65 ALA 65 65 65 ALA ALA A . n 
A 1 66 SER 66 66 66 SER SER A . n 
A 1 67 THR 67 67 67 THR THR A . n 
A 1 68 GLY 68 68 68 GLY GLY A . n 
A 1 69 THR 69 69 69 THR THR A . n 
A 1 70 THR 70 70 70 THR THR A . n 
A 1 71 THR 71 71 71 THR THR A . n 
A 1 72 THR 72 72 72 THR THR A . n 
A 1 73 GLU 73 73 73 GLU GLU A . n 
A 1 74 TRP 74 74 74 TRP TRP A . n 
A 1 75 CYS 75 75 75 CYS CYS A . n 
A 1 76 TRP 76 76 76 TRP TRP A . n 
A 1 77 ASP 77 77 77 ASP ASP A . n 
A 1 78 GLY 78 78 78 GLY GLY A . n 
A 1 79 ASN 79 79 79 ASN ASN A . n 
A 1 80 GLY 80 80 80 GLY GLY A . n 
A 1 81 TRP 81 81 81 TRP TRP A . n 
A 1 82 THR 82 82 82 THR THR A . n 
A 1 83 LYS 83 83 83 LYS LYS A . n 
A 1 84 GLY 84 84 84 GLY GLY A . n 
A 1 85 ALA 85 85 85 ALA ALA A . n 
A 1 86 TYR 86 86 86 TYR TYR A . n 
A 1 87 THR 87 87 87 THR THR A . n 
A 1 88 ALA 88 88 88 ALA ALA A . n 
A 1 89 THR 89 89 89 THR THR A . n 
A 1 90 ASN 90 90 90 ASN ASN A . n 
# 
_pdbx_entity_instance_feature.ordinal        1 
_pdbx_entity_instance_feature.comp_id        A1IXG 
_pdbx_entity_instance_feature.asym_id        ? 
_pdbx_entity_instance_feature.seq_num        ? 
_pdbx_entity_instance_feature.auth_comp_id   A1IXG 
_pdbx_entity_instance_feature.auth_asym_id   ? 
_pdbx_entity_instance_feature.auth_seq_num   ? 
_pdbx_entity_instance_feature.feature_type   'SUBJECT OF INVESTIGATION' 
_pdbx_entity_instance_feature.details        ? 
# 
loop_
_pdbx_nonpoly_scheme.asym_id 
_pdbx_nonpoly_scheme.entity_id 
_pdbx_nonpoly_scheme.mon_id 
_pdbx_nonpoly_scheme.ndb_seq_num 
_pdbx_nonpoly_scheme.pdb_seq_num 
_pdbx_nonpoly_scheme.auth_seq_num 
_pdbx_nonpoly_scheme.pdb_mon_id 
_pdbx_nonpoly_scheme.auth_mon_id 
_pdbx_nonpoly_scheme.pdb_strand_id 
_pdbx_nonpoly_scheme.pdb_ins_code 
B 2 BDF   1   101 101 BDF   BDF A . 
C 2 BDF   1   102 102 BDF   BDF A . 
D 3 A1IXG 1   103 103 A1IXG PCT A . 
E 3 A1IXG 1   104 104 A1IXG PCT A . 
F 4 HOH   1   201 96  HOH   HOH A . 
F 4 HOH   2   202 111 HOH   HOH A . 
F 4 HOH   3   203 168 HOH   HOH A . 
F 4 HOH   4   204 157 HOH   HOH A . 
F 4 HOH   5   205 103 HOH   HOH A . 
F 4 HOH   6   206 64  HOH   HOH A . 
F 4 HOH   7   207 167 HOH   HOH A . 
F 4 HOH   8   208 50  HOH   HOH A . 
F 4 HOH   9   209 163 HOH   HOH A . 
F 4 HOH   10  210 82  HOH   HOH A . 
F 4 HOH   11  211 1   HOH   HOH A . 
F 4 HOH   12  212 86  HOH   HOH A . 
F 4 HOH   13  213 22  HOH   HOH A . 
F 4 HOH   14  214 31  HOH   HOH A . 
F 4 HOH   15  215 131 HOH   HOH A . 
F 4 HOH   16  216 57  HOH   HOH A . 
F 4 HOH   17  217 142 HOH   HOH A . 
F 4 HOH   18  218 69  HOH   HOH A . 
F 4 HOH   19  219 25  HOH   HOH A . 
F 4 HOH   20  220 101 HOH   HOH A . 
F 4 HOH   21  221 115 HOH   HOH A . 
F 4 HOH   22  222 7   HOH   HOH A . 
F 4 HOH   23  223 42  HOH   HOH A . 
F 4 HOH   24  224 13  HOH   HOH A . 
F 4 HOH   25  225 65  HOH   HOH A . 
F 4 HOH   26  226 88  HOH   HOH A . 
F 4 HOH   27  227 45  HOH   HOH A . 
F 4 HOH   28  228 109 HOH   HOH A . 
F 4 HOH   29  229 4   HOH   HOH A . 
F 4 HOH   30  230 173 HOH   HOH A . 
F 4 HOH   31  231 11  HOH   HOH A . 
F 4 HOH   32  232 46  HOH   HOH A . 
F 4 HOH   33  233 55  HOH   HOH A . 
F 4 HOH   34  234 27  HOH   HOH A . 
F 4 HOH   35  235 2   HOH   HOH A . 
F 4 HOH   36  236 146 HOH   HOH A . 
F 4 HOH   37  237 21  HOH   HOH A . 
F 4 HOH   38  238 12  HOH   HOH A . 
F 4 HOH   39  239 61  HOH   HOH A . 
F 4 HOH   40  240 105 HOH   HOH A . 
F 4 HOH   41  241 87  HOH   HOH A . 
F 4 HOH   42  242 120 HOH   HOH A . 
F 4 HOH   43  243 117 HOH   HOH A . 
F 4 HOH   44  244 108 HOH   HOH A . 
F 4 HOH   45  245 37  HOH   HOH A . 
F 4 HOH   46  246 81  HOH   HOH A . 
F 4 HOH   47  247 52  HOH   HOH A . 
F 4 HOH   48  248 121 HOH   HOH A . 
F 4 HOH   49  249 68  HOH   HOH A . 
F 4 HOH   50  250 15  HOH   HOH A . 
F 4 HOH   51  251 23  HOH   HOH A . 
F 4 HOH   52  252 41  HOH   HOH A . 
F 4 HOH   53  253 80  HOH   HOH A . 
F 4 HOH   54  254 47  HOH   HOH A . 
F 4 HOH   55  255 20  HOH   HOH A . 
F 4 HOH   56  256 78  HOH   HOH A . 
F 4 HOH   57  257 53  HOH   HOH A . 
F 4 HOH   58  258 100 HOH   HOH A . 
F 4 HOH   59  259 51  HOH   HOH A . 
F 4 HOH   60  260 44  HOH   HOH A . 
F 4 HOH   61  261 33  HOH   HOH A . 
F 4 HOH   62  262 32  HOH   HOH A . 
F 4 HOH   63  263 19  HOH   HOH A . 
F 4 HOH   64  264 159 HOH   HOH A . 
F 4 HOH   65  265 18  HOH   HOH A . 
F 4 HOH   66  266 70  HOH   HOH A . 
F 4 HOH   67  267 83  HOH   HOH A . 
F 4 HOH   68  268 118 HOH   HOH A . 
F 4 HOH   69  269 28  HOH   HOH A . 
F 4 HOH   70  270 14  HOH   HOH A . 
F 4 HOH   71  271 56  HOH   HOH A . 
F 4 HOH   72  272 36  HOH   HOH A . 
F 4 HOH   73  273 72  HOH   HOH A . 
F 4 HOH   74  274 35  HOH   HOH A . 
F 4 HOH   75  275 39  HOH   HOH A . 
F 4 HOH   76  276 38  HOH   HOH A . 
F 4 HOH   77  277 99  HOH   HOH A . 
F 4 HOH   78  278 63  HOH   HOH A . 
F 4 HOH   79  279 16  HOH   HOH A . 
F 4 HOH   80  280 34  HOH   HOH A . 
F 4 HOH   81  281 8   HOH   HOH A . 
F 4 HOH   82  282 104 HOH   HOH A . 
F 4 HOH   83  283 3   HOH   HOH A . 
F 4 HOH   84  284 40  HOH   HOH A . 
F 4 HOH   85  285 160 HOH   HOH A . 
F 4 HOH   86  286 116 HOH   HOH A . 
F 4 HOH   87  287 127 HOH   HOH A . 
F 4 HOH   88  288 156 HOH   HOH A . 
F 4 HOH   89  289 54  HOH   HOH A . 
F 4 HOH   90  290 90  HOH   HOH A . 
F 4 HOH   91  291 26  HOH   HOH A . 
F 4 HOH   92  292 106 HOH   HOH A . 
F 4 HOH   93  293 171 HOH   HOH A . 
F 4 HOH   94  294 126 HOH   HOH A . 
F 4 HOH   95  295 128 HOH   HOH A . 
F 4 HOH   96  296 5   HOH   HOH A . 
F 4 HOH   97  297 89  HOH   HOH A . 
F 4 HOH   98  298 29  HOH   HOH A . 
F 4 HOH   99  299 6   HOH   HOH A . 
F 4 HOH   100 300 43  HOH   HOH A . 
F 4 HOH   101 301 24  HOH   HOH A . 
F 4 HOH   102 302 77  HOH   HOH A . 
F 4 HOH   103 303 98  HOH   HOH A . 
F 4 HOH   104 304 148 HOH   HOH A . 
F 4 HOH   105 305 10  HOH   HOH A . 
F 4 HOH   106 306 71  HOH   HOH A . 
F 4 HOH   107 307 102 HOH   HOH A . 
F 4 HOH   108 308 144 HOH   HOH A . 
F 4 HOH   109 309 138 HOH   HOH A . 
F 4 HOH   110 310 92  HOH   HOH A . 
F 4 HOH   111 311 91  HOH   HOH A . 
F 4 HOH   112 312 76  HOH   HOH A . 
F 4 HOH   113 313 17  HOH   HOH A . 
F 4 HOH   114 314 158 HOH   HOH A . 
F 4 HOH   115 315 79  HOH   HOH A . 
F 4 HOH   116 316 165 HOH   HOH A . 
F 4 HOH   117 317 174 HOH   HOH A . 
F 4 HOH   118 318 162 HOH   HOH A . 
F 4 HOH   119 319 136 HOH   HOH A . 
F 4 HOH   120 320 48  HOH   HOH A . 
F 4 HOH   121 321 94  HOH   HOH A . 
F 4 HOH   122 322 30  HOH   HOH A . 
F 4 HOH   123 323 122 HOH   HOH A . 
F 4 HOH   124 324 95  HOH   HOH A . 
F 4 HOH   125 325 113 HOH   HOH A . 
F 4 HOH   126 326 93  HOH   HOH A . 
F 4 HOH   127 327 112 HOH   HOH A . 
F 4 HOH   128 328 145 HOH   HOH A . 
F 4 HOH   129 329 155 HOH   HOH A . 
F 4 HOH   130 330 49  HOH   HOH A . 
F 4 HOH   131 331 60  HOH   HOH A . 
F 4 HOH   132 332 84  HOH   HOH A . 
F 4 HOH   133 333 75  HOH   HOH A . 
F 4 HOH   134 334 154 HOH   HOH A . 
F 4 HOH   135 335 140 HOH   HOH A . 
F 4 HOH   136 336 169 HOH   HOH A . 
F 4 HOH   137 337 125 HOH   HOH A . 
F 4 HOH   138 338 164 HOH   HOH A . 
F 4 HOH   139 339 134 HOH   HOH A . 
F 4 HOH   140 340 161 HOH   HOH A . 
F 4 HOH   141 341 150 HOH   HOH A . 
F 4 HOH   142 342 124 HOH   HOH A . 
F 4 HOH   143 343 74  HOH   HOH A . 
F 4 HOH   144 344 110 HOH   HOH A . 
F 4 HOH   145 345 62  HOH   HOH A . 
F 4 HOH   146 346 59  HOH   HOH A . 
F 4 HOH   147 347 129 HOH   HOH A . 
F 4 HOH   148 348 135 HOH   HOH A . 
F 4 HOH   149 349 137 HOH   HOH A . 
F 4 HOH   150 350 58  HOH   HOH A . 
F 4 HOH   151 351 66  HOH   HOH A . 
F 4 HOH   152 352 133 HOH   HOH A . 
F 4 HOH   153 353 130 HOH   HOH A . 
F 4 HOH   154 354 97  HOH   HOH A . 
F 4 HOH   155 355 132 HOH   HOH A . 
F 4 HOH   156 356 107 HOH   HOH A . 
F 4 HOH   157 357 166 HOH   HOH A . 
F 4 HOH   158 358 141 HOH   HOH A . 
F 4 HOH   159 359 153 HOH   HOH A . 
F 4 HOH   160 360 139 HOH   HOH A . 
F 4 HOH   161 361 73  HOH   HOH A . 
F 4 HOH   162 362 114 HOH   HOH A . 
F 4 HOH   163 363 67  HOH   HOH A . 
F 4 HOH   164 364 119 HOH   HOH A . 
F 4 HOH   165 365 151 HOH   HOH A . 
F 4 HOH   166 366 149 HOH   HOH A . 
F 4 HOH   167 367 85  HOH   HOH A . 
F 4 HOH   168 368 9   HOH   HOH A . 
F 4 HOH   169 369 147 HOH   HOH A . 
F 4 HOH   170 370 143 HOH   HOH A . 
F 4 HOH   171 371 152 HOH   HOH A . 
# 
loop_
_pdbx_unobs_or_zero_occ_atoms.id 
_pdbx_unobs_or_zero_occ_atoms.PDB_model_num 
_pdbx_unobs_or_zero_occ_atoms.polymer_flag 
_pdbx_unobs_or_zero_occ_atoms.occupancy_flag 
_pdbx_unobs_or_zero_occ_atoms.auth_asym_id 
_pdbx_unobs_or_zero_occ_atoms.auth_comp_id 
_pdbx_unobs_or_zero_occ_atoms.auth_seq_id 
_pdbx_unobs_or_zero_occ_atoms.PDB_ins_code 
_pdbx_unobs_or_zero_occ_atoms.auth_atom_id 
_pdbx_unobs_or_zero_occ_atoms.label_alt_id 
_pdbx_unobs_or_zero_occ_atoms.label_asym_id 
_pdbx_unobs_or_zero_occ_atoms.label_comp_id 
_pdbx_unobs_or_zero_occ_atoms.label_seq_id 
_pdbx_unobs_or_zero_occ_atoms.label_atom_id 
1 1 Y 0 A LYS 25 ? CE ? A LYS 25 CE 
2 1 Y 0 A LYS 25 ? NZ ? A LYS 25 NZ 
# 
loop_
_software.citation_id 
_software.classification 
_software.compiler_name 
_software.compiler_version 
_software.contact_author 
_software.contact_author_email 
_software.date 
_software.description 
_software.dependencies 
_software.hardware 
_software.language 
_software.location 
_software.mods 
_software.name 
_software.os 
_software.os_version 
_software.type 
_software.version 
_software.pdbx_ordinal 
? refinement        ? ? ? ? ? ? ? ? ? ? ? PHENIX   ? ? ? 1.20.1_4487 1 
? 'data reduction'  ? ? ? ? ? ? ? ? ? ? ? XDS      ? ? ? .           2 
? 'data scaling'    ? ? ? ? ? ? ? ? ? ? ? Aimless  ? ? ? .           3 
? phasing           ? ? ? ? ? ? ? ? ? ? ? PHASER   ? ? ? .           4 
? 'data processing' ? ? ? ? ? ? ? ? ? ? ? autoPROC ? ? ? .           5 
# 
_cell.angle_alpha                  90.000 
_cell.angle_alpha_esd              ? 
_cell.angle_beta                   90.000 
_cell.angle_beta_esd               ? 
_cell.angle_gamma                  120.000 
_cell.angle_gamma_esd              ? 
_cell.entry_id                     9HRV 
_cell.details                      ? 
_cell.formula_units_Z              ? 
_cell.length_a                     46.709 
_cell.length_a_esd                 ? 
_cell.length_b                     46.709 
_cell.length_b_esd                 ? 
_cell.length_c                     102.923 
_cell.length_c_esd                 ? 
_cell.volume                       194466.236 
_cell.volume_esd                   ? 
_cell.Z_PDB                        9 
_cell.reciprocal_angle_alpha       ? 
_cell.reciprocal_angle_beta        ? 
_cell.reciprocal_angle_gamma       ? 
_cell.reciprocal_angle_alpha_esd   ? 
_cell.reciprocal_angle_beta_esd    ? 
_cell.reciprocal_angle_gamma_esd   ? 
_cell.reciprocal_length_a          ? 
_cell.reciprocal_length_b          ? 
_cell.reciprocal_length_c          ? 
_cell.reciprocal_length_a_esd      ? 
_cell.reciprocal_length_b_esd      ? 
_cell.reciprocal_length_c_esd      ? 
_cell.pdbx_unique_axis             ? 
_cell.pdbx_esd_method              ? 
# 
_symmetry.entry_id                         9HRV 
_symmetry.cell_setting                     ? 
_symmetry.Int_Tables_number                146 
_symmetry.space_group_name_Hall            'R 3' 
_symmetry.space_group_name_H-M             'H 3' 
_symmetry.pdbx_full_space_group_name_H-M   ? 
# 
_exptl.absorpt_coefficient_mu     ? 
_exptl.absorpt_correction_T_max   ? 
_exptl.absorpt_correction_T_min   ? 
_exptl.absorpt_correction_type    ? 
_exptl.absorpt_process_details    ? 
_exptl.entry_id                   9HRV 
_exptl.crystals_number            1 
_exptl.details                    ? 
_exptl.method                     'X-RAY DIFFRACTION' 
_exptl.method_details             ? 
# 
_exptl_crystal.colour                       ? 
_exptl_crystal.density_diffrn               ? 
_exptl_crystal.density_Matthews             2.05 
_exptl_crystal.density_method               ? 
_exptl_crystal.density_percent_sol          40 
_exptl_crystal.description                  ? 
_exptl_crystal.F_000                        ? 
_exptl_crystal.id                           1 
_exptl_crystal.preparation                  ? 
_exptl_crystal.size_max                     ? 
_exptl_crystal.size_mid                     ? 
_exptl_crystal.size_min                     ? 
_exptl_crystal.size_rad                     ? 
_exptl_crystal.colour_lustre                ? 
_exptl_crystal.colour_modifier              ? 
_exptl_crystal.colour_primary               ? 
_exptl_crystal.density_meas                 ? 
_exptl_crystal.density_meas_esd             ? 
_exptl_crystal.density_meas_gt              ? 
_exptl_crystal.density_meas_lt              ? 
_exptl_crystal.density_meas_temp            ? 
_exptl_crystal.density_meas_temp_esd        ? 
_exptl_crystal.density_meas_temp_gt         ? 
_exptl_crystal.density_meas_temp_lt         ? 
_exptl_crystal.pdbx_crystal_image_url       ? 
_exptl_crystal.pdbx_crystal_image_format    ? 
_exptl_crystal.pdbx_mosaicity               ? 
_exptl_crystal.pdbx_mosaicity_esd           ? 
_exptl_crystal.pdbx_mosaic_method           ? 
_exptl_crystal.pdbx_mosaic_block_size       ? 
_exptl_crystal.pdbx_mosaic_block_size_esd   ? 
# 
_exptl_crystal_grow.apparatus       ? 
_exptl_crystal_grow.atmosphere      ? 
_exptl_crystal_grow.crystal_id      1 
_exptl_crystal_grow.details         ? 
_exptl_crystal_grow.method          'VAPOR DIFFUSION, HANGING DROP' 
_exptl_crystal_grow.method_ref      ? 
_exptl_crystal_grow.pH              5.0 
_exptl_crystal_grow.pressure        ? 
_exptl_crystal_grow.pressure_esd    ? 
_exptl_crystal_grow.seeding         ? 
_exptl_crystal_grow.seeding_ref     ? 
_exptl_crystal_grow.temp_details    ? 
_exptl_crystal_grow.temp_esd        ? 
_exptl_crystal_grow.time            ? 
_exptl_crystal_grow.pdbx_details    '1.2 M ammonium sulfate, 0.1 M tri-Sodium citrate pH 5.0' 
_exptl_crystal_grow.pdbx_pH_range   ? 
_exptl_crystal_grow.temp            293 
# 
_diffrn.ambient_environment              ? 
_diffrn.ambient_temp                     100 
_diffrn.ambient_temp_details             ? 
_diffrn.ambient_temp_esd                 ? 
_diffrn.crystal_id                       1 
_diffrn.crystal_support                  ? 
_diffrn.crystal_treatment                ? 
_diffrn.details                          ? 
_diffrn.id                               1 
_diffrn.ambient_pressure                 ? 
_diffrn.ambient_pressure_esd             ? 
_diffrn.ambient_pressure_gt              ? 
_diffrn.ambient_pressure_lt              ? 
_diffrn.ambient_temp_gt                  ? 
_diffrn.ambient_temp_lt                  ? 
_diffrn.pdbx_serial_crystal_experiment   N 
# 
_diffrn_detector.details                      ? 
_diffrn_detector.detector                     PIXEL 
_diffrn_detector.diffrn_id                    1 
_diffrn_detector.type                         'DECTRIS EIGER X 9M' 
_diffrn_detector.area_resol_mean              ? 
_diffrn_detector.dtime                        ? 
_diffrn_detector.pdbx_frames_total            ? 
_diffrn_detector.pdbx_collection_time_total   ? 
_diffrn_detector.pdbx_collection_date         2023-11-11 
_diffrn_detector.pdbx_frequency               ? 
_diffrn_detector.id                           ? 
_diffrn_detector.number_of_axes               ? 
# 
_diffrn_radiation.collimation                      ? 
_diffrn_radiation.diffrn_id                        1 
_diffrn_radiation.filter_edge                      ? 
_diffrn_radiation.inhomogeneity                    ? 
_diffrn_radiation.monochromator                    M 
_diffrn_radiation.polarisn_norm                    ? 
_diffrn_radiation.polarisn_ratio                   ? 
_diffrn_radiation.probe                            ? 
_diffrn_radiation.type                             ? 
_diffrn_radiation.xray_symbol                      ? 
_diffrn_radiation.wavelength_id                    1 
_diffrn_radiation.pdbx_monochromatic_or_laue_m_l   M 
_diffrn_radiation.pdbx_wavelength_list             ? 
_diffrn_radiation.pdbx_wavelength                  ? 
_diffrn_radiation.pdbx_diffrn_protocol             'SINGLE WAVELENGTH' 
_diffrn_radiation.pdbx_analyzer                    ? 
_diffrn_radiation.pdbx_scattering_type             x-ray 
# 
_diffrn_radiation_wavelength.id           1 
_diffrn_radiation_wavelength.wavelength   0.98 
_diffrn_radiation_wavelength.wt           1.0 
# 
_diffrn_source.current                     ? 
_diffrn_source.details                     ? 
_diffrn_source.diffrn_id                   1 
_diffrn_source.power                       ? 
_diffrn_source.size                        ? 
_diffrn_source.source                      SYNCHROTRON 
_diffrn_source.target                      ? 
_diffrn_source.type                        'SOLEIL BEAMLINE PROXIMA 2' 
_diffrn_source.voltage                     ? 
_diffrn_source.take-off_angle              ? 
_diffrn_source.pdbx_wavelength_list        0.98 
_diffrn_source.pdbx_wavelength             ? 
_diffrn_source.pdbx_synchrotron_beamline   'PROXIMA 2' 
_diffrn_source.pdbx_synchrotron_site       SOLEIL 
# 
_reflns.B_iso_Wilson_estimate                          7.14 
_reflns.entry_id                                       9HRV 
_reflns.data_reduction_details                         ? 
_reflns.data_reduction_method                          ? 
_reflns.d_resolution_high                              1.04 
_reflns.d_resolution_low                               67.65 
_reflns.details                                        ? 
_reflns.limit_h_max                                    ? 
_reflns.limit_h_min                                    ? 
_reflns.limit_k_max                                    ? 
_reflns.limit_k_min                                    ? 
_reflns.limit_l_max                                    ? 
_reflns.limit_l_min                                    ? 
_reflns.number_all                                     ? 
_reflns.number_obs                                     32889 
_reflns.observed_criterion                             ? 
_reflns.observed_criterion_F_max                       ? 
_reflns.observed_criterion_F_min                       ? 
_reflns.observed_criterion_I_max                       ? 
_reflns.observed_criterion_I_min                       ? 
_reflns.observed_criterion_sigma_F                     ? 
_reflns.observed_criterion_sigma_I                     ? 
_reflns.percent_possible_obs                           81.2 
_reflns.R_free_details                                 ? 
_reflns.Rmerge_F_all                                   ? 
_reflns.Rmerge_F_obs                                   ? 
_reflns.Friedel_coverage                               ? 
_reflns.number_gt                                      ? 
_reflns.threshold_expression                           ? 
_reflns.pdbx_redundancy                                8.5 
_reflns.pdbx_netI_over_av_sigmaI                       ? 
_reflns.pdbx_netI_over_sigmaI                          12.7 
_reflns.pdbx_res_netI_over_av_sigmaI_2                 ? 
_reflns.pdbx_res_netI_over_sigmaI_2                    ? 
_reflns.pdbx_chi_squared                               ? 
_reflns.pdbx_scaling_rejects                           ? 
_reflns.pdbx_d_res_high_opt                            ? 
_reflns.pdbx_d_res_low_opt                             ? 
_reflns.pdbx_d_res_opt_method                          ? 
_reflns.phase_calculation_details                      ? 
_reflns.pdbx_Rrim_I_all                                0.104 
_reflns.pdbx_Rpim_I_all                                0.033 
_reflns.pdbx_d_opt                                     ? 
_reflns.pdbx_number_measured_all                       ? 
_reflns.pdbx_diffrn_id                                 1 
_reflns.pdbx_ordinal                                   1 
_reflns.pdbx_CC_half                                   0.993 
_reflns.pdbx_CC_star                                   ? 
_reflns.pdbx_R_split                                   ? 
_reflns.pdbx_Rmerge_I_obs                              0.099 
_reflns.pdbx_Rmerge_I_all                              ? 
_reflns.pdbx_Rsym_value                                ? 
_reflns.pdbx_CC_split_method                           ? 
_reflns.pdbx_aniso_diffraction_limit_axis_1_ortho[1]   ? 
_reflns.pdbx_aniso_diffraction_limit_axis_1_ortho[2]   ? 
_reflns.pdbx_aniso_diffraction_limit_axis_1_ortho[3]   ? 
_reflns.pdbx_aniso_diffraction_limit_axis_2_ortho[1]   ? 
_reflns.pdbx_aniso_diffraction_limit_axis_2_ortho[2]   ? 
_reflns.pdbx_aniso_diffraction_limit_axis_2_ortho[3]   ? 
_reflns.pdbx_aniso_diffraction_limit_axis_3_ortho[1]   ? 
_reflns.pdbx_aniso_diffraction_limit_axis_3_ortho[2]   ? 
_reflns.pdbx_aniso_diffraction_limit_axis_3_ortho[3]   ? 
_reflns.pdbx_aniso_diffraction_limit_1                 ? 
_reflns.pdbx_aniso_diffraction_limit_2                 ? 
_reflns.pdbx_aniso_diffraction_limit_3                 ? 
_reflns.pdbx_aniso_B_tensor_eigenvector_1_ortho[1]     ? 
_reflns.pdbx_aniso_B_tensor_eigenvector_1_ortho[2]     ? 
_reflns.pdbx_aniso_B_tensor_eigenvector_1_ortho[3]     ? 
_reflns.pdbx_aniso_B_tensor_eigenvector_2_ortho[1]     ? 
_reflns.pdbx_aniso_B_tensor_eigenvector_2_ortho[2]     ? 
_reflns.pdbx_aniso_B_tensor_eigenvector_2_ortho[3]     ? 
_reflns.pdbx_aniso_B_tensor_eigenvector_3_ortho[1]     ? 
_reflns.pdbx_aniso_B_tensor_eigenvector_3_ortho[2]     ? 
_reflns.pdbx_aniso_B_tensor_eigenvector_3_ortho[3]     ? 
_reflns.pdbx_aniso_B_tensor_eigenvalue_1               ? 
_reflns.pdbx_aniso_B_tensor_eigenvalue_2               ? 
_reflns.pdbx_aniso_B_tensor_eigenvalue_3               ? 
_reflns.pdbx_orthogonalization_convention              ? 
_reflns.pdbx_percent_possible_ellipsoidal              ? 
_reflns.pdbx_percent_possible_spherical                ? 
_reflns.pdbx_percent_possible_ellipsoidal_anomalous    ? 
_reflns.pdbx_percent_possible_spherical_anomalous      ? 
_reflns.pdbx_redundancy_anomalous                      ? 
_reflns.pdbx_CC_half_anomalous                         ? 
_reflns.pdbx_absDiff_over_sigma_anomalous              ? 
_reflns.pdbx_percent_possible_anomalous                ? 
_reflns.pdbx_observed_signal_threshold                 ? 
_reflns.pdbx_signal_type                               ? 
_reflns.pdbx_signal_details                            ? 
_reflns.pdbx_signal_software_id                        ? 
# 
_reflns_shell.d_res_high                                    1.04 
_reflns_shell.d_res_low                                     1.06 
_reflns_shell.meanI_over_sigI_all                           ? 
_reflns_shell.meanI_over_sigI_obs                           2.1 
_reflns_shell.number_measured_all                           ? 
_reflns_shell.number_measured_obs                           ? 
_reflns_shell.number_possible                               ? 
_reflns_shell.number_unique_all                             ? 
_reflns_shell.number_unique_obs                             166 
_reflns_shell.percent_possible_obs                          ? 
_reflns_shell.Rmerge_F_all                                  ? 
_reflns_shell.Rmerge_F_obs                                  ? 
_reflns_shell.meanI_over_sigI_gt                            ? 
_reflns_shell.meanI_over_uI_all                             ? 
_reflns_shell.meanI_over_uI_gt                              ? 
_reflns_shell.number_measured_gt                            ? 
_reflns_shell.number_unique_gt                              ? 
_reflns_shell.percent_possible_gt                           ? 
_reflns_shell.Rmerge_F_gt                                   ? 
_reflns_shell.Rmerge_I_gt                                   ? 
_reflns_shell.pdbx_redundancy                               1.0 
_reflns_shell.pdbx_chi_squared                              ? 
_reflns_shell.pdbx_netI_over_sigmaI_all                     ? 
_reflns_shell.pdbx_netI_over_sigmaI_obs                     ? 
_reflns_shell.pdbx_Rrim_I_all                               0.204 
_reflns_shell.pdbx_Rpim_I_all                               0.144 
_reflns_shell.pdbx_rejects                                  ? 
_reflns_shell.pdbx_ordinal                                  1 
_reflns_shell.pdbx_diffrn_id                                1 
_reflns_shell.pdbx_CC_half                                  0.943 
_reflns_shell.pdbx_CC_star                                  ? 
_reflns_shell.pdbx_R_split                                  ? 
_reflns_shell.percent_possible_all                          8.3 
_reflns_shell.Rmerge_I_all                                  ? 
_reflns_shell.Rmerge_I_obs                                  0.144 
_reflns_shell.pdbx_Rsym_value                               ? 
_reflns_shell.pdbx_percent_possible_ellipsoidal             ? 
_reflns_shell.pdbx_percent_possible_spherical               ? 
_reflns_shell.pdbx_percent_possible_ellipsoidal_anomalous   ? 
_reflns_shell.pdbx_percent_possible_spherical_anomalous     ? 
_reflns_shell.pdbx_redundancy_anomalous                     ? 
_reflns_shell.pdbx_CC_half_anomalous                        ? 
_reflns_shell.pdbx_absDiff_over_sigma_anomalous             ? 
_reflns_shell.pdbx_percent_possible_anomalous               ? 
# 
_refine.aniso_B[1][1]                            ? 
_refine.aniso_B[1][2]                            ? 
_refine.aniso_B[1][3]                            ? 
_refine.aniso_B[2][2]                            ? 
_refine.aniso_B[2][3]                            ? 
_refine.aniso_B[3][3]                            ? 
_refine.B_iso_max                                ? 
_refine.B_iso_mean                               9.73 
_refine.B_iso_min                                ? 
_refine.correlation_coeff_Fo_to_Fc               ? 
_refine.correlation_coeff_Fo_to_Fc_free          ? 
_refine.details                                  ? 
_refine.diff_density_max                         ? 
_refine.diff_density_max_esd                     ? 
_refine.diff_density_min                         ? 
_refine.diff_density_min_esd                     ? 
_refine.diff_density_rms                         ? 
_refine.diff_density_rms_esd                     ? 
_refine.entry_id                                 9HRV 
_refine.pdbx_refine_id                           'X-RAY DIFFRACTION' 
_refine.ls_abs_structure_details                 ? 
_refine.ls_abs_structure_Flack                   ? 
_refine.ls_abs_structure_Flack_esd               ? 
_refine.ls_abs_structure_Rogers                  ? 
_refine.ls_abs_structure_Rogers_esd              ? 
_refine.ls_d_res_high                            1.04 
_refine.ls_d_res_low                             37.65 
_refine.ls_extinction_coef                       ? 
_refine.ls_extinction_coef_esd                   ? 
_refine.ls_extinction_expression                 ? 
_refine.ls_extinction_method                     ? 
_refine.ls_goodness_of_fit_all                   ? 
_refine.ls_goodness_of_fit_all_esd               ? 
_refine.ls_goodness_of_fit_obs                   ? 
_refine.ls_goodness_of_fit_obs_esd               ? 
_refine.ls_hydrogen_treatment                    ? 
_refine.ls_matrix_type                           ? 
_refine.ls_number_constraints                    ? 
_refine.ls_number_parameters                     ? 
_refine.ls_number_reflns_all                     ? 
_refine.ls_number_reflns_obs                     32863 
_refine.ls_number_reflns_R_free                  1626 
_refine.ls_number_reflns_R_work                  31237 
_refine.ls_number_restraints                     ? 
_refine.ls_percent_reflns_obs                    81.09 
_refine.ls_percent_reflns_R_free                 4.95 
_refine.ls_R_factor_all                          ? 
_refine.ls_R_factor_obs                          0.1687 
_refine.ls_R_factor_R_free                       0.1739 
_refine.ls_R_factor_R_free_error                 ? 
_refine.ls_R_factor_R_free_error_details         ? 
_refine.ls_R_factor_R_work                       0.1684 
_refine.ls_R_Fsqd_factor_obs                     ? 
_refine.ls_R_I_factor_obs                        ? 
_refine.ls_redundancy_reflns_all                 ? 
_refine.ls_redundancy_reflns_obs                 ? 
_refine.ls_restrained_S_all                      ? 
_refine.ls_restrained_S_obs                      ? 
_refine.ls_shift_over_esd_max                    ? 
_refine.ls_shift_over_esd_mean                   ? 
_refine.ls_structure_factor_coef                 ? 
_refine.ls_weighting_details                     ? 
_refine.ls_weighting_scheme                      ? 
_refine.ls_wR_factor_all                         ? 
_refine.ls_wR_factor_obs                         ? 
_refine.ls_wR_factor_R_free                      ? 
_refine.ls_wR_factor_R_work                      ? 
_refine.occupancy_max                            ? 
_refine.occupancy_min                            ? 
_refine.solvent_model_details                    'FLAT BULK SOLVENT MODEL' 
_refine.solvent_model_param_bsol                 ? 
_refine.solvent_model_param_ksol                 ? 
_refine.pdbx_R_complete                          ? 
_refine.ls_R_factor_gt                           ? 
_refine.ls_goodness_of_fit_gt                    ? 
_refine.ls_goodness_of_fit_ref                   ? 
_refine.ls_shift_over_su_max                     ? 
_refine.ls_shift_over_su_max_lt                  ? 
_refine.ls_shift_over_su_mean                    ? 
_refine.ls_shift_over_su_mean_lt                 ? 
_refine.pdbx_ls_sigma_I                          ? 
_refine.pdbx_ls_sigma_F                          2.08 
_refine.pdbx_ls_sigma_Fsqd                       ? 
_refine.pdbx_data_cutoff_high_absF               ? 
_refine.pdbx_data_cutoff_high_rms_absF           ? 
_refine.pdbx_data_cutoff_low_absF                ? 
_refine.pdbx_isotropic_thermal_model             ? 
_refine.pdbx_ls_cross_valid_method               'FREE R-VALUE' 
_refine.pdbx_method_to_determine_struct          'MOLECULAR REPLACEMENT' 
_refine.pdbx_starting_model                      ? 
_refine.pdbx_stereochemistry_target_values       'GeoStd + Monomer Library + CDL v1.2' 
_refine.pdbx_R_Free_selection_details            ? 
_refine.pdbx_stereochem_target_val_spec_case     ? 
_refine.pdbx_overall_ESU_R                       ? 
_refine.pdbx_overall_ESU_R_Free                  ? 
_refine.pdbx_solvent_vdw_probe_radii             1.1000 
_refine.pdbx_solvent_ion_probe_radii             ? 
_refine.pdbx_solvent_shrinkage_radii             0.9000 
_refine.pdbx_real_space_R                        ? 
_refine.pdbx_density_correlation                 ? 
_refine.pdbx_pd_number_of_powder_patterns        ? 
_refine.pdbx_pd_number_of_points                 ? 
_refine.pdbx_pd_meas_number_of_points            ? 
_refine.pdbx_pd_proc_ls_prof_R_factor            ? 
_refine.pdbx_pd_proc_ls_prof_wR_factor           ? 
_refine.pdbx_pd_Marquardt_correlation_coeff      ? 
_refine.pdbx_pd_Fsqrd_R_factor                   ? 
_refine.pdbx_pd_ls_matrix_band_width             ? 
_refine.pdbx_overall_phase_error                 22.2490 
_refine.pdbx_overall_SU_R_free_Cruickshank_DPI   ? 
_refine.pdbx_overall_SU_R_free_Blow_DPI          ? 
_refine.pdbx_overall_SU_R_Blow_DPI               ? 
_refine.pdbx_TLS_residual_ADP_flag               ? 
_refine.pdbx_diffrn_id                           1 
_refine.overall_SU_B                             ? 
_refine.overall_SU_ML                            0.0935 
_refine.overall_SU_R_Cruickshank_DPI             ? 
_refine.overall_SU_R_free                        ? 
_refine.overall_FOM_free_R_set                   ? 
_refine.overall_FOM_work_R_set                   ? 
_refine.pdbx_average_fsc_overall                 ? 
_refine.pdbx_average_fsc_work                    ? 
_refine.pdbx_average_fsc_free                    ? 
# 
_refine_hist.pdbx_refine_id                   'X-RAY DIFFRACTION' 
_refine_hist.cycle_id                         LAST 
_refine_hist.details                          ? 
_refine_hist.d_res_high                       1.04 
_refine_hist.d_res_low                        37.65 
_refine_hist.number_atoms_solvent             171 
_refine_hist.number_atoms_total               967 
_refine_hist.number_reflns_all                ? 
_refine_hist.number_reflns_obs                ? 
_refine_hist.number_reflns_R_free             ? 
_refine_hist.number_reflns_R_work             ? 
_refine_hist.R_factor_all                     ? 
_refine_hist.R_factor_obs                     ? 
_refine_hist.R_factor_R_free                  ? 
_refine_hist.R_factor_R_work                  ? 
_refine_hist.pdbx_number_residues_total       ? 
_refine_hist.pdbx_B_iso_mean_ligand           ? 
_refine_hist.pdbx_B_iso_mean_solvent          ? 
_refine_hist.pdbx_number_atoms_protein        688 
_refine_hist.pdbx_number_atoms_nucleic_acid   0 
_refine_hist.pdbx_number_atoms_ligand         108 
_refine_hist.pdbx_number_atoms_lipid          ? 
_refine_hist.pdbx_number_atoms_carb           ? 
_refine_hist.pdbx_pseudo_atom_details         ? 
# 
loop_
_refine_ls_restr.pdbx_refine_id 
_refine_ls_restr.criterion 
_refine_ls_restr.dev_ideal 
_refine_ls_restr.dev_ideal_target 
_refine_ls_restr.number 
_refine_ls_restr.rejects 
_refine_ls_restr.type 
_refine_ls_restr.weight 
_refine_ls_restr.pdbx_restraint_function 
'X-RAY DIFFRACTION' ? 0.0039  ? 829  ? f_bond_d           ? ? 
'X-RAY DIFFRACTION' ? 1.1712  ? 1173 ? f_angle_d          ? ? 
'X-RAY DIFFRACTION' ? 0.0767  ? 114  ? f_chiral_restr     ? ? 
'X-RAY DIFFRACTION' ? 0.0060  ? 193  ? f_plane_restr      ? ? 
'X-RAY DIFFRACTION' ? 10.4762 ? 311  ? f_dihedral_angle_d ? ? 
# 
loop_
_refine_ls_shell.pdbx_refine_id 
_refine_ls_shell.d_res_high 
_refine_ls_shell.d_res_low 
_refine_ls_shell.number_reflns_all 
_refine_ls_shell.number_reflns_obs 
_refine_ls_shell.number_reflns_R_free 
_refine_ls_shell.number_reflns_R_work 
_refine_ls_shell.percent_reflns_obs 
_refine_ls_shell.percent_reflns_R_free 
_refine_ls_shell.R_factor_all 
_refine_ls_shell.R_factor_obs 
_refine_ls_shell.R_factor_R_free_error 
_refine_ls_shell.R_factor_R_work 
_refine_ls_shell.redundancy_reflns_all 
_refine_ls_shell.redundancy_reflns_obs 
_refine_ls_shell.wR_factor_all 
_refine_ls_shell.wR_factor_obs 
_refine_ls_shell.wR_factor_R_free 
_refine_ls_shell.wR_factor_R_work 
_refine_ls_shell.pdbx_R_complete 
_refine_ls_shell.pdbx_total_number_of_bins_used 
_refine_ls_shell.pdbx_phase_error 
_refine_ls_shell.pdbx_fsc_work 
_refine_ls_shell.pdbx_fsc_free 
_refine_ls_shell.R_factor_R_free 
'X-RAY DIFFRACTION' 1.04 1.07  . . 27  411  13.10 . . . . 0.2515 . . . . . . . . . . . 0.3050 
'X-RAY DIFFRACTION' 1.07 1.10  . . 48  1166 35.95 . . . . 0.1914 . . . . . . . . . . . 0.2452 
'X-RAY DIFFRACTION' 1.10 1.14  . . 126 1736 54.96 . . . . 0.1637 . . . . . . . . . . . 0.2045 
'X-RAY DIFFRACTION' 1.14 1.19  . . 94  2404 74.35 . . . . 0.1595 . . . . . . . . . . . 0.1485 
'X-RAY DIFFRACTION' 1.19 1.24  . . 155 3055 95.00 . . . . 0.1647 . . . . . . . . . . . 0.1718 
'X-RAY DIFFRACTION' 1.24 1.31  . . 147 3231 99.97 . . . . 0.1658 . . . . . . . . . . . 0.1771 
'X-RAY DIFFRACTION' 1.31 1.39  . . 190 3205 99.94 . . . . 0.1674 . . . . . . . . . . . 0.1852 
'X-RAY DIFFRACTION' 1.39 1.50  . . 163 3195 99.85 . . . . 0.1616 . . . . . . . . . . . 0.1690 
'X-RAY DIFFRACTION' 1.50 1.65  . . 156 3211 99.88 . . . . 0.1676 . . . . . . . . . . . 0.1706 
'X-RAY DIFFRACTION' 1.65 1.88  . . 176 3223 99.91 . . . . 0.1734 . . . . . . . . . . . 0.1816 
'X-RAY DIFFRACTION' 1.89 2.37  . . 187 3172 99.79 . . . . 0.1694 . . . . . . . . . . . 0.1850 
'X-RAY DIFFRACTION' 2.37 37.65 . . 157 3228 99.88 . . . . 0.1684 . . . . . . . . . . . 0.1556 
# 
_struct.entry_id                     9HRV 
_struct.title                        'The RSL - pctx complex, H3 form' 
_struct.pdbx_model_details           ? 
_struct.pdbx_formula_weight          ? 
_struct.pdbx_formula_weight_method   ? 
_struct.pdbx_model_type_details      ? 
_struct.pdbx_CASP_flag               N 
# 
_struct_keywords.entry_id        9HRV 
_struct_keywords.text            'Complex, SUGAR BINDING PROTEIN' 
_struct_keywords.pdbx_keywords   'SUGAR BINDING PROTEIN' 
# 
loop_
_struct_asym.id 
_struct_asym.pdbx_blank_PDB_chainid_flag 
_struct_asym.pdbx_modified 
_struct_asym.entity_id 
_struct_asym.details 
A N N 1 ? 
B N N 2 ? 
C N N 2 ? 
D N N 3 ? 
E N N 3 ? 
F N N 4 ? 
# 
_struct_ref.id                         1 
_struct_ref.db_name                    UNP 
_struct_ref.db_code                    A0A0S4TLR1_RALSL 
_struct_ref.pdbx_db_accession          A0A0S4TLR1 
_struct_ref.pdbx_db_isoform            ? 
_struct_ref.entity_id                  1 
_struct_ref.pdbx_seq_one_letter_code   
;SSVQTAATSWGTVPSIRVYTANNGKITERCWDGKGWYTGAFNEPGDNVSVTSWLVGSAIHIRVYASTGTTTTEWCWDGNG
WTKGAYTATN
;
_struct_ref.pdbx_align_begin           2 
# 
_struct_ref_seq.align_id                      1 
_struct_ref_seq.ref_id                        1 
_struct_ref_seq.pdbx_PDB_id_code              9HRV 
_struct_ref_seq.pdbx_strand_id                A 
_struct_ref_seq.seq_align_beg                 1 
_struct_ref_seq.pdbx_seq_align_beg_ins_code   ? 
_struct_ref_seq.seq_align_end                 90 
_struct_ref_seq.pdbx_seq_align_end_ins_code   ? 
_struct_ref_seq.pdbx_db_accession             A0A0S4TLR1 
_struct_ref_seq.db_align_beg                  2 
_struct_ref_seq.pdbx_db_align_beg_ins_code    ? 
_struct_ref_seq.db_align_end                  91 
_struct_ref_seq.pdbx_db_align_end_ins_code    ? 
_struct_ref_seq.pdbx_auth_seq_align_beg       1 
_struct_ref_seq.pdbx_auth_seq_align_end       90 
# 
_pdbx_struct_assembly.id                   1 
_pdbx_struct_assembly.details              author_defined_assembly 
_pdbx_struct_assembly.method_details       ? 
_pdbx_struct_assembly.oligomeric_details   monomeric 
_pdbx_struct_assembly.oligomeric_count     1 
# 
_pdbx_struct_assembly_gen.assembly_id       1 
_pdbx_struct_assembly_gen.oper_expression   1 
_pdbx_struct_assembly_gen.asym_id_list      A,B,C,D,E,F 
# 
_pdbx_struct_assembly_auth_evidence.id                     1 
_pdbx_struct_assembly_auth_evidence.assembly_id            1 
_pdbx_struct_assembly_auth_evidence.experimental_support   none 
_pdbx_struct_assembly_auth_evidence.details                ? 
# 
_pdbx_struct_oper_list.id                   1 
_pdbx_struct_oper_list.type                 'identity operation' 
_pdbx_struct_oper_list.name                 1_555 
_pdbx_struct_oper_list.symmetry_operation   x,y,z 
_pdbx_struct_oper_list.matrix[1][1]         1.0000000000 
_pdbx_struct_oper_list.matrix[1][2]         0.0000000000 
_pdbx_struct_oper_list.matrix[1][3]         0.0000000000 
_pdbx_struct_oper_list.vector[1]            0.0000000000 
_pdbx_struct_oper_list.matrix[2][1]         0.0000000000 
_pdbx_struct_oper_list.matrix[2][2]         1.0000000000 
_pdbx_struct_oper_list.matrix[2][3]         0.0000000000 
_pdbx_struct_oper_list.vector[2]            0.0000000000 
_pdbx_struct_oper_list.matrix[3][1]         0.0000000000 
_pdbx_struct_oper_list.matrix[3][2]         0.0000000000 
_pdbx_struct_oper_list.matrix[3][3]         1.0000000000 
_pdbx_struct_oper_list.vector[3]            0.0000000000 
# 
_struct_mon_prot_cis.pdbx_id                1 
_struct_mon_prot_cis.label_comp_id          VAL 
_struct_mon_prot_cis.label_seq_id           13 
_struct_mon_prot_cis.label_asym_id          A 
_struct_mon_prot_cis.label_alt_id           . 
_struct_mon_prot_cis.pdbx_PDB_ins_code      ? 
_struct_mon_prot_cis.auth_comp_id           VAL 
_struct_mon_prot_cis.auth_seq_id            13 
_struct_mon_prot_cis.auth_asym_id           A 
_struct_mon_prot_cis.pdbx_label_comp_id_2   PRO 
_struct_mon_prot_cis.pdbx_label_seq_id_2    14 
_struct_mon_prot_cis.pdbx_label_asym_id_2   A 
_struct_mon_prot_cis.pdbx_PDB_ins_code_2    ? 
_struct_mon_prot_cis.pdbx_auth_comp_id_2    PRO 
_struct_mon_prot_cis.pdbx_auth_seq_id_2     14 
_struct_mon_prot_cis.pdbx_auth_asym_id_2    A 
_struct_mon_prot_cis.pdbx_PDB_model_num     1 
_struct_mon_prot_cis.pdbx_omega_angle       -3.84 
# 
loop_
_struct_sheet.id 
_struct_sheet.type 
_struct_sheet.number_strands 
_struct_sheet.details 
AA1 ? 4 ? 
AA2 ? 4 ? 
# 
loop_
_struct_sheet_order.sheet_id 
_struct_sheet_order.range_id_1 
_struct_sheet_order.range_id_2 
_struct_sheet_order.offset 
_struct_sheet_order.sense 
AA1 1 2 ? anti-parallel 
AA1 2 3 ? anti-parallel 
AA1 3 4 ? anti-parallel 
AA2 1 2 ? anti-parallel 
AA2 2 3 ? anti-parallel 
AA2 3 4 ? anti-parallel 
# 
loop_
_struct_sheet_range.sheet_id 
_struct_sheet_range.id 
_struct_sheet_range.beg_label_comp_id 
_struct_sheet_range.beg_label_asym_id 
_struct_sheet_range.beg_label_seq_id 
_struct_sheet_range.pdbx_beg_PDB_ins_code 
_struct_sheet_range.end_label_comp_id 
_struct_sheet_range.end_label_asym_id 
_struct_sheet_range.end_label_seq_id 
_struct_sheet_range.pdbx_end_PDB_ins_code 
_struct_sheet_range.beg_auth_comp_id 
_struct_sheet_range.beg_auth_asym_id 
_struct_sheet_range.beg_auth_seq_id 
_struct_sheet_range.end_auth_comp_id 
_struct_sheet_range.end_auth_asym_id 
_struct_sheet_range.end_auth_seq_id 
AA1 1 GLN A 4  ? TRP A 10 ? GLN A 4  TRP A 10 
AA1 2 SER A 15 ? ASN A 22 ? SER A 15 ASN A 22 
AA1 3 LYS A 25 ? TRP A 31 ? LYS A 25 TRP A 31 
AA1 4 TRP A 36 ? PRO A 44 ? TRP A 36 PRO A 44 
AA2 1 ASN A 47 ? VAL A 55 ? ASN A 47 VAL A 55 
AA2 2 ALA A 58 ? THR A 67 ? ALA A 58 THR A 67 
AA2 3 THR A 70 ? TRP A 76 ? THR A 70 TRP A 76 
AA2 4 TRP A 81 ? LYS A 83 ? TRP A 81 LYS A 83 
# 
loop_
_pdbx_struct_sheet_hbond.sheet_id 
_pdbx_struct_sheet_hbond.range_id_1 
_pdbx_struct_sheet_hbond.range_id_2 
_pdbx_struct_sheet_hbond.range_1_label_atom_id 
_pdbx_struct_sheet_hbond.range_1_label_comp_id 
_pdbx_struct_sheet_hbond.range_1_label_asym_id 
_pdbx_struct_sheet_hbond.range_1_label_seq_id 
_pdbx_struct_sheet_hbond.range_1_PDB_ins_code 
_pdbx_struct_sheet_hbond.range_1_auth_atom_id 
_pdbx_struct_sheet_hbond.range_1_auth_comp_id 
_pdbx_struct_sheet_hbond.range_1_auth_asym_id 
_pdbx_struct_sheet_hbond.range_1_auth_seq_id 
_pdbx_struct_sheet_hbond.range_2_label_atom_id 
_pdbx_struct_sheet_hbond.range_2_label_comp_id 
_pdbx_struct_sheet_hbond.range_2_label_asym_id 
_pdbx_struct_sheet_hbond.range_2_label_seq_id 
_pdbx_struct_sheet_hbond.range_2_PDB_ins_code 
_pdbx_struct_sheet_hbond.range_2_auth_atom_id 
_pdbx_struct_sheet_hbond.range_2_auth_comp_id 
_pdbx_struct_sheet_hbond.range_2_auth_asym_id 
_pdbx_struct_sheet_hbond.range_2_auth_seq_id 
AA1 1 2 N GLN A 4  ? N GLN A 4  O ALA A 21 ? O ALA A 21 
AA1 2 3 N ASN A 22 ? N ASN A 22 O LYS A 25 ? O LYS A 25 
AA1 3 4 N CYS A 30 ? N CYS A 30 O TYR A 37 ? O TYR A 37 
AA2 1 2 N THR A 51 ? N THR A 51 O ARG A 62 ? O ARG A 62 
AA2 2 3 N ALA A 65 ? N ALA A 65 O THR A 72 ? O THR A 72 
AA2 3 4 N CYS A 75 ? N CYS A 75 O THR A 82 ? O THR A 82 
# 
_pdbx_entry_details.entry_id                   9HRV 
_pdbx_entry_details.nonpolymer_details         ? 
_pdbx_entry_details.sequence_details           ? 
_pdbx_entry_details.compound_details           ? 
_pdbx_entry_details.source_details             ? 
_pdbx_entry_details.has_ligand_of_interest     Y 
_pdbx_entry_details.has_protein_modification   N 
# 
loop_
_pdbx_struct_special_symmetry.id 
_pdbx_struct_special_symmetry.PDB_model_num 
_pdbx_struct_special_symmetry.auth_asym_id 
_pdbx_struct_special_symmetry.auth_comp_id 
_pdbx_struct_special_symmetry.auth_seq_id 
_pdbx_struct_special_symmetry.PDB_ins_code 
_pdbx_struct_special_symmetry.label_asym_id 
_pdbx_struct_special_symmetry.label_comp_id 
_pdbx_struct_special_symmetry.label_seq_id 
1 1 A HOH 265 ? F HOH . 
2 1 A HOH 368 ? F HOH . 
# 
loop_
_space_group_symop.id 
_space_group_symop.operation_xyz 
1 x,y,z                 
2 -y,x-y,z              
3 -x+y,-x,z             
4 x+1/3,y+2/3,z+2/3     
5 -y+1/3,x-y+2/3,z+2/3  
6 -x+y+1/3,-x+2/3,z+2/3 
7 x+2/3,y+1/3,z+1/3     
8 -y+2/3,x-y+1/3,z+1/3  
9 -x+y+2/3,-x+1/3,z+1/3 
# 
loop_
_chem_comp_atom.comp_id 
_chem_comp_atom.atom_id 
_chem_comp_atom.type_symbol 
_chem_comp_atom.pdbx_aromatic_flag 
_chem_comp_atom.pdbx_stereo_config 
_chem_comp_atom.pdbx_ordinal 
A1IXG P    P N N 1   
A1IXG C1   C Y N 2   
A1IXG O1   O N N 3   
A1IXG C    C Y N 4   
A1IXG O    O N N 5   
A1IXG C10  C Y N 6   
A1IXG C11  C Y N 7   
A1IXG C12  C N N 8   
A1IXG C13  C Y N 9   
A1IXG C14  C Y N 10  
A1IXG C15  C Y N 11  
A1IXG C16  C N N 12  
A1IXG C17  C Y N 13  
A1IXG C18  C N N 14  
A1IXG C19  C Y N 15  
A1IXG C2   C N N 16  
A1IXG C20  C Y N 17  
A1IXG C21  C N N 18  
A1IXG C22  C Y N 19  
A1IXG C23  C Y N 20  
A1IXG C24  C N N 21  
A1IXG C25  C Y N 22  
A1IXG C26  C N N 23  
A1IXG C3   C Y N 24  
A1IXG C4   C Y N 25  
A1IXG C5   C Y N 26  
A1IXG C6   C Y N 27  
A1IXG C7   C N N 28  
A1IXG C8   C Y N 29  
A1IXG C9   C N N 30  
A1IXG O10  O N N 31  
A1IXG O11  O N N 32  
A1IXG O2   O N N 33  
A1IXG O3   O N N 34  
A1IXG O4   O N N 35  
A1IXG O5   O N N 36  
A1IXG O6   O N N 37  
A1IXG O7   O N N 38  
A1IXG O8   O N N 39  
A1IXG O9   O N N 40  
A1IXG P1   P N N 41  
A1IXG P2   P N N 42  
A1IXG H9   H N N 43  
A1IXG H8   H N N 44  
A1IXG H11  H N N 45  
A1IXG H12  H N N 46  
A1IXG H10  H N N 47  
A1IXG H14  H N N 48  
A1IXG H15  H N N 49  
A1IXG H13  H N N 50  
A1IXG H1   H N N 51  
A1IXG H    H N N 52  
A1IXG H17  H N N 53  
A1IXG H16  H N N 54  
A1IXG H20  H N N 55  
A1IXG H19  H N N 56  
A1IXG H18  H N N 57  
A1IXG H23  H N N 58  
A1IXG H22  H N N 59  
A1IXG H21  H N N 60  
A1IXG H4   H N N 61  
A1IXG H2   H N N 62  
A1IXG H3   H N N 63  
A1IXG H7   H N N 64  
A1IXG H5   H N N 65  
A1IXG H6   H N N 66  
A1IXG H24  H N N 67  
A1IXG H25  H N N 68  
A1IXG H26  H N N 69  
ALA   N    N N N 70  
ALA   CA   C N S 71  
ALA   C    C N N 72  
ALA   O    O N N 73  
ALA   CB   C N N 74  
ALA   OXT  O N N 75  
ALA   H    H N N 76  
ALA   H2   H N N 77  
ALA   HA   H N N 78  
ALA   HB1  H N N 79  
ALA   HB2  H N N 80  
ALA   HB3  H N N 81  
ALA   HXT  H N N 82  
ARG   N    N N N 83  
ARG   CA   C N S 84  
ARG   C    C N N 85  
ARG   O    O N N 86  
ARG   CB   C N N 87  
ARG   CG   C N N 88  
ARG   CD   C N N 89  
ARG   NE   N N N 90  
ARG   CZ   C N N 91  
ARG   NH1  N N N 92  
ARG   NH2  N N N 93  
ARG   OXT  O N N 94  
ARG   H    H N N 95  
ARG   H2   H N N 96  
ARG   HA   H N N 97  
ARG   HB2  H N N 98  
ARG   HB3  H N N 99  
ARG   HG2  H N N 100 
ARG   HG3  H N N 101 
ARG   HD2  H N N 102 
ARG   HD3  H N N 103 
ARG   HE   H N N 104 
ARG   HH11 H N N 105 
ARG   HH12 H N N 106 
ARG   HH21 H N N 107 
ARG   HH22 H N N 108 
ARG   HXT  H N N 109 
ASN   N    N N N 110 
ASN   CA   C N S 111 
ASN   C    C N N 112 
ASN   O    O N N 113 
ASN   CB   C N N 114 
ASN   CG   C N N 115 
ASN   OD1  O N N 116 
ASN   ND2  N N N 117 
ASN   OXT  O N N 118 
ASN   H    H N N 119 
ASN   H2   H N N 120 
ASN   HA   H N N 121 
ASN   HB2  H N N 122 
ASN   HB3  H N N 123 
ASN   HD21 H N N 124 
ASN   HD22 H N N 125 
ASN   HXT  H N N 126 
ASP   N    N N N 127 
ASP   CA   C N S 128 
ASP   C    C N N 129 
ASP   O    O N N 130 
ASP   CB   C N N 131 
ASP   CG   C N N 132 
ASP   OD1  O N N 133 
ASP   OD2  O N N 134 
ASP   OXT  O N N 135 
ASP   H    H N N 136 
ASP   H2   H N N 137 
ASP   HA   H N N 138 
ASP   HB2  H N N 139 
ASP   HB3  H N N 140 
ASP   HD2  H N N 141 
ASP   HXT  H N N 142 
BDF   C1   C N N 143 
BDF   C2   C N R 144 
BDF   C3   C N S 145 
BDF   C4   C N R 146 
BDF   C5   C N R 147 
BDF   C6   C N N 148 
BDF   O1   O N N 149 
BDF   O2   O N N 150 
BDF   O3   O N N 151 
BDF   O4   O N N 152 
BDF   O5   O N N 153 
BDF   O6   O N N 154 
BDF   H11  H N N 155 
BDF   H12  H N N 156 
BDF   H3   H N N 157 
BDF   H4   H N N 158 
BDF   H5   H N N 159 
BDF   H61  H N N 160 
BDF   H62  H N N 161 
BDF   HO1  H N N 162 
BDF   HO2  H N N 163 
BDF   HO3  H N N 164 
BDF   HO4  H N N 165 
BDF   HO5  H N N 166 
CYS   N    N N N 167 
CYS   CA   C N R 168 
CYS   C    C N N 169 
CYS   O    O N N 170 
CYS   CB   C N N 171 
CYS   SG   S N N 172 
CYS   OXT  O N N 173 
CYS   H    H N N 174 
CYS   H2   H N N 175 
CYS   HA   H N N 176 
CYS   HB2  H N N 177 
CYS   HB3  H N N 178 
CYS   HG   H N N 179 
CYS   HXT  H N N 180 
GLN   N    N N N 181 
GLN   CA   C N S 182 
GLN   C    C N N 183 
GLN   O    O N N 184 
GLN   CB   C N N 185 
GLN   CG   C N N 186 
GLN   CD   C N N 187 
GLN   OE1  O N N 188 
GLN   NE2  N N N 189 
GLN   OXT  O N N 190 
GLN   H    H N N 191 
GLN   H2   H N N 192 
GLN   HA   H N N 193 
GLN   HB2  H N N 194 
GLN   HB3  H N N 195 
GLN   HG2  H N N 196 
GLN   HG3  H N N 197 
GLN   HE21 H N N 198 
GLN   HE22 H N N 199 
GLN   HXT  H N N 200 
GLU   N    N N N 201 
GLU   CA   C N S 202 
GLU   C    C N N 203 
GLU   O    O N N 204 
GLU   CB   C N N 205 
GLU   CG   C N N 206 
GLU   CD   C N N 207 
GLU   OE1  O N N 208 
GLU   OE2  O N N 209 
GLU   OXT  O N N 210 
GLU   H    H N N 211 
GLU   H2   H N N 212 
GLU   HA   H N N 213 
GLU   HB2  H N N 214 
GLU   HB3  H N N 215 
GLU   HG2  H N N 216 
GLU   HG3  H N N 217 
GLU   HE2  H N N 218 
GLU   HXT  H N N 219 
GLY   N    N N N 220 
GLY   CA   C N N 221 
GLY   C    C N N 222 
GLY   O    O N N 223 
GLY   OXT  O N N 224 
GLY   H    H N N 225 
GLY   H2   H N N 226 
GLY   HA2  H N N 227 
GLY   HA3  H N N 228 
GLY   HXT  H N N 229 
HIS   N    N N N 230 
HIS   CA   C N S 231 
HIS   C    C N N 232 
HIS   O    O N N 233 
HIS   CB   C N N 234 
HIS   CG   C Y N 235 
HIS   ND1  N Y N 236 
HIS   CD2  C Y N 237 
HIS   CE1  C Y N 238 
HIS   NE2  N Y N 239 
HIS   OXT  O N N 240 
HIS   H    H N N 241 
HIS   H2   H N N 242 
HIS   HA   H N N 243 
HIS   HB2  H N N 244 
HIS   HB3  H N N 245 
HIS   HD1  H N N 246 
HIS   HD2  H N N 247 
HIS   HE1  H N N 248 
HIS   HE2  H N N 249 
HIS   HXT  H N N 250 
HOH   O    O N N 251 
HOH   H1   H N N 252 
HOH   H2   H N N 253 
ILE   N    N N N 254 
ILE   CA   C N S 255 
ILE   C    C N N 256 
ILE   O    O N N 257 
ILE   CB   C N S 258 
ILE   CG1  C N N 259 
ILE   CG2  C N N 260 
ILE   CD1  C N N 261 
ILE   OXT  O N N 262 
ILE   H    H N N 263 
ILE   H2   H N N 264 
ILE   HA   H N N 265 
ILE   HB   H N N 266 
ILE   HG12 H N N 267 
ILE   HG13 H N N 268 
ILE   HG21 H N N 269 
ILE   HG22 H N N 270 
ILE   HG23 H N N 271 
ILE   HD11 H N N 272 
ILE   HD12 H N N 273 
ILE   HD13 H N N 274 
ILE   HXT  H N N 275 
LEU   N    N N N 276 
LEU   CA   C N S 277 
LEU   C    C N N 278 
LEU   O    O N N 279 
LEU   CB   C N N 280 
LEU   CG   C N N 281 
LEU   CD1  C N N 282 
LEU   CD2  C N N 283 
LEU   OXT  O N N 284 
LEU   H    H N N 285 
LEU   H2   H N N 286 
LEU   HA   H N N 287 
LEU   HB2  H N N 288 
LEU   HB3  H N N 289 
LEU   HG   H N N 290 
LEU   HD11 H N N 291 
LEU   HD12 H N N 292 
LEU   HD13 H N N 293 
LEU   HD21 H N N 294 
LEU   HD22 H N N 295 
LEU   HD23 H N N 296 
LEU   HXT  H N N 297 
LYS   N    N N N 298 
LYS   CA   C N S 299 
LYS   C    C N N 300 
LYS   O    O N N 301 
LYS   CB   C N N 302 
LYS   CG   C N N 303 
LYS   CD   C N N 304 
LYS   CE   C N N 305 
LYS   NZ   N N N 306 
LYS   OXT  O N N 307 
LYS   H    H N N 308 
LYS   H2   H N N 309 
LYS   HA   H N N 310 
LYS   HB2  H N N 311 
LYS   HB3  H N N 312 
LYS   HG2  H N N 313 
LYS   HG3  H N N 314 
LYS   HD2  H N N 315 
LYS   HD3  H N N 316 
LYS   HE2  H N N 317 
LYS   HE3  H N N 318 
LYS   HZ1  H N N 319 
LYS   HZ2  H N N 320 
LYS   HZ3  H N N 321 
LYS   HXT  H N N 322 
PHE   N    N N N 323 
PHE   CA   C N S 324 
PHE   C    C N N 325 
PHE   O    O N N 326 
PHE   CB   C N N 327 
PHE   CG   C Y N 328 
PHE   CD1  C Y N 329 
PHE   CD2  C Y N 330 
PHE   CE1  C Y N 331 
PHE   CE2  C Y N 332 
PHE   CZ   C Y N 333 
PHE   OXT  O N N 334 
PHE   H    H N N 335 
PHE   H2   H N N 336 
PHE   HA   H N N 337 
PHE   HB2  H N N 338 
PHE   HB3  H N N 339 
PHE   HD1  H N N 340 
PHE   HD2  H N N 341 
PHE   HE1  H N N 342 
PHE   HE2  H N N 343 
PHE   HZ   H N N 344 
PHE   HXT  H N N 345 
PRO   N    N N N 346 
PRO   CA   C N S 347 
PRO   C    C N N 348 
PRO   O    O N N 349 
PRO   CB   C N N 350 
PRO   CG   C N N 351 
PRO   CD   C N N 352 
PRO   OXT  O N N 353 
PRO   H    H N N 354 
PRO   HA   H N N 355 
PRO   HB2  H N N 356 
PRO   HB3  H N N 357 
PRO   HG2  H N N 358 
PRO   HG3  H N N 359 
PRO   HD2  H N N 360 
PRO   HD3  H N N 361 
PRO   HXT  H N N 362 
SER   N    N N N 363 
SER   CA   C N S 364 
SER   C    C N N 365 
SER   O    O N N 366 
SER   CB   C N N 367 
SER   OG   O N N 368 
SER   OXT  O N N 369 
SER   H    H N N 370 
SER   H2   H N N 371 
SER   HA   H N N 372 
SER   HB2  H N N 373 
SER   HB3  H N N 374 
SER   HG   H N N 375 
SER   HXT  H N N 376 
THR   N    N N N 377 
THR   CA   C N S 378 
THR   C    C N N 379 
THR   O    O N N 380 
THR   CB   C N R 381 
THR   OG1  O N N 382 
THR   CG2  C N N 383 
THR   OXT  O N N 384 
THR   H    H N N 385 
THR   H2   H N N 386 
THR   HA   H N N 387 
THR   HB   H N N 388 
THR   HG1  H N N 389 
THR   HG21 H N N 390 
THR   HG22 H N N 391 
THR   HG23 H N N 392 
THR   HXT  H N N 393 
TRP   N    N N N 394 
TRP   CA   C N S 395 
TRP   C    C N N 396 
TRP   O    O N N 397 
TRP   CB   C N N 398 
TRP   CG   C Y N 399 
TRP   CD1  C Y N 400 
TRP   CD2  C Y N 401 
TRP   NE1  N Y N 402 
TRP   CE2  C Y N 403 
TRP   CE3  C Y N 404 
TRP   CZ2  C Y N 405 
TRP   CZ3  C Y N 406 
TRP   CH2  C Y N 407 
TRP   OXT  O N N 408 
TRP   H    H N N 409 
TRP   H2   H N N 410 
TRP   HA   H N N 411 
TRP   HB2  H N N 412 
TRP   HB3  H N N 413 
TRP   HD1  H N N 414 
TRP   HE1  H N N 415 
TRP   HE3  H N N 416 
TRP   HZ2  H N N 417 
TRP   HZ3  H N N 418 
TRP   HH2  H N N 419 
TRP   HXT  H N N 420 
TYR   N    N N N 421 
TYR   CA   C N S 422 
TYR   C    C N N 423 
TYR   O    O N N 424 
TYR   CB   C N N 425 
TYR   CG   C Y N 426 
TYR   CD1  C Y N 427 
TYR   CD2  C Y N 428 
TYR   CE1  C Y N 429 
TYR   CE2  C Y N 430 
TYR   CZ   C Y N 431 
TYR   OH   O N N 432 
TYR   OXT  O N N 433 
TYR   H    H N N 434 
TYR   H2   H N N 435 
TYR   HA   H N N 436 
TYR   HB2  H N N 437 
TYR   HB3  H N N 438 
TYR   HD1  H N N 439 
TYR   HD2  H N N 440 
TYR   HE1  H N N 441 
TYR   HE2  H N N 442 
TYR   HH   H N N 443 
TYR   HXT  H N N 444 
VAL   N    N N N 445 
VAL   CA   C N S 446 
VAL   C    C N N 447 
VAL   O    O N N 448 
VAL   CB   C N N 449 
VAL   CG1  C N N 450 
VAL   CG2  C N N 451 
VAL   OXT  O N N 452 
VAL   H    H N N 453 
VAL   H2   H N N 454 
VAL   HA   H N N 455 
VAL   HB   H N N 456 
VAL   HG11 H N N 457 
VAL   HG12 H N N 458 
VAL   HG13 H N N 459 
VAL   HG21 H N N 460 
VAL   HG22 H N N 461 
VAL   HG23 H N N 462 
VAL   HXT  H N N 463 
# 
loop_
_chem_comp_bond.comp_id 
_chem_comp_bond.atom_id_1 
_chem_comp_bond.atom_id_2 
_chem_comp_bond.value_order 
_chem_comp_bond.pdbx_aromatic_flag 
_chem_comp_bond.pdbx_stereo_config 
_chem_comp_bond.pdbx_ordinal 
A1IXG O   P    doub N N 1   
A1IXG P   O1   sing N N 2   
A1IXG O1  C    sing N N 3   
A1IXG C   C1   doub Y N 4   
A1IXG C1  C2   sing N N 5   
A1IXG C2  C3   sing N N 6   
A1IXG C3  C4   doub Y N 7   
A1IXG C4  C5   sing Y N 8   
A1IXG O2  C5   sing N N 9   
A1IXG P1  O2   sing N N 10  
A1IXG O3  P1   doub N N 11  
A1IXG O4  P1   sing N N 12  
A1IXG C5  C6   doub Y N 13  
A1IXG C7  C6   sing N N 14  
A1IXG C6  C8   sing Y N 15  
A1IXG C9  C8   sing N N 16  
A1IXG C8  C10  doub Y N 17  
A1IXG C3  C10  sing Y N 18  
A1IXG C10 O5   sing N N 19  
A1IXG O5  P    sing N N 20  
A1IXG C1  C11  sing Y N 21  
A1IXG C11 C12  sing N N 22  
A1IXG C12 C13  sing N N 23  
A1IXG C13 C14  doub Y N 24  
A1IXG O6  C14  sing N N 25  
A1IXG P2  O6   sing N N 26  
A1IXG O7  P2   doub N N 27  
A1IXG O8  P2   sing N N 28  
A1IXG C14 C15  sing Y N 29  
A1IXG C16 C15  sing N N 30  
A1IXG C15 C17  doub Y N 31  
A1IXG C18 C17  sing N N 32  
A1IXG C17 C19  sing Y N 33  
A1IXG C19 O9   sing N N 34  
A1IXG O9  P1   sing N N 35  
A1IXG C20 C19  doub Y N 36  
A1IXG C13 C20  sing Y N 37  
A1IXG C21 C20  sing N N 38  
A1IXG C4  C21  sing N N 39  
A1IXG C11 C22  doub Y N 40  
A1IXG C22 O10  sing N N 41  
A1IXG O10 P2   sing N N 42  
A1IXG C23 C22  sing Y N 43  
A1IXG C24 C23  sing N N 44  
A1IXG C25 C23  doub Y N 45  
A1IXG C   C25  sing Y N 46  
A1IXG C26 C25  sing N N 47  
A1IXG P   O11  sing N N 48  
A1IXG C12 H9   sing N N 49  
A1IXG C12 H8   sing N N 50  
A1IXG C16 H11  sing N N 51  
A1IXG C16 H12  sing N N 52  
A1IXG C16 H10  sing N N 53  
A1IXG C18 H14  sing N N 54  
A1IXG C18 H15  sing N N 55  
A1IXG C18 H13  sing N N 56  
A1IXG C2  H1   sing N N 57  
A1IXG C2  H    sing N N 58  
A1IXG C21 H17  sing N N 59  
A1IXG C21 H16  sing N N 60  
A1IXG C24 H20  sing N N 61  
A1IXG C24 H19  sing N N 62  
A1IXG C24 H18  sing N N 63  
A1IXG C26 H23  sing N N 64  
A1IXG C26 H22  sing N N 65  
A1IXG C26 H21  sing N N 66  
A1IXG C7  H4   sing N N 67  
A1IXG C7  H2   sing N N 68  
A1IXG C7  H3   sing N N 69  
A1IXG C9  H7   sing N N 70  
A1IXG C9  H5   sing N N 71  
A1IXG C9  H6   sing N N 72  
A1IXG O11 H24  sing N N 73  
A1IXG O4  H25  sing N N 74  
A1IXG O8  H26  sing N N 75  
ALA   N   CA   sing N N 76  
ALA   N   H    sing N N 77  
ALA   N   H2   sing N N 78  
ALA   CA  C    sing N N 79  
ALA   CA  CB   sing N N 80  
ALA   CA  HA   sing N N 81  
ALA   C   O    doub N N 82  
ALA   C   OXT  sing N N 83  
ALA   CB  HB1  sing N N 84  
ALA   CB  HB2  sing N N 85  
ALA   CB  HB3  sing N N 86  
ALA   OXT HXT  sing N N 87  
ARG   N   CA   sing N N 88  
ARG   N   H    sing N N 89  
ARG   N   H2   sing N N 90  
ARG   CA  C    sing N N 91  
ARG   CA  CB   sing N N 92  
ARG   CA  HA   sing N N 93  
ARG   C   O    doub N N 94  
ARG   C   OXT  sing N N 95  
ARG   CB  CG   sing N N 96  
ARG   CB  HB2  sing N N 97  
ARG   CB  HB3  sing N N 98  
ARG   CG  CD   sing N N 99  
ARG   CG  HG2  sing N N 100 
ARG   CG  HG3  sing N N 101 
ARG   CD  NE   sing N N 102 
ARG   CD  HD2  sing N N 103 
ARG   CD  HD3  sing N N 104 
ARG   NE  CZ   sing N N 105 
ARG   NE  HE   sing N N 106 
ARG   CZ  NH1  sing N N 107 
ARG   CZ  NH2  doub N N 108 
ARG   NH1 HH11 sing N N 109 
ARG   NH1 HH12 sing N N 110 
ARG   NH2 HH21 sing N N 111 
ARG   NH2 HH22 sing N N 112 
ARG   OXT HXT  sing N N 113 
ASN   N   CA   sing N N 114 
ASN   N   H    sing N N 115 
ASN   N   H2   sing N N 116 
ASN   CA  C    sing N N 117 
ASN   CA  CB   sing N N 118 
ASN   CA  HA   sing N N 119 
ASN   C   O    doub N N 120 
ASN   C   OXT  sing N N 121 
ASN   CB  CG   sing N N 122 
ASN   CB  HB2  sing N N 123 
ASN   CB  HB3  sing N N 124 
ASN   CG  OD1  doub N N 125 
ASN   CG  ND2  sing N N 126 
ASN   ND2 HD21 sing N N 127 
ASN   ND2 HD22 sing N N 128 
ASN   OXT HXT  sing N N 129 
ASP   N   CA   sing N N 130 
ASP   N   H    sing N N 131 
ASP   N   H2   sing N N 132 
ASP   CA  C    sing N N 133 
ASP   CA  CB   sing N N 134 
ASP   CA  HA   sing N N 135 
ASP   C   O    doub N N 136 
ASP   C   OXT  sing N N 137 
ASP   CB  CG   sing N N 138 
ASP   CB  HB2  sing N N 139 
ASP   CB  HB3  sing N N 140 
ASP   CG  OD1  doub N N 141 
ASP   CG  OD2  sing N N 142 
ASP   OD2 HD2  sing N N 143 
ASP   OXT HXT  sing N N 144 
BDF   C1  C2   sing N N 145 
BDF   C1  O1   sing N N 146 
BDF   C1  H11  sing N N 147 
BDF   C1  H12  sing N N 148 
BDF   C2  C3   sing N N 149 
BDF   C2  O2   sing N N 150 
BDF   C2  O6   sing N N 151 
BDF   C3  C4   sing N N 152 
BDF   C3  O3   sing N N 153 
BDF   C3  H3   sing N N 154 
BDF   C4  C5   sing N N 155 
BDF   C4  O4   sing N N 156 
BDF   C4  H4   sing N N 157 
BDF   C5  C6   sing N N 158 
BDF   C5  O5   sing N N 159 
BDF   C5  H5   sing N N 160 
BDF   C6  O6   sing N N 161 
BDF   C6  H61  sing N N 162 
BDF   C6  H62  sing N N 163 
BDF   O1  HO1  sing N N 164 
BDF   O2  HO2  sing N N 165 
BDF   O3  HO3  sing N N 166 
BDF   O4  HO4  sing N N 167 
BDF   O5  HO5  sing N N 168 
CYS   N   CA   sing N N 169 
CYS   N   H    sing N N 170 
CYS   N   H2   sing N N 171 
CYS   CA  C    sing N N 172 
CYS   CA  CB   sing N N 173 
CYS   CA  HA   sing N N 174 
CYS   C   O    doub N N 175 
CYS   C   OXT  sing N N 176 
CYS   CB  SG   sing N N 177 
CYS   CB  HB2  sing N N 178 
CYS   CB  HB3  sing N N 179 
CYS   SG  HG   sing N N 180 
CYS   OXT HXT  sing N N 181 
GLN   N   CA   sing N N 182 
GLN   N   H    sing N N 183 
GLN   N   H2   sing N N 184 
GLN   CA  C    sing N N 185 
GLN   CA  CB   sing N N 186 
GLN   CA  HA   sing N N 187 
GLN   C   O    doub N N 188 
GLN   C   OXT  sing N N 189 
GLN   CB  CG   sing N N 190 
GLN   CB  HB2  sing N N 191 
GLN   CB  HB3  sing N N 192 
GLN   CG  CD   sing N N 193 
GLN   CG  HG2  sing N N 194 
GLN   CG  HG3  sing N N 195 
GLN   CD  OE1  doub N N 196 
GLN   CD  NE2  sing N N 197 
GLN   NE2 HE21 sing N N 198 
GLN   NE2 HE22 sing N N 199 
GLN   OXT HXT  sing N N 200 
GLU   N   CA   sing N N 201 
GLU   N   H    sing N N 202 
GLU   N   H2   sing N N 203 
GLU   CA  C    sing N N 204 
GLU   CA  CB   sing N N 205 
GLU   CA  HA   sing N N 206 
GLU   C   O    doub N N 207 
GLU   C   OXT  sing N N 208 
GLU   CB  CG   sing N N 209 
GLU   CB  HB2  sing N N 210 
GLU   CB  HB3  sing N N 211 
GLU   CG  CD   sing N N 212 
GLU   CG  HG2  sing N N 213 
GLU   CG  HG3  sing N N 214 
GLU   CD  OE1  doub N N 215 
GLU   CD  OE2  sing N N 216 
GLU   OE2 HE2  sing N N 217 
GLU   OXT HXT  sing N N 218 
GLY   N   CA   sing N N 219 
GLY   N   H    sing N N 220 
GLY   N   H2   sing N N 221 
GLY   CA  C    sing N N 222 
GLY   CA  HA2  sing N N 223 
GLY   CA  HA3  sing N N 224 
GLY   C   O    doub N N 225 
GLY   C   OXT  sing N N 226 
GLY   OXT HXT  sing N N 227 
HIS   N   CA   sing N N 228 
HIS   N   H    sing N N 229 
HIS   N   H2   sing N N 230 
HIS   CA  C    sing N N 231 
HIS   CA  CB   sing N N 232 
HIS   CA  HA   sing N N 233 
HIS   C   O    doub N N 234 
HIS   C   OXT  sing N N 235 
HIS   CB  CG   sing N N 236 
HIS   CB  HB2  sing N N 237 
HIS   CB  HB3  sing N N 238 
HIS   CG  ND1  sing Y N 239 
HIS   CG  CD2  doub Y N 240 
HIS   ND1 CE1  doub Y N 241 
HIS   ND1 HD1  sing N N 242 
HIS   CD2 NE2  sing Y N 243 
HIS   CD2 HD2  sing N N 244 
HIS   CE1 NE2  sing Y N 245 
HIS   CE1 HE1  sing N N 246 
HIS   NE2 HE2  sing N N 247 
HIS   OXT HXT  sing N N 248 
HOH   O   H1   sing N N 249 
HOH   O   H2   sing N N 250 
ILE   N   CA   sing N N 251 
ILE   N   H    sing N N 252 
ILE   N   H2   sing N N 253 
ILE   CA  C    sing N N 254 
ILE   CA  CB   sing N N 255 
ILE   CA  HA   sing N N 256 
ILE   C   O    doub N N 257 
ILE   C   OXT  sing N N 258 
ILE   CB  CG1  sing N N 259 
ILE   CB  CG2  sing N N 260 
ILE   CB  HB   sing N N 261 
ILE   CG1 CD1  sing N N 262 
ILE   CG1 HG12 sing N N 263 
ILE   CG1 HG13 sing N N 264 
ILE   CG2 HG21 sing N N 265 
ILE   CG2 HG22 sing N N 266 
ILE   CG2 HG23 sing N N 267 
ILE   CD1 HD11 sing N N 268 
ILE   CD1 HD12 sing N N 269 
ILE   CD1 HD13 sing N N 270 
ILE   OXT HXT  sing N N 271 
LEU   N   CA   sing N N 272 
LEU   N   H    sing N N 273 
LEU   N   H2   sing N N 274 
LEU   CA  C    sing N N 275 
LEU   CA  CB   sing N N 276 
LEU   CA  HA   sing N N 277 
LEU   C   O    doub N N 278 
LEU   C   OXT  sing N N 279 
LEU   CB  CG   sing N N 280 
LEU   CB  HB2  sing N N 281 
LEU   CB  HB3  sing N N 282 
LEU   CG  CD1  sing N N 283 
LEU   CG  CD2  sing N N 284 
LEU   CG  HG   sing N N 285 
LEU   CD1 HD11 sing N N 286 
LEU   CD1 HD12 sing N N 287 
LEU   CD1 HD13 sing N N 288 
LEU   CD2 HD21 sing N N 289 
LEU   CD2 HD22 sing N N 290 
LEU   CD2 HD23 sing N N 291 
LEU   OXT HXT  sing N N 292 
LYS   N   CA   sing N N 293 
LYS   N   H    sing N N 294 
LYS   N   H2   sing N N 295 
LYS   CA  C    sing N N 296 
LYS   CA  CB   sing N N 297 
LYS   CA  HA   sing N N 298 
LYS   C   O    doub N N 299 
LYS   C   OXT  sing N N 300 
LYS   CB  CG   sing N N 301 
LYS   CB  HB2  sing N N 302 
LYS   CB  HB3  sing N N 303 
LYS   CG  CD   sing N N 304 
LYS   CG  HG2  sing N N 305 
LYS   CG  HG3  sing N N 306 
LYS   CD  CE   sing N N 307 
LYS   CD  HD2  sing N N 308 
LYS   CD  HD3  sing N N 309 
LYS   CE  NZ   sing N N 310 
LYS   CE  HE2  sing N N 311 
LYS   CE  HE3  sing N N 312 
LYS   NZ  HZ1  sing N N 313 
LYS   NZ  HZ2  sing N N 314 
LYS   NZ  HZ3  sing N N 315 
LYS   OXT HXT  sing N N 316 
PHE   N   CA   sing N N 317 
PHE   N   H    sing N N 318 
PHE   N   H2   sing N N 319 
PHE   CA  C    sing N N 320 
PHE   CA  CB   sing N N 321 
PHE   CA  HA   sing N N 322 
PHE   C   O    doub N N 323 
PHE   C   OXT  sing N N 324 
PHE   CB  CG   sing N N 325 
PHE   CB  HB2  sing N N 326 
PHE   CB  HB3  sing N N 327 
PHE   CG  CD1  doub Y N 328 
PHE   CG  CD2  sing Y N 329 
PHE   CD1 CE1  sing Y N 330 
PHE   CD1 HD1  sing N N 331 
PHE   CD2 CE2  doub Y N 332 
PHE   CD2 HD2  sing N N 333 
PHE   CE1 CZ   doub Y N 334 
PHE   CE1 HE1  sing N N 335 
PHE   CE2 CZ   sing Y N 336 
PHE   CE2 HE2  sing N N 337 
PHE   CZ  HZ   sing N N 338 
PHE   OXT HXT  sing N N 339 
PRO   N   CA   sing N N 340 
PRO   N   CD   sing N N 341 
PRO   N   H    sing N N 342 
PRO   CA  C    sing N N 343 
PRO   CA  CB   sing N N 344 
PRO   CA  HA   sing N N 345 
PRO   C   O    doub N N 346 
PRO   C   OXT  sing N N 347 
PRO   CB  CG   sing N N 348 
PRO   CB  HB2  sing N N 349 
PRO   CB  HB3  sing N N 350 
PRO   CG  CD   sing N N 351 
PRO   CG  HG2  sing N N 352 
PRO   CG  HG3  sing N N 353 
PRO   CD  HD2  sing N N 354 
PRO   CD  HD3  sing N N 355 
PRO   OXT HXT  sing N N 356 
SER   N   CA   sing N N 357 
SER   N   H    sing N N 358 
SER   N   H2   sing N N 359 
SER   CA  C    sing N N 360 
SER   CA  CB   sing N N 361 
SER   CA  HA   sing N N 362 
SER   C   O    doub N N 363 
SER   C   OXT  sing N N 364 
SER   CB  OG   sing N N 365 
SER   CB  HB2  sing N N 366 
SER   CB  HB3  sing N N 367 
SER   OG  HG   sing N N 368 
SER   OXT HXT  sing N N 369 
THR   N   CA   sing N N 370 
THR   N   H    sing N N 371 
THR   N   H2   sing N N 372 
THR   CA  C    sing N N 373 
THR   CA  CB   sing N N 374 
THR   CA  HA   sing N N 375 
THR   C   O    doub N N 376 
THR   C   OXT  sing N N 377 
THR   CB  OG1  sing N N 378 
THR   CB  CG2  sing N N 379 
THR   CB  HB   sing N N 380 
THR   OG1 HG1  sing N N 381 
THR   CG2 HG21 sing N N 382 
THR   CG2 HG22 sing N N 383 
THR   CG2 HG23 sing N N 384 
THR   OXT HXT  sing N N 385 
TRP   N   CA   sing N N 386 
TRP   N   H    sing N N 387 
TRP   N   H2   sing N N 388 
TRP   CA  C    sing N N 389 
TRP   CA  CB   sing N N 390 
TRP   CA  HA   sing N N 391 
TRP   C   O    doub N N 392 
TRP   C   OXT  sing N N 393 
TRP   CB  CG   sing N N 394 
TRP   CB  HB2  sing N N 395 
TRP   CB  HB3  sing N N 396 
TRP   CG  CD1  doub Y N 397 
TRP   CG  CD2  sing Y N 398 
TRP   CD1 NE1  sing Y N 399 
TRP   CD1 HD1  sing N N 400 
TRP   CD2 CE2  doub Y N 401 
TRP   CD2 CE3  sing Y N 402 
TRP   NE1 CE2  sing Y N 403 
TRP   NE1 HE1  sing N N 404 
TRP   CE2 CZ2  sing Y N 405 
TRP   CE3 CZ3  doub Y N 406 
TRP   CE3 HE3  sing N N 407 
TRP   CZ2 CH2  doub Y N 408 
TRP   CZ2 HZ2  sing N N 409 
TRP   CZ3 CH2  sing Y N 410 
TRP   CZ3 HZ3  sing N N 411 
TRP   CH2 HH2  sing N N 412 
TRP   OXT HXT  sing N N 413 
TYR   N   CA   sing N N 414 
TYR   N   H    sing N N 415 
TYR   N   H2   sing N N 416 
TYR   CA  C    sing N N 417 
TYR   CA  CB   sing N N 418 
TYR   CA  HA   sing N N 419 
TYR   C   O    doub N N 420 
TYR   C   OXT  sing N N 421 
TYR   CB  CG   sing N N 422 
TYR   CB  HB2  sing N N 423 
TYR   CB  HB3  sing N N 424 
TYR   CG  CD1  doub Y N 425 
TYR   CG  CD2  sing Y N 426 
TYR   CD1 CE1  sing Y N 427 
TYR   CD1 HD1  sing N N 428 
TYR   CD2 CE2  doub Y N 429 
TYR   CD2 HD2  sing N N 430 
TYR   CE1 CZ   doub Y N 431 
TYR   CE1 HE1  sing N N 432 
TYR   CE2 CZ   sing Y N 433 
TYR   CE2 HE2  sing N N 434 
TYR   CZ  OH   sing N N 435 
TYR   OH  HH   sing N N 436 
TYR   OXT HXT  sing N N 437 
VAL   N   CA   sing N N 438 
VAL   N   H    sing N N 439 
VAL   N   H2   sing N N 440 
VAL   CA  C    sing N N 441 
VAL   CA  CB   sing N N 442 
VAL   CA  HA   sing N N 443 
VAL   C   O    doub N N 444 
VAL   C   OXT  sing N N 445 
VAL   CB  CG1  sing N N 446 
VAL   CB  CG2  sing N N 447 
VAL   CB  HB   sing N N 448 
VAL   CG1 HG11 sing N N 449 
VAL   CG1 HG12 sing N N 450 
VAL   CG1 HG13 sing N N 451 
VAL   CG2 HG21 sing N N 452 
VAL   CG2 HG22 sing N N 453 
VAL   CG2 HG23 sing N N 454 
VAL   OXT HXT  sing N N 455 
# 
_pdbx_audit_support.funding_organization   'Science Foundation Ireland' 
_pdbx_audit_support.country                Ireland 
_pdbx_audit_support.grant_number           12/RC/2275_P2 
_pdbx_audit_support.ordinal                1 
# 
_pdbx_initial_refinement_model.id               1 
_pdbx_initial_refinement_model.entity_id_list   ? 
_pdbx_initial_refinement_model.type             'experimental model' 
_pdbx_initial_refinement_model.source_name      PDB 
_pdbx_initial_refinement_model.accession_code   2BT9 
_pdbx_initial_refinement_model.details          ? 
# 
_space_group.name_H-M_alt     'R 3 :H' 
_space_group.name_Hall        'R 3' 
_space_group.IT_number        146 
_space_group.crystal_system   trigonal 
_space_group.id               1 
# 
_atom_sites.entry_id                    9HRV 
_atom_sites.Cartn_transf_matrix[1][1]   ? 
_atom_sites.Cartn_transf_matrix[1][2]   ? 
_atom_sites.Cartn_transf_matrix[1][3]   ? 
_atom_sites.Cartn_transf_matrix[2][1]   ? 
_atom_sites.Cartn_transf_matrix[2][2]   ? 
_atom_sites.Cartn_transf_matrix[2][3]   ? 
_atom_sites.Cartn_transf_matrix[3][1]   ? 
_atom_sites.Cartn_transf_matrix[3][2]   ? 
_atom_sites.Cartn_transf_matrix[3][3]   ? 
_atom_sites.Cartn_transf_vector[1]      ? 
_atom_sites.Cartn_transf_vector[2]      ? 
_atom_sites.Cartn_transf_vector[3]      ? 
_atom_sites.Cartn_transform_axes        ? 
_atom_sites.fract_transf_matrix[1][1]   0.00830077 
_atom_sites.fract_transf_matrix[1][2]   -0.01641521 
_atom_sites.fract_transf_matrix[1][3]   -0.01651599 
_atom_sites.fract_transf_matrix[2][1]   0.02427514 
_atom_sites.fract_transf_matrix[2][2]   -0.00412057 
_atom_sites.fract_transf_matrix[2][3]   -0.00220598 
_atom_sites.fract_transf_matrix[3][1]   -0.00058458 
_atom_sites.fract_transf_matrix[3][2]   -0.00702407 
_atom_sites.fract_transf_matrix[3][3]   0.00668740 
_atom_sites.fract_transf_vector[1]      0.016347 
_atom_sites.fract_transf_vector[2]      0.237160 
_atom_sites.fract_transf_vector[3]      -0.013330 
_atom_sites.solution_primary            ? 
_atom_sites.solution_secondary          ? 
_atom_sites.solution_hydrogens          ? 
_atom_sites.special_details             ? 
# 
loop_
_atom_type.symbol 
_atom_type.scat_dispersion_real 
_atom_type.scat_dispersion_imag 
_atom_type.scat_Cromer_Mann_a1 
_atom_type.scat_Cromer_Mann_a2 
_atom_type.scat_Cromer_Mann_a3 
_atom_type.scat_Cromer_Mann_a4 
_atom_type.scat_Cromer_Mann_b1 
_atom_type.scat_Cromer_Mann_b2 
_atom_type.scat_Cromer_Mann_b3 
_atom_type.scat_Cromer_Mann_b4 
_atom_type.scat_Cromer_Mann_c 
_atom_type.scat_source 
_atom_type.scat_dispersion_source 
C ? ? 3.54356 2.42580 ? ? 25.62398 1.50364  ? ? 0.0 
;2-Gaussian fit: Grosse-Kunstleve RW, Sauter NK, Adams PD: Newsletter of the IUCr Commission on Crystallographic Computing 2004, 3, 22-31.
;
? 
N ? ? 4.01032 2.96436 ? ? 19.97189 1.75589  ? ? 0.0 
;2-Gaussian fit: Grosse-Kunstleve RW, Sauter NK, Adams PD: Newsletter of the IUCr Commission on Crystallographic Computing 2004, 3, 22-31.
;
? 
O ? ? 4.49882 3.47563 ? ? 15.80542 1.70748  ? ? 0.0 
;2-Gaussian fit: Grosse-Kunstleve RW, Sauter NK, Adams PD: Newsletter of the IUCr Commission on Crystallographic Computing 2004, 3, 22-31.
;
? 
P ? ? 9.51135 5.44231 ? ? 1.42069  35.72801 ? ? 0.0 
;2-Gaussian fit: Grosse-Kunstleve RW, Sauter NK, Adams PD: Newsletter of the IUCr Commission on Crystallographic Computing 2004, 3, 22-31.
;
? 
S ? ? 9.55732 6.39887 ? ? 1.23737  29.19336 ? ? 0.0 
;2-Gaussian fit: Grosse-Kunstleve RW, Sauter NK, Adams PD: Newsletter of the IUCr Commission on Crystallographic Computing 2004, 3, 22-31.
;
? 
# 
loop_
_atom_site.group_PDB 
_atom_site.id 
_atom_site.type_symbol 
_atom_site.label_atom_id 
_atom_site.label_alt_id 
_atom_site.label_comp_id 
_atom_site.label_asym_id 
_atom_site.label_entity_id 
_atom_site.label_seq_id 
_atom_site.pdbx_PDB_ins_code 
_atom_site.Cartn_x 
_atom_site.Cartn_y 
_atom_site.Cartn_z 
_atom_site.occupancy 
_atom_site.B_iso_or_equiv 
_atom_site.pdbx_formal_charge 
_atom_site.auth_seq_id 
_atom_site.auth_comp_id 
_atom_site.auth_asym_id 
_atom_site.auth_atom_id 
_atom_site.pdbx_PDB_model_num 
ATOM   1   N N   . SER   A 1 1  ? -7.53885  -20.54082 5.99990   1.000 9.64441  ? 1   SER   A N   1 
ATOM   2   C CA  . SER   A 1 1  ? -7.59561  -19.08776 5.89973   1.000 7.59392  ? 1   SER   A CA  1 
ATOM   3   C C   . SER   A 1 1  ? -6.66707  -18.62916 4.78306   1.000 6.12077  ? 1   SER   A C   1 
ATOM   4   O O   . SER   A 1 1  ? -5.87277  -19.42407 4.26165   1.000 8.82705  ? 1   SER   A O   1 
ATOM   5   C CB  . SER   A 1 1  ? -7.18524  -18.44326 7.21695   1.000 9.28159  ? 1   SER   A CB  1 
ATOM   6   O OG  . SER   A 1 1  ? -5.84678  -18.77942 7.50100   1.000 10.60596 ? 1   SER   A OG  1 
ATOM   7   N N   . SER   A 1 2  ? -6.72739  -17.34517 4.44399   1.000 6.27437  ? 2   SER   A N   1 
ATOM   8   C CA  . SER   A 1 2  ? -6.08193  -16.83680 3.24588   1.000 6.56420  ? 2   SER   A CA  1 
ATOM   9   C C   . SER   A 1 2  ? -5.23726  -15.61243 3.55238   1.000 4.95913  ? 2   SER   A C   1 
ATOM   10  O O   . SER   A 1 2  ? -5.52325  -14.84806 4.47989   1.000 6.23065  ? 2   SER   A O   1 
ATOM   11  C CB  . SER   A 1 2  ? -7.13819  -16.43300 2.20906   1.000 8.05986  ? 2   SER   A CB  1 
ATOM   12  O OG  . SER   A 1 2  ? -6.55604  -15.93469 1.01664   1.000 8.08498  ? 2   SER   A OG  1 
ATOM   13  N N   . VAL   A 1 3  ? -4.20580  -15.41361 2.73120   1.000 5.89990  ? 3   VAL   A N   1 
ATOM   14  C CA  . VAL   A 1 3  ? -3.58119  -14.10374 2.67532   1.000 6.45066  ? 3   VAL   A CA  1 
ATOM   15  C C   . VAL   A 1 3  ? -4.63293  -13.07237 2.25302   1.000 5.90616  ? 3   VAL   A C   1 
ATOM   16  O O   . VAL   A 1 3  ? -5.62703  -13.39454 1.58656   1.000 6.12812  ? 3   VAL   A O   1 
ATOM   17  C CB  . VAL   A 1 3  ? -2.35139  -14.08446 1.74974   1.000 7.69709  ? 3   VAL   A CB  1 
ATOM   18  C CG1 . VAL   A 1 3  ? -1.26933  -15.03862 2.27177   1.000 8.40745  ? 3   VAL   A CG1 1 
ATOM   19  C CG2 . VAL   A 1 3  ? -2.73305  -14.42002 0.29460   1.000 8.64241  ? 3   VAL   A CG2 1 
ATOM   20  N N   . GLN   A 1 4  ? -4.42876  -11.82499 2.66283   1.000 6.84635  ? 4   GLN   A N   1 
ATOM   21  C CA  . GLN   A 1 4  ? -5.36902  -10.73967 2.40283   1.000 5.55453  ? 4   GLN   A CA  1 
ATOM   22  C C   . GLN   A 1 4  ? -4.69176  -9.73640  1.48178   1.000 6.04432  ? 4   GLN   A C   1 
ATOM   23  O O   . GLN   A 1 4  ? -3.58782  -9.27638  1.78832   1.000 6.84503  ? 4   GLN   A O   1 
ATOM   24  C CB  . GLN   A 1 4  ? -5.72991  -10.03355 3.71299   1.000 7.27515  ? 4   GLN   A CB  1 
ATOM   25  C CG  . GLN   A 1 4  ? -6.24006  -10.95414 4.81685   1.000 7.85386  ? 4   GLN   A CG  1 
ATOM   26  C CD  . GLN   A 1 4  ? -7.61133  -11.52118 4.51402   1.000 6.90037  ? 4   GLN   A CD  1 
ATOM   27  O OE1 . GLN   A 1 4  ? -8.59044  -10.78314 4.41906   1.000 8.38811  ? 4   GLN   A OE1 1 
ATOM   28  N NE2 . GLN   A 1 4  ? -7.69138  -12.83370 4.35901   1.000 7.07955  ? 4   GLN   A NE2 1 
ATOM   29  N N   . THR   A 1 5  ? -5.33545  -9.39513  0.36160   1.000 5.52257  ? 5   THR   A N   1 
ATOM   30  C CA  . THR   A 1 5  ? -4.73046  -8.46088  -0.57580  1.000 4.44017  ? 5   THR   A CA  1 
ATOM   31  C C   . THR   A 1 5  ? -5.54300  -7.18139  -0.74563  1.000 4.42394  ? 5   THR   A C   1 
ATOM   32  O O   . THR   A 1 5  ? -6.73697  -7.10385  -0.43585  1.000 5.64658  ? 5   THR   A O   1 
ATOM   33  C CB  . THR   A 1 5  ? -4.47560  -9.06367  -1.96830  1.000 5.51691  ? 5   THR   A CB  1 
ATOM   34  O OG1 . THR   A 1 5  ? -5.71976  -9.23404  -2.65555  1.000 5.77882  ? 5   THR   A OG1 1 
ATOM   35  C CG2 . THR   A 1 5  ? -3.70316  -10.37888 -1.88162  1.000 6.86774  ? 5   THR   A CG2 1 
ATOM   36  N N   . ALA   A 1 6  ? -4.85980  -6.16874  -1.27130  1.000 5.71489  ? 6   ALA   A N   1 
ATOM   37  C CA  . ALA   A 1 6  ? -5.43906  -4.89679  -1.67275  1.000 5.09754  ? 6   ALA   A CA  1 
ATOM   38  C C   . ALA   A 1 6  ? -4.66829  -4.43872  -2.89966  1.000 4.26358  ? 6   ALA   A C   1 
ATOM   39  O O   . ALA   A 1 6  ? -3.47227  -4.72666  -3.02926  1.000 6.23848  ? 6   ALA   A O   1 
ATOM   40  C CB  . ALA   A 1 6  ? -5.34987  -3.85835  -0.54662  1.000 6.39812  ? 6   ALA   A CB  1 
ATOM   41  N N   . ALA   A 1 7  ? -5.34777  -3.72382  -3.80052  1.000 4.24808  ? 7   ALA   A N   1 
ATOM   42  C CA  . ALA   A 1 7  ? -4.73798  -3.36193  -5.07280  1.000 4.93958  ? 7   ALA   A CA  1 
ATOM   43  C C   . ALA   A 1 7  ? -5.09073  -1.93606  -5.46566  1.000 4.50555  ? 7   ALA   A C   1 
ATOM   44  O O   . ALA   A 1 7  ? -6.19441  -1.45696  -5.19259  1.000 5.53639  ? 7   ALA   A O   1 
ATOM   45  C CB  . ALA   A 1 7  ? -5.17185  -4.31666  -6.20359  1.000 6.96112  ? 7   ALA   A CB  1 
ATOM   46  N N   . THR   A 1 8  ? -4.14995  -1.27695  -6.14983  1.000 5.22862  ? 8   THR   A N   1 
ATOM   47  C CA  . THR   A 1 8  ? -4.37421  0.04070   -6.73085  1.000 5.77081  ? 8   THR   A CA  1 
ATOM   48  C C   . THR   A 1 8  ? -3.62108  0.13937   -8.05203  1.000 4.87728  ? 8   THR   A C   1 
ATOM   49  O O   . THR   A 1 8  ? -2.70228  -0.63463  -8.31831  1.000 5.77694  ? 8   THR   A O   1 
ATOM   50  C CB  . THR   A 1 8  ? -3.97166  1.16063   -5.74891  1.000 6.26808  ? 8   THR   A CB  1 
ATOM   51  O OG1 . THR   A 1 8  ? -4.50602  2.41982   -6.18162  1.000 7.09967  ? 8   THR   A OG1 1 
ATOM   52  C CG2 . THR   A 1 8  ? -2.46618  1.27543   -5.63475  1.000 6.59911  ? 8   THR   A CG2 1 
ATOM   53  N N   . SER   A 1 9  ? -4.01567  1.09029   -8.89221  1.000 5.21670  ? 9   SER   A N   1 
ATOM   54  C CA  . SER   A 1 9  ? -3.38233  1.24716   -10.19470 1.000 5.80193  ? 9   SER   A CA  1 
ATOM   55  C C   . SER   A 1 9  ? -3.50625  2.69453   -10.64232 1.000 5.15145  ? 9   SER   A C   1 
ATOM   56  O O   . SER   A 1 9  ? -4.40755  3.42105   -10.21809 1.000 6.25486  ? 9   SER   A O   1 
ATOM   57  C CB  . SER   A 1 9  ? -4.00542  0.31517   -11.24260 1.000 6.47792  ? 9   SER   A CB  1 
ATOM   58  O OG  . SER   A 1 9  ? -5.39242  0.58281   -11.42852 1.000 6.44568  ? 9   SER   A OG  1 
ATOM   59  N N   . TRP   A 1 10 ? -2.60885  3.10049   -11.54387 1.000 6.34698  ? 10  TRP   A N   1 
ATOM   60  C CA  . TRP   A 1 10 ? -2.67228  4.45062   -12.08544 1.000 7.15813  ? 10  TRP   A CA  1 
ATOM   61  C C   . TRP   A 1 10 ? -2.10184  4.49875   -13.49602 1.000 7.80430  ? 10  TRP   A C   1 
ATOM   62  O O   . TRP   A 1 10 ? -1.28326  3.66597   -13.89236 1.000 8.29404  ? 10  TRP   A O   1 
ATOM   63  C CB  . TRP   A 1 10 ? -1.98298  5.47185   -11.17047 1.000 8.35733  ? 10  TRP   A CB  1 
ATOM   64  C CG  . TRP   A 1 10 ? -0.50598  5.27246   -10.97329 1.000 6.64375  ? 10  TRP   A CG  1 
ATOM   65  C CD1 . TRP   A 1 10 ? 0.50432   5.84163   -11.69935 1.000 7.59033  ? 10  TRP   A CD1 1 
ATOM   66  C CD2 . TRP   A 1 10 ? 0.12397   4.48021   -9.95750  1.000 6.30856  ? 10  TRP   A CD2 1 
ATOM   67  N NE1 . TRP   A 1 10 ? 1.71675   5.44618   -11.20092 1.000 8.48485  ? 10  TRP   A NE1 1 
ATOM   68  C CE2 . TRP   A 1 10 ? 1.51356   4.61635   -10.12745 1.000 8.14822  ? 10  TRP   A CE2 1 
ATOM   69  C CE3 . TRP   A 1 10 ? -0.35457  3.68110   -8.91215  1.000 7.97338  ? 10  TRP   A CE3 1 
ATOM   70  C CZ2 . TRP   A 1 10 ? 2.43282   3.96045   -9.30928  1.000 8.09398  ? 10  TRP   A CZ2 1 
ATOM   71  C CZ3 . TRP   A 1 10 ? 0.56181   3.03092   -8.10276  1.000 7.29373  ? 10  TRP   A CZ3 1 
ATOM   72  C CH2 . TRP   A 1 10 ? 1.93786   3.17931   -8.29880  1.000 7.31924  ? 10  TRP   A CH2 1 
ATOM   73  N N   . GLY   A 1 11 ? -2.51963  5.52238   -14.23424 1.000 10.12966 ? 11  GLY   A N   1 
ATOM   74  C CA  . GLY   A 1 11 ? -2.07384  5.71643   -15.59689 1.000 11.07615 ? 11  GLY   A CA  1 
ATOM   75  C C   . GLY   A 1 11 ? -2.71895  4.72662   -16.55491 1.000 13.19306 ? 11  GLY   A C   1 
ATOM   76  O O   . GLY   A 1 11 ? -3.71055  4.06193   -16.25153 1.000 14.78157 ? 11  GLY   A O   1 
ATOM   77  N N   . THR   A 1 12 ? -2.11959  4.63412   -17.74309 1.000 14.50488 ? 12  THR   A N   1 
ATOM   78  C CA  . THR   A 1 12 ? -2.65045  3.80162   -18.81355 1.000 13.95602 ? 12  THR   A CA  1 
ATOM   79  C C   . THR   A 1 12 ? -1.74533  2.63765   -19.18551 1.000 11.97092 ? 12  THR   A C   1 
ATOM   80  O O   . THR   A 1 12 ? -2.16740  1.77036   -19.95757 1.000 13.56136 ? 12  THR   A O   1 
ATOM   81  C CB  . THR   A 1 12 ? -2.92066  4.65434   -20.06273 1.000 14.92004 ? 12  THR   A CB  1 
ATOM   82  O OG1 . THR   A 1 12 ? -1.70340  5.29260   -20.46712 1.000 17.54381 ? 12  THR   A OG1 1 
ATOM   83  C CG2 . THR   A 1 12 ? -3.97921  5.71224   -19.76909 1.000 13.61237 ? 12  THR   A CG2 1 
ATOM   84  N N   . VAL   A 1 13 ? -0.51736  2.59513   -18.67099 1.000 13.09470 ? 13  VAL   A N   1 
ATOM   85  C CA  . VAL   A 1 13 ? 0.35859   1.44960   -18.93896 1.000 12.27364 ? 13  VAL   A CA  1 
ATOM   86  C C   . VAL   A 1 13 ? -0.23006  0.12539   -18.46059 1.000 10.40901 ? 13  VAL   A C   1 
ATOM   87  O O   . VAL   A 1 13 ? -0.26868  -0.82956  -19.25342 1.000 10.74647 ? 13  VAL   A O   1 
ATOM   88  C CB  . VAL   A 1 13 ? 1.78323   1.72864   -18.42981 1.000 13.39740 ? 13  VAL   A CB  1 
ATOM   89  C CG1 . VAL   A 1 13 ? 2.62226   0.47069   -18.52416 1.000 13.19214 ? 13  VAL   A CG1 1 
ATOM   90  C CG2 . VAL   A 1 13 ? 2.41290   2.85778   -19.22427 1.000 15.30238 ? 13  VAL   A CG2 1 
ATOM   91  N N   . PRO   A 1 14 ? -0.68958  -0.01435  -17.20482 1.000 9.33006  ? 14  PRO   A N   1 
ATOM   92  C CA  . PRO   A 1 14 ? -0.65836  0.94130   -16.10244 1.000 8.50216  ? 14  PRO   A CA  1 
ATOM   93  C C   . PRO   A 1 14 ? 0.46835   0.57282   -15.16329 1.000 7.56909  ? 14  PRO   A C   1 
ATOM   94  O O   . PRO   A 1 14 ? 1.23229   -0.37011  -15.38372 1.000 9.93380  ? 14  PRO   A O   1 
ATOM   95  C CB  . PRO   A 1 14 ? -1.98527  0.65254   -15.40592 1.000 9.05423  ? 14  PRO   A CB  1 
ATOM   96  C CG  . PRO   A 1 14 ? -2.04460  -0.85452  -15.46270 1.000 9.60123  ? 14  PRO   A CG  1 
ATOM   97  C CD  . PRO   A 1 14 ? -1.44396  -1.22264  -16.81676 1.000 9.23990  ? 14  PRO   A CD  1 
ATOM   98  N N   . SER   A 1 15 ? 0.58355   1.32874   -14.08610 1.000 6.93940  ? 15  SER   A N   1 
ATOM   99  C CA  . SER   A 1 15 ? 1.25761   0.84794   -12.89770 1.000 6.23505  ? 15  SER   A CA  1 
ATOM   100 C C   . SER   A 1 15 ? 0.22710   0.20608   -11.97806 1.000 5.46718  ? 15  SER   A C   1 
ATOM   101 O O   . SER   A 1 15 ? -0.86421  0.74383   -11.79049 1.000 7.17026  ? 15  SER   A O   1 
ATOM   102 C CB  . SER   A 1 15 ? 1.93741   2.00126   -12.16590 1.000 8.77179  ? 15  SER   A CB  1 
ATOM   103 O OG  . SER   A 1 15 ? 3.01469   2.52366   -12.91925 1.000 9.59296  ? 15  SER   A OG  1 
ATOM   104 N N   . ILE   A 1 16 ? 0.58426   -0.93839  -11.40112 1.000 5.41415  ? 16  ILE   A N   1 
ATOM   105 C CA  . ILE   A 1 16 ? -0.25048  -1.65699  -10.44763 1.000 6.06099  ? 16  ILE   A CA  1 
ATOM   106 C C   . ILE   A 1 16 ? 0.58625   -1.92151  -9.20670  1.000 4.62092  ? 16  ILE   A C   1 
ATOM   107 O O   . ILE   A 1 16 ? 1.76564   -2.26297  -9.31842  1.000 5.09122  ? 16  ILE   A O   1 
ATOM   108 C CB  . ILE   A 1 16 ? -0.75475  -3.00875  -11.00638 1.000 5.26964  ? 16  ILE   A CB  1 
ATOM   109 C CG1 . ILE   A 1 16 ? -1.37872  -2.85932  -12.39172 1.000 6.82272  ? 16  ILE   A CG1 1 
ATOM   110 C CG2 . ILE   A 1 16 ? -1.75123  -3.63422  -10.02297 1.000 6.06987  ? 16  ILE   A CG2 1 
ATOM   111 C CD1 . ILE   A 1 16 ? -1.69470  -4.17906  -13.06745 1.000 8.25375  ? 16  ILE   A CD1 1 
ATOM   112 N N   . ARG   A 1 17 ? -0.01990  -1.76806  -8.02775  1.000 5.12211  ? 17  ARG   A N   1 
ATOM   113 C CA  . ARG   A 1 17 ? 0.59032   -2.19700  -6.77591  1.000 5.08973  ? 17  ARG   A CA  1 
ATOM   114 C C   . ARG   A 1 17 ? -0.38611  -3.11138  -6.05208  1.000 4.26374  ? 17  ARG   A C   1 
ATOM   115 O O   . ARG   A 1 17 ? -1.56368  -2.76852  -5.88932  1.000 5.94945  ? 17  ARG   A O   1 
ATOM   116 C CB  . ARG   A 1 17 ? 0.95419   -0.99925  -5.89432  1.000 5.72748  ? 17  ARG   A CB  1 
ATOM   117 C CG  . ARG   A 1 17 ? 1.91905   -0.02399  -6.55668  1.000 5.46330  ? 17  ARG   A CG  1 
ATOM   118 C CD  . ARG   A 1 17 ? 3.29582   -0.62882  -6.77231  1.000 5.44056  ? 17  ARG   A CD  1 
ATOM   119 N NE  . ARG   A 1 17 ? 4.25230   0.32270   -7.33685  1.000 5.76604  ? 17  ARG   A NE  1 
ATOM   120 C CZ  . ARG   A 1 17 ? 4.48267   0.47984   -8.63650  1.000 5.78389  ? 17  ARG   A CZ  1 
ATOM   121 N NH1 . ARG   A 1 17 ? 3.83452   -0.23718  -9.54362  1.000 5.98524  ? 17  ARG   A NH1 1 
ATOM   122 N NH2 . ARG   A 1 17 ? 5.37099   1.38972   -9.03279  1.000 6.77202  ? 17  ARG   A NH2 1 
ATOM   123 N N   . VAL   A 1 18 ? 0.10430   -4.26824  -5.62178  1.000 4.79443  ? 18  VAL   A N   1 
ATOM   124 C CA  . VAL   A 1 18 ? -0.69053  -5.25183  -4.89954  1.000 4.86173  ? 18  VAL   A CA  1 
ATOM   125 C C   . VAL   A 1 18 ? -0.02103  -5.46210  -3.54943  1.000 4.55181  ? 18  VAL   A C   1 
ATOM   126 O O   . VAL   A 1 18 ? 1.16895   -5.80930  -3.48899  1.000 5.21315  ? 18  VAL   A O   1 
ATOM   127 C CB  . VAL   A 1 18 ? -0.78593  -6.58091  -5.66316  1.000 5.61356  ? 18  VAL   A CB  1 
ATOM   128 C CG1 . VAL   A 1 18 ? -1.60695  -7.59161  -4.87580  1.000 6.61165  ? 18  VAL   A CG1 1 
ATOM   129 C CG2 . VAL   A 1 18 ? -1.37243  -6.36811  -7.05712  1.000 6.64920  ? 18  VAL   A CG2 1 
ATOM   130 N N   . TYR   A 1 19 ? -0.78043  -5.24982  -2.47463  1.000 5.19630  ? 19  TYR   A N   1 
ATOM   131 C CA  . TYR   A 1 19 ? -0.30505  -5.41277  -1.10775  1.000 4.81456  ? 19  TYR   A CA  1 
ATOM   132 C C   . TYR   A 1 19 ? -0.87955  -6.70199  -0.53908  1.000 4.68757  ? 19  TYR   A C   1 
ATOM   133 O O   . TYR   A 1 19 ? -2.07072  -6.97502  -0.70915  1.000 5.54377  ? 19  TYR   A O   1 
ATOM   134 C CB  . TYR   A 1 19 ? -0.72493  -4.20838  -0.24557  1.000 5.68262  ? 19  TYR   A CB  1 
ATOM   135 C CG  . TYR   A 1 19 ? -0.18230  -2.94523  -0.84731  1.000 4.67887  ? 19  TYR   A CG  1 
ATOM   136 C CD1 . TYR   A 1 19 ? 1.07168   -2.48255  -0.49725  1.000 5.33823  ? 19  TYR   A CD1 1 
ATOM   137 C CD2 . TYR   A 1 19 ? -0.87349  -2.27207  -1.84389  1.000 4.91576  ? 19  TYR   A CD2 1 
ATOM   138 C CE1 . TYR   A 1 19 ? 1.61530   -1.37802  -1.10569  1.000 5.34460  ? 19  TYR   A CE1 1 
ATOM   139 C CE2 . TYR   A 1 19 ? -0.33719  -1.16741  -2.46591  1.000 5.25497  ? 19  TYR   A CE2 1 
ATOM   140 C CZ  . TYR   A 1 19 ? 0.90724   -0.72214  -2.09865  1.000 4.99093  ? 19  TYR   A CZ  1 
ATOM   141 O OH  . TYR   A 1 19 ? 1.43266   0.37122   -2.74077  1.000 6.02482  ? 19  TYR   A OH  1 
ATOM   142 N N   . THR   A 1 20 ? -0.03223  -7.50730  0.10278   1.000 5.15458  ? 20  THR   A N   1 
ATOM   143 C CA  . THR   A 1 20 ? -0.44952  -8.78264  0.67216   1.000 5.85769  ? 20  THR   A CA  1 
ATOM   144 C C   . THR   A 1 20 ? -0.09945  -8.81319  2.14972   1.000 5.66296  ? 20  THR   A C   1 
ATOM   145 O O   . THR   A 1 20 ? 1.07091   -8.64723  2.51496   1.000 6.61535  ? 20  THR   A O   1 
ATOM   146 C CB  . THR   A 1 20 ? 0.23977   -9.96037  -0.02079  1.000 7.30011  ? 20  THR   A CB  1 
ATOM   147 O OG1 . THR   A 1 20 ? -0.07095  -9.95285  -1.41447  1.000 6.74238  ? 20  THR   A OG1 1 
ATOM   148 C CG2 . THR   A 1 20 ? -0.21486  -11.28521 0.57760   1.000 7.37274  ? 20  THR   A CG2 1 
ATOM   149 N N   . ALA   A 1 21 ? -1.10660  -9.04600  2.98816   1.000 6.37722  ? 21  ALA   A N   1 
ATOM   150 C CA  . ALA   A 1 21 ? -0.90663  -9.31559  4.40347   1.000 5.92292  ? 21  ALA   A CA  1 
ATOM   151 C C   . ALA   A 1 21 ? -0.79808  -10.82336 4.59308   1.000 6.81113  ? 21  ALA   A C   1 
ATOM   152 O O   . ALA   A 1 21 ? -1.71976  -11.57130 4.24124   1.000 7.73368  ? 21  ALA   A O   1 
ATOM   153 C CB  . ALA   A 1 21 ? -2.05155  -8.75331  5.24411   1.000 7.04421  ? 21  ALA   A CB  1 
ATOM   154 N N   . ASN   A 1 22 ? 0.33363   -11.26614 5.13208   1.000 7.25711  ? 22  ASN   A N   1 
ATOM   155 C CA  . ASN   A 1 22 ? 0.55296   -12.67944 5.41171   1.000 9.09287  ? 22  ASN   A CA  1 
ATOM   156 C C   . ASN   A 1 22 ? 1.37760   -12.77966 6.68322   1.000 8.96232  ? 22  ASN   A C   1 
ATOM   157 O O   . ASN   A 1 22 ? 2.45261   -12.18201 6.77293   1.000 8.80127  ? 22  ASN   A O   1 
ATOM   158 C CB  . ASN   A 1 22 ? 1.29837   -13.33663 4.25194   1.000 12.69258 ? 22  ASN   A CB  1 
ATOM   159 C CG  . ASN   A 1 22 ? 1.50323   -14.82044 4.45915   1.000 15.90745 ? 22  ASN   A CG  1 
ATOM   160 O OD1 . ASN   A 1 22 ? 0.73758   -15.47005 5.17006   1.000 15.82843 ? 22  ASN   A OD1 1 
ATOM   161 N ND2 . ASN   A 1 22 ? 2.54103   -15.36506 3.84126   1.000 20.00143 ? 22  ASN   A ND2 1 
ATOM   162 N N   . ASN   A 1 23 ? 0.87074   -13.51662 7.67079   1.000 10.48893 ? 23  ASN   A N   1 
ATOM   163 C CA  . ASN   A 1 23 ? 1.61881   -13.78790 8.90121   1.000 10.80751 ? 23  ASN   A CA  1 
ATOM   164 C C   . ASN   A 1 23 ? 1.99534   -12.51187 9.65257   1.000 11.74550 ? 23  ASN   A C   1 
ATOM   165 O O   . ASN   A 1 23 ? 3.06270   -12.42919 10.26131  1.000 13.66486 ? 23  ASN   A O   1 
ATOM   166 C CB  . ASN   A 1 23 ? 2.85320   -14.65125 8.63261   1.000 14.99558 ? 23  ASN   A CB  1 
ATOM   167 C CG  . ASN   A 1 23 ? 2.50026   -16.01955 8.10022   1.000 20.23724 ? 23  ASN   A CG  1 
ATOM   168 O OD1 . ASN   A 1 23 ? 1.68132   -16.73386 8.68185   1.000 22.65999 ? 23  ASN   A OD1 1 
ATOM   169 N ND2 . ASN   A 1 23 ? 3.10507   -16.39076 6.97718   1.000 24.44442 ? 23  ASN   A ND2 1 
ATOM   170 N N   . GLY   A 1 24 ? 1.11829   -11.50920 9.61494   1.000 11.31361 ? 24  GLY   A N   1 
ATOM   171 C CA  . GLY   A 1 24 ? 1.37130   -10.27796 10.33459  1.000 10.47191 ? 24  GLY   A CA  1 
ATOM   172 C C   . GLY   A 1 24 ? 2.24434   -9.27420  9.61714   1.000 8.13327  ? 24  GLY   A C   1 
ATOM   173 O O   . GLY   A 1 24 ? 2.57724   -8.23881  10.20345  1.000 9.32985  ? 24  GLY   A O   1 
ATOM   174 N N   . LYS   A 1 25 ? 2.62378   -9.53930  8.37083   1.000 7.74416  ? 25  LYS   A N   1 
ATOM   175 C CA  . LYS   A 1 25 ? 3.47347   -8.63943  7.60178   1.000 8.34953  ? 25  LYS   A CA  1 
ATOM   176 C C   . LYS   A 1 25 ? 2.80449   -8.31854  6.27491   1.000 7.06731  ? 25  LYS   A C   1 
ATOM   177 O O   . LYS   A 1 25 ? 2.26746   -9.21304  5.61098   1.000 8.31217  ? 25  LYS   A O   1 
ATOM   178 C CB  . LYS   A 1 25 ? 4.84759   -9.27543  7.32557   1.000 9.33347  ? 25  LYS   A CB  1 
ATOM   179 C CG  . LYS   A 1 25 ? 5.70526   -9.49898  8.56342   1.000 12.16440 ? 25  LYS   A CG  1 
ATOM   180 C CD  . LYS   A 1 25 ? 7.09643   -9.97911  8.18363   1.000 18.61736 ? 25  LYS   A CD  1 
ATOM   181 C CE  . LYS   A 1 25 ? 8.01938   -9.99705  9.38597   0.000 24.99882 ? 25  LYS   A CE  1 
ATOM   182 N NZ  . LYS   A 1 25 ? 9.39444   -9.56970  9.01649   0.000 33.49433 ? 25  LYS   A NZ  1 
ATOM   183 N N   . ILE   A 1 26 ? 2.86462   -7.04887  5.87612   1.000 6.15940  ? 26  ILE   A N   1 
ATOM   184 C CA  . ILE   A 1 26 ? 2.34981   -6.59676  4.58868   1.000 5.77654  ? 26  ILE   A CA  1 
ATOM   185 C C   . ILE   A 1 26 ? 3.53505   -6.26341  3.69560   1.000 5.78981  ? 26  ILE   A C   1 
ATOM   186 O O   . ILE   A 1 26 ? 4.43993   -5.51814  4.10273   1.000 6.31251  ? 26  ILE   A O   1 
ATOM   187 C CB  . ILE   A 1 26 ? 1.40957   -5.38694  4.72388   1.000 6.56991  ? 26  ILE   A CB  1 
ATOM   188 C CG1 . ILE   A 1 26 ? 0.23580   -5.70153  5.65219   1.000 7.41758  ? 26  ILE   A CG1 1 
ATOM   189 C CG2 . ILE   A 1 26 ? 0.89608   -4.94973  3.35552   1.000 6.92027  ? 26  ILE   A CG2 1 
ATOM   190 C CD1 . ILE   A 1 26 ? -0.47502  -4.46082  6.13627   1.000 8.79655  ? 26  ILE   A CD1 1 
ATOM   191 N N   . THR   A 1 27 ? 3.53683   -6.83351  2.49400   1.000 6.32683  ? 27  THR   A N   1 
ATOM   192 C CA  . THR   A 1 27 ? 4.54441   -6.58517  1.47431   1.000 5.87500  ? 27  THR   A CA  1 
ATOM   193 C C   . THR   A 1 27 ? 3.84800   -6.21333  0.16515   1.000 5.59592  ? 27  THR   A C   1 
ATOM   194 O O   . THR   A 1 27 ? 2.61828   -6.25783  0.05159   1.000 5.92032  ? 27  THR   A O   1 
ATOM   195 C CB  . THR   A 1 27 ? 5.48227   -7.79095  1.30538   1.000 7.16194  ? 27  THR   A CB  1 
ATOM   196 O OG1 . THR   A 1 27 ? 4.72256   -8.96332  0.97374   1.000 7.82680  ? 27  THR   A OG1 1 
ATOM   197 C CG2 . THR   A 1 27 ? 6.28578   -8.03696  2.58318   1.000 7.64390  ? 27  THR   A CG2 1 
ATOM   198 N N   . GLU   A 1 28 ? 4.64983   -5.84896  -0.83638  1.000 5.89443  ? 28  GLU   A N   1 
ATOM   199 C CA  . GLU   A 1 28 ? 4.15482   -5.16495  -2.02526  1.000 5.25841  ? 28  GLU   A CA  1 
ATOM   200 C C   . GLU   A 1 28 ? 4.78868   -5.75857  -3.27620  1.000 5.35504  ? 28  GLU   A C   1 
ATOM   201 O O   . GLU   A 1 28 ? 6.01234   -5.92352  -3.34249  1.000 5.52779  ? 28  GLU   A O   1 
ATOM   202 C CB  . GLU   A 1 28 ? 4.48258   -3.66402  -1.92820  1.000 5.36248  ? 28  GLU   A CB  1 
ATOM   203 C CG  . GLU   A 1 28 ? 4.09189   -2.78653  -3.10378  1.000 5.81640  ? 28  GLU   A CG  1 
ATOM   204 C CD  . GLU   A 1 28 ? 4.70570   -1.39207  -3.01074  1.000 5.70504  ? 28  GLU   A CD  1 
ATOM   205 O OE1 . GLU   A 1 28 ? 5.91398   -1.30710  -2.71562  1.000 5.93185  ? 28  GLU   A OE1 1 
ATOM   206 O OE2 . GLU   A 1 28 ? 3.98637   -0.38917  -3.24065  1.000 6.36582  ? 28  GLU   A OE2 1 
ATOM   207 N N   . ARG   A 1 29 ? 3.94845   -6.05601  -4.26792  1.000 4.75873  ? 29  ARG   A N   1 
ATOM   208 C CA  . ARG   A 1 29 ? 4.37850   -6.46276  -5.60048  1.000 5.62708  ? 29  ARG   A CA  1 
ATOM   209 C C   . ARG   A 1 29 ? 3.91039   -5.41943  -6.60427  1.000 4.95750  ? 29  ARG   A C   1 
ATOM   210 O O   . ARG   A 1 29 ? 2.83991   -4.81946  -6.43816  1.000 5.36239  ? 29  ARG   A O   1 
ATOM   211 C CB  . ARG   A 1 29 ? 3.86090   -7.85673  -5.96935  1.000 5.43011  ? 29  ARG   A CB  1 
ATOM   212 C CG  . ARG   A 1 29 ? 4.47698   -8.95431  -5.11857  1.000 6.86469  ? 29  ARG   A CG  1 
ATOM   213 C CD  . ARG   A 1 29 ? 5.89708   -9.27573  -5.53253  1.000 7.31146  ? 29  ARG   A CD  1 
ATOM   214 N NE  . ARG   A 1 29 ? 5.92160   -10.09215 -6.74095  1.000 7.45607  ? 29  ARG   A NE  1 
ATOM   215 C CZ  . ARG   A 1 29 ? 7.02945   -10.45614 -7.37367  1.000 6.74208  ? 29  ARG   A CZ  1 
ATOM   216 N NH1 . ARG   A 1 29 ? 8.21920   -10.02785 -6.98254  1.000 8.70878  ? 29  ARG   A NH1 1 
ATOM   217 N NH2 . ARG   A 1 29 ? 6.94453   -11.27027 -8.42363  1.000 8.69914  ? 29  ARG   A NH2 1 
ATOM   218 N N   . CYS   A 1 30 ? 4.73825   -5.18465  -7.62632  1.000 4.70229  ? 30  CYS   A N   1 
ATOM   219 C CA  . CYS   A 1 30 ? 4.60429   -4.03637  -8.51101  1.000 5.65218  ? 30  CYS   A CA  1 
ATOM   220 C C   . CYS   A 1 30 ? 4.64904   -4.46810  -9.96886  1.000 5.68770  ? 30  CYS   A C   1 
ATOM   221 O O   . CYS   A 1 30 ? 5.43532   -5.34827  -10.34080 1.000 6.04964  ? 30  CYS   A O   1 
ATOM   222 C CB  . CYS   A 1 30 ? 5.76733   -3.06607  -8.30551  1.000 5.69302  ? 30  CYS   A CB  1 
ATOM   223 S SG  . CYS   A 1 30 ? 6.09918   -2.58992  -6.59664  1.000 5.81787  ? 30  CYS   A SG  1 
ATOM   224 N N   . TRP   A 1 31 ? 3.84077   -3.79742  -10.79231 1.000 6.00735  ? 31  TRP   A N   1 
ATOM   225 C CA  . TRP   A 1 31 ? 3.85890   -3.93484  -12.24121 1.000 6.35331  ? 31  TRP   A CA  1 
ATOM   226 C C   . TRP   A 1 31 ? 3.89691   -2.53841  -12.84005 1.000 5.00080  ? 31  TRP   A C   1 
ATOM   227 O O   . TRP   A 1 31 ? 3.11338   -1.67589  -12.43847 1.000 6.31533  ? 31  TRP   A O   1 
ATOM   228 C CB  . TRP   A 1 31 ? 2.59434   -4.67190  -12.72201 1.000 6.42136  ? 31  TRP   A CB  1 
ATOM   229 C CG  . TRP   A 1 31 ? 2.41671   -4.72659  -14.21590 1.000 6.15984  ? 31  TRP   A CG  1 
ATOM   230 C CD1 . TRP   A 1 31 ? 1.75860   -3.82407  -15.00790 1.000 7.02454  ? 31  TRP   A CD1 1 
ATOM   231 C CD2 . TRP   A 1 31 ? 2.88851   -5.75737  -15.08879 1.000 6.60541  ? 31  TRP   A CD2 1 
ATOM   232 N NE1 . TRP   A 1 31 ? 1.80496   -4.23201  -16.32440 1.000 7.45698  ? 31  TRP   A NE1 1 
ATOM   233 C CE2 . TRP   A 1 31 ? 2.49922   -5.41172  -16.39862 1.000 7.05878  ? 31  TRP   A CE2 1 
ATOM   234 C CE3 . TRP   A 1 31 ? 3.60540   -6.93783  -14.89014 1.000 7.07670  ? 31  TRP   A CE3 1 
ATOM   235 C CZ2 . TRP   A 1 31 ? 2.80020   -6.20562  -17.49821 1.000 7.64249  ? 31  TRP   A CZ2 1 
ATOM   236 C CZ3 . TRP   A 1 31 ? 3.90386   -7.72147  -15.98062 1.000 8.15680  ? 31  TRP   A CZ3 1 
ATOM   237 C CH2 . TRP   A 1 31 ? 3.50504   -7.35387  -17.26823 1.000 8.11400  ? 31  TRP   A CH2 1 
ATOM   238 N N   . ASP   A 1 32 ? 4.78253   -2.31970  -13.81290 1.000 6.98168  ? 32  ASP   A N   1 
ATOM   239 C CA  . ASP   A 1 32 ? 4.80711   -1.08004  -14.58049 1.000 8.34609  ? 32  ASP   A CA  1 
ATOM   240 C C   . ASP   A 1 32 ? 4.99010   -1.38716  -16.06101 1.000 8.72737  ? 32  ASP   A C   1 
ATOM   241 O O   . ASP   A 1 32 ? 5.64081   -0.63900  -16.79758 1.000 12.55464 ? 32  ASP   A O   1 
ATOM   242 C CB  . ASP   A 1 32 ? 5.85938   -0.10089  -14.05284 1.000 11.39439 ? 32  ASP   A CB  1 
ATOM   243 C CG  . ASP   A 1 32 ? 5.69755   0.18081   -12.56085 1.000 10.08916 ? 32  ASP   A CG  1 
ATOM   244 O OD1 . ASP   A 1 32 ? 6.16518   -0.63160  -11.73589 1.000 16.53599 ? 32  ASP   A OD1 1 
ATOM   245 O OD2 . ASP   A 1 32 ? 5.08312   1.19797   -12.18982 1.000 13.61172 ? 32  ASP   A OD2 1 
ATOM   246 N N   . GLY   A 1 33 ? 4.42055   -2.50488  -16.50894 1.000 8.35292  ? 33  GLY   A N   1 
ATOM   247 C CA  . GLY   A 1 33 ? 4.40085   -2.86953  -17.90488 1.000 9.12908  ? 33  GLY   A CA  1 
ATOM   248 C C   . GLY   A 1 33 ? 5.47596   -3.84107  -18.33447 1.000 9.32122  ? 33  GLY   A C   1 
ATOM   249 O O   . GLY   A 1 33 ? 5.43805   -4.30948  -19.47921 1.000 11.17319 ? 33  GLY   A O   1 
ATOM   250 N N   . LYS   A 1 34 ? 6.42133   -4.17850  -17.45410 1.000 8.86004  ? 34  LYS   A N   1 
ATOM   251 C CA  . LYS   A 1 34 ? 7.63652   -4.87754  -17.85983 1.000 9.42037  ? 34  LYS   A CA  1 
ATOM   252 C C   . LYS   A 1 34 ? 7.98679   -6.03604  -16.92918 1.000 7.04034  ? 34  LYS   A C   1 
ATOM   253 O O   . LYS   A 1 34 ? 9.15363   -6.43426  -16.84881 1.000 9.54983  ? 34  LYS   A O   1 
ATOM   254 C CB  . LYS   A 1 34 ? 8.80405   -3.89970  -17.98889 1.000 12.99740 ? 34  LYS   A CB  1 
ATOM   255 C CG  . LYS   A 1 34 ? 8.47376   -2.65813  -18.81019 1.000 13.90680 ? 34  LYS   A CG  1 
ATOM   256 C CD  . LYS   A 1 34 ? 9.71472   -1.90008  -19.23343 1.000 19.64029 ? 34  LYS   A CD  1 
ATOM   257 C CE  . LYS   A 1 34 ? 9.37586   -0.82750  -20.25913 1.000 28.35918 ? 34  LYS   A CE  1 
ATOM   258 N NZ  . LYS   A 1 34 ? 9.59710   0.55377   -19.74353 1.000 22.39965 ? 34  LYS   A NZ  1 
ATOM   259 N N   . GLY   A 1 35 ? 7.00156   -6.58964  -16.22525 1.000 6.96477  ? 35  GLY   A N   1 
ATOM   260 C CA  . GLY   A 1 35 ? 7.23057   -7.68829  -15.30627 1.000 6.97604  ? 35  GLY   A CA  1 
ATOM   261 C C   . GLY   A 1 35 ? 6.89863   -7.33594  -13.86828 1.000 7.43066  ? 35  GLY   A C   1 
ATOM   262 O O   . GLY   A 1 35 ? 6.95898   -6.16363  -13.48888 1.000 8.49929  ? 35  GLY   A O   1 
ATOM   263 N N   . TRP   A 1 36 ? 6.58024   -8.33189  -13.04618 1.000 6.30225  ? 36  TRP   A N   1 
ATOM   264 C CA  . TRP   A 1 36 ? 6.31029   -8.11241  -11.63046 1.000 6.92233  ? 36  TRP   A CA  1 
ATOM   265 C C   . TRP   A 1 36 ? 7.61335   -8.10666  -10.83928 1.000 5.48809  ? 36  TRP   A C   1 
ATOM   266 O O   . TRP   A 1 36 ? 8.53563   -8.87188  -11.13962 1.000 7.57429  ? 36  TRP   A O   1 
ATOM   267 C CB  . TRP   A 1 36 ? 5.36904   -9.19939  -11.09355 1.000 5.82499  ? 36  TRP   A CB  1 
ATOM   268 C CG  . TRP   A 1 36 ? 3.96164   -9.02656  -11.59586 1.000 5.88385  ? 36  TRP   A CG  1 
ATOM   269 C CD1 . TRP   A 1 36 ? 3.41633   -9.58654  -12.70679 1.000 6.22942  ? 36  TRP   A CD1 1 
ATOM   270 C CD2 . TRP   A 1 36 ? 2.94527   -8.19396  -11.02231 1.000 5.03810  ? 36  TRP   A CD2 1 
ATOM   271 N NE1 . TRP   A 1 36 ? 2.12124   -9.15805  -12.86538 1.000 5.88921  ? 36  TRP   A NE1 1 
ATOM   272 C CE2 . TRP   A 1 36 ? 1.80270   -8.30777  -11.84031 1.000 5.56649  ? 36  TRP   A CE2 1 
ATOM   273 C CE3 . TRP   A 1 36 ? 2.89099   -7.36632  -9.89332  1.000 5.90246  ? 36  TRP   A CE3 1 
ATOM   274 C CZ2 . TRP   A 1 36 ? 0.61039   -7.63568  -11.55825 1.000 5.53166  ? 36  TRP   A CZ2 1 
ATOM   275 C CZ3 . TRP   A 1 36 ? 1.71553   -6.68915  -9.61463  1.000 5.21473  ? 36  TRP   A CZ3 1 
ATOM   276 C CH2 . TRP   A 1 36 ? 0.58812   -6.82755  -10.44405 1.000 5.46082  ? 36  TRP   A CH2 1 
ATOM   277 N N   . TYR   A 1 37 ? 7.67215   -7.25800  -9.81636  1.000 5.06501  ? 37  TYR   A N   1 
ATOM   278 C CA  . TYR   A 1 37 ? 8.84798   -7.15709  -8.96685  1.000 6.61480  ? 37  TYR   A CA  1 
ATOM   279 C C   . TYR   A 1 37 ? 8.41546   -6.69081  -7.58216  1.000 5.20562  ? 37  TYR   A C   1 
ATOM   280 O O   . TYR   A 1 37 ? 7.29607   -6.20371  -7.38487  1.000 6.44279  ? 37  TYR   A O   1 
ATOM   281 C CB  . TYR   A 1 37 ? 9.89458   -6.22698  -9.58668  1.000 7.32163  ? 37  TYR   A CB  1 
ATOM   282 C CG  . TYR   A 1 37 ? 9.41098   -4.80406  -9.74419  1.000 6.69079  ? 37  TYR   A CG  1 
ATOM   283 C CD1 . TYR   A 1 37 ? 8.71309   -4.40791  -10.87976 1.000 7.78162  ? 37  TYR   A CD1 1 
ATOM   284 C CD2 . TYR   A 1 37 ? 9.65132   -3.85810  -8.75430  1.000 7.55162  ? 37  TYR   A CD2 1 
ATOM   285 C CE1 . TYR   A 1 37 ? 8.26853   -3.12113  -11.02576 1.000 7.83206  ? 37  TYR   A CE1 1 
ATOM   286 C CE2 . TYR   A 1 37 ? 9.21084   -2.57007  -8.89136  1.000 7.35115  ? 37  TYR   A CE2 1 
ATOM   287 C CZ  . TYR   A 1 37 ? 8.52792   -2.20368  -10.03073 1.000 6.96737  ? 37  TYR   A CZ  1 
ATOM   288 O OH  . TYR   A 1 37 ? 8.07934   -0.91722  -10.16433 1.000 7.87584  ? 37  TYR   A OH  1 
ATOM   289 N N   . THR   A 1 38 ? 9.32124   -6.81948  -6.61966  1.000 5.93320  ? 38  THR   A N   1 
ATOM   290 C CA  . THR   A 1 38 ? 8.98412   -6.53040  -5.23259  1.000 5.98126  ? 38  THR   A CA  1 
ATOM   291 C C   . THR   A 1 38 ? 9.25066   -5.06639  -4.91089  1.000 5.60543  ? 38  THR   A C   1 
ATOM   292 O O   . THR   A 1 38 ? 10.33641  -4.54402  -5.18989  1.000 6.95424  ? 38  THR   A O   1 
ATOM   293 C CB  . THR   A 1 38 ? 9.76465   -7.46253  -4.31570  1.000 6.06154  ? 38  THR   A CB  1 
ATOM   294 O OG1 . THR   A 1 38 ? 9.32267   -8.79425  -4.58497  1.000 7.56796  ? 38  THR   A OG1 1 
ATOM   295 C CG2 . THR   A 1 38 ? 9.53213   -7.12669  -2.83986  1.000 7.42289  ? 38  THR   A CG2 1 
ATOM   296 N N   . GLY   A 1 39 ? 8.25225   -4.40512  -4.32394  1.000 5.49077  ? 39  GLY   A N   1 
ATOM   297 C CA  . GLY   A 1 39 ? 8.35490   -3.00402  -3.97368  1.000 6.64595  ? 39  GLY   A CA  1 
ATOM   298 C C   . GLY   A 1 39 ? 8.96009   -2.77325  -2.59744  1.000 5.63817  ? 39  GLY   A C   1 
ATOM   299 O O   . GLY   A 1 39 ? 9.24910   -3.69975  -1.84400  1.000 6.32528  ? 39  GLY   A O   1 
ATOM   300 N N   . ALA   A 1 40 ? 9.11378   -1.49118  -2.25877  1.000 5.45199  ? 40  ALA   A N   1 
ATOM   301 C CA  . ALA   A 1 40 ? 9.76825   -1.09423  -1.02040  1.000 6.35641  ? 40  ALA   A CA  1 
ATOM   302 C C   . ALA   A 1 40 ? 8.88945   -1.23398  0.21613   1.000 5.83951  ? 40  ALA   A C   1 
ATOM   303 O O   . ALA   A 1 40 ? 9.42009   -1.17756  1.33299   1.000 7.27082  ? 40  ALA   A O   1 
ATOM   304 C CB  . ALA   A 1 40 ? 10.24080  0.35563   -1.12852  1.000 8.14986  ? 40  ALA   A CB  1 
ATOM   305 N N   . PHE   A 1 41 ? 7.57860   -1.39928  0.06304   1.000 5.60833  ? 41  PHE   A N   1 
ATOM   306 C CA  . PHE   A 1 41 ? 6.69277   -1.37748  1.22311   1.000 5.34139  ? 41  PHE   A CA  1 
ATOM   307 C C   . PHE   A 1 41 ? 6.87257   -2.62214  2.08613   1.000 5.63260  ? 41  PHE   A C   1 
ATOM   308 O O   . PHE   A 1 41 ? 6.72824   -3.74527  1.59849   1.000 6.98381  ? 41  PHE   A O   1 
ATOM   309 C CB  . PHE   A 1 41 ? 5.23656   -1.30712  0.76727   1.000 5.70441  ? 41  PHE   A CB  1 
ATOM   310 C CG  . PHE   A 1 41 ? 4.26361   -1.16492  1.89799   1.000 4.97299  ? 41  PHE   A CG  1 
ATOM   311 C CD1 . PHE   A 1 41 ? 3.81197   -2.26868  2.59810   1.000 6.46614  ? 41  PHE   A CD1 1 
ATOM   312 C CD2 . PHE   A 1 41 ? 3.81614   0.09742   2.28108   1.000 7.29405  ? 41  PHE   A CD2 1 
ATOM   313 C CE1 . PHE   A 1 41 ? 2.93578   -2.11580  3.66423   1.000 7.61233  ? 41  PHE   A CE1 1 
ATOM   314 C CE2 . PHE   A 1 41 ? 2.92532   0.25228   3.33929   1.000 7.18347  ? 41  PHE   A CE2 1 
ATOM   315 C CZ  . PHE   A 1 41 ? 2.48717   -0.85992  4.02445   1.000 6.38750  ? 41  PHE   A CZ  1 
ATOM   316 N N   . ASN   A 1 42 ? 7.15431   -2.42066  3.37572   1.000 6.28692  ? 42  ASN   A N   1 
ATOM   317 C CA  . ASN   A 1 42 ? 7.22446   -3.51189  4.34818   1.000 6.04888  ? 42  ASN   A CA  1 
ATOM   318 C C   . ASN   A 1 42 ? 6.73941   -2.95426  5.67893   1.000 5.41526  ? 42  ASN   A C   1 
ATOM   319 O O   . ASN   A 1 42 ? 7.46409   -2.17808  6.30910   1.000 7.34166  ? 42  ASN   A O   1 
ATOM   320 C CB  . ASN   A 1 42 ? 8.66380   -4.01098  4.53384   1.000 9.17113  ? 42  ASN   A CB  1 
ATOM   321 C CG  . ASN   A 1 42 ? 9.22855   -4.70119  3.31923   1.000 9.13433  ? 42  ASN   A CG  1 
ATOM   322 O OD1 . ASN   A 1 42 ? 9.17602   -5.92554  3.21275   1.000 12.56209 ? 42  ASN   A OD1 1 
ATOM   323 N ND2 . ASN   A 1 42 ? 9.82098   -3.92786  2.42093   1.000 11.42936 ? 42  ASN   A ND2 1 
ATOM   324 N N   . GLU   A 1 43 ? 5.53823   -3.33553  6.11639   1.000 6.06526  ? 43  GLU   A N   1 
ATOM   325 C CA  . GLU   A 1 43 ? 5.00877   -2.83699  7.38266   1.000 5.07939  ? 43  GLU   A CA  1 
ATOM   326 C C   . GLU   A 1 43 ? 4.21328   -3.92690  8.08324   1.000 5.95527  ? 43  GLU   A C   1 
ATOM   327 O O   . GLU   A 1 43 ? 3.64704   -4.80579  7.42734   1.000 6.68900  ? 43  GLU   A O   1 
ATOM   328 C CB  . GLU   A 1 43 ? 4.10795   -1.60032  7.20663   1.000 6.81068  ? 43  GLU   A CB  1 
ATOM   329 C CG  . GLU   A 1 43 ? 4.76659   -0.40563  6.53004   1.000 7.25182  ? 43  GLU   A CG  1 
ATOM   330 C CD  . GLU   A 1 43 ? 5.93262   0.18963   7.30078   1.000 6.53696  ? 43  GLU   A CD  1 
ATOM   331 O OE1 . GLU   A 1 43 ? 6.18821   -0.18938  8.46800   1.000 7.21087  ? 43  GLU   A OE1 1 
ATOM   332 O OE2 . GLU   A 1 43 ? 6.61972   1.04825   6.70230   1.000 7.04296  ? 43  GLU   A OE2 1 
ATOM   333 N N   . PRO   A 1 44 ? 4.12429   -3.87713  9.40918   1.000 6.79679  ? 44  PRO   A N   1 
ATOM   334 C CA  . PRO   A 1 44 ? 3.30730   -4.86826  10.12591  1.000 7.15219  ? 44  PRO   A CA  1 
ATOM   335 C C   . PRO   A 1 44 ? 1.82375   -4.67198  9.86241   1.000 7.19073  ? 44  PRO   A C   1 
ATOM   336 O O   . PRO   A 1 44 ? 1.34044   -3.54225  9.75148   1.000 7.69406  ? 44  PRO   A O   1 
ATOM   337 C CB  . PRO   A 1 44 ? 3.63058   -4.59918  11.60055  1.000 9.83237  ? 44  PRO   A CB  1 
ATOM   338 C CG  . PRO   A 1 44 ? 4.88114   -3.78276  11.59977  1.000 16.12947 ? 44  PRO   A CG  1 
ATOM   339 C CD  . PRO   A 1 44 ? 4.87919   -3.00353  10.32447  1.000 7.43297  ? 44  PRO   A CD  1 
ATOM   340 N N   . GLY   A 1 45 ? 1.09646   -5.78544  9.78871   1.000 7.77496  ? 45  GLY   A N   1 
ATOM   341 C CA  . GLY   A 1 45 ? -0.34101  -5.71277  9.65803   1.000 7.60103  ? 45  GLY   A CA  1 
ATOM   342 C C   . GLY   A 1 45 ? -0.99679  -7.03430  9.32555   1.000 6.51762  ? 45  GLY   A C   1 
ATOM   343 O O   . GLY   A 1 45 ? -0.41942  -7.88658  8.64210   1.000 7.69158  ? 45  GLY   A O   1 
ATOM   344 N N   . ASP   A 1 46 ? -2.22293  -7.19728  9.82011   1.000 6.80938  ? 46  ASP   A N   1 
ATOM   345 C CA  . ASP   A 1 46 ? -3.05854  -8.34351  9.51220   1.000 6.94658  ? 46  ASP   A CA  1 
ATOM   346 C C   . ASP   A 1 46 ? -4.15244  -8.01998  8.50256   1.000 5.97949  ? 46  ASP   A C   1 
ATOM   347 O O   . ASP   A 1 46 ? -4.69192  -8.93790  7.87774   1.000 8.55706  ? 46  ASP   A O   1 
ATOM   348 C CB  . ASP   A 1 46 ? -3.69433  -8.88924  10.79687  1.000 10.50886 ? 46  ASP   A CB  1 
ATOM   349 C CG  . ASP   A 1 46 ? -2.67207  -9.52043  11.73861  1.000 11.16245 ? 46  ASP   A CG  1 
ATOM   350 O OD1 . ASP   A 1 46 ? -1.79623  -10.26648 11.26113  1.000 15.32690 ? 46  ASP   A OD1 1 
ATOM   351 O OD2 . ASP   A 1 46 ? -2.73875  -9.26320  12.95606  1.000 16.90028 ? 46  ASP   A OD2 1 
ATOM   352 N N   . ASN   A 1 47 ? -4.46612  -6.74324  8.31388   1.000 5.93469  ? 47  ASN   A N   1 
ATOM   353 C CA  . ASN   A 1 47 ? -5.50908  -6.28098  7.41517   1.000 5.76166  ? 47  ASN   A CA  1 
ATOM   354 C C   . ASN   A 1 47 ? -4.95565  -5.11356  6.61793   1.000 5.43513  ? 47  ASN   A C   1 
ATOM   355 O O   . ASN   A 1 47 ? -4.19689  -4.30235  7.15421   1.000 6.04894  ? 47  ASN   A O   1 
ATOM   356 C CB  . ASN   A 1 47 ? -6.71794  -5.80170  8.22263   1.000 7.02448  ? 47  ASN   A CB  1 
ATOM   357 C CG  . ASN   A 1 47 ? -7.81234  -5.23421  7.34568   1.000 6.98091  ? 47  ASN   A CG  1 
ATOM   358 O OD1 . ASN   A 1 47 ? -7.93903  -4.01701  7.16311   1.000 6.61631  ? 47  ASN   A OD1 1 
ATOM   359 N ND2 . ASN   A 1 47 ? -8.61825  -6.11935  6.78720   1.000 7.80831  ? 47  ASN   A ND2 1 
ATOM   360 N N   . VAL   A 1 48 ? -5.33835  -5.01666  5.34089   1.000 5.82262  ? 48  VAL   A N   1 
ATOM   361 C CA  . VAL   A 1 48 ? -4.79182  -3.98624  4.46599   1.000 5.35877  ? 48  VAL   A CA  1 
ATOM   362 C C   . VAL   A 1 48 ? -5.85635  -3.42534  3.52662   1.000 5.34868  ? 48  VAL   A C   1 
ATOM   363 O O   . VAL   A 1 48 ? -6.66915  -4.16928  2.96476   1.000 6.08032  ? 48  VAL   A O   1 
ATOM   364 C CB  . VAL   A 1 48 ? -3.54837  -4.49393  3.70000   1.000 6.36309  ? 48  VAL   A CB  1 
ATOM   365 C CG1 . VAL   A 1 48 ? -3.88791  -5.67005  2.78804   1.000 6.51962  ? 48  VAL   A CG1 1 
ATOM   366 C CG2 . VAL   A 1 48 ? -2.87471  -3.36401  2.91748   1.000 7.42214  ? 48  VAL   A CG2 1 
ATOM   367 N N   . SER   A 1 49 ? -5.84023  -2.10022  3.35801   1.000 5.09506  ? 49  SER   A N   1 
ATOM   368 C CA  . SER   A 1 49 ? -6.54629  -1.43758  2.27353   1.000 4.72459  ? 49  SER   A CA  1 
ATOM   369 C C   . SER   A 1 49 ? -5.63342  -0.36916  1.69431   1.000 4.92192  ? 49  SER   A C   1 
ATOM   370 O O   . SER   A 1 49 ? -4.61786  -0.00467  2.29378   1.000 4.98049  ? 49  SER   A O   1 
ATOM   371 C CB  . SER   A 1 49 ? -7.87443  -0.81135  2.72657   1.000 5.34719  ? 49  SER   A CB  1 
ATOM   372 O OG  . SER   A 1 49 ? -7.67473  0.27756   3.60734   1.000 5.77790  ? 49  SER   A OG  1 
ATOM   373 N N   . VAL   A 1 50 ? -5.98102  0.12235   0.50355   1.000 5.06499  ? 50  VAL   A N   1 
ATOM   374 C CA  . VAL   A 1 50 ? -5.11947  1.07165   -0.19365  1.000 4.26106  ? 50  VAL   A CA  1 
ATOM   375 C C   . VAL   A 1 50 ? -5.95690  1.99320   -1.06707  1.000 4.57554  ? 50  VAL   A C   1 
ATOM   376 O O   . VAL   A 1 50 ? -7.01519  1.60805   -1.57139  1.000 5.96225  ? 50  VAL   A O   1 
ATOM   377 C CB  . VAL   A 1 50 ? -4.03631  0.34767   -1.03083  1.000 6.00744  ? 50  VAL   A CB  1 
ATOM   378 C CG1 . VAL   A 1 50 ? -4.67043  -0.46818  -2.14804  1.000 6.76040  ? 50  VAL   A CG1 1 
ATOM   379 C CG2 . VAL   A 1 50 ? -3.00785  1.34965   -1.58112  1.000 5.97329  ? 50  VAL   A CG2 1 
ATOM   380 N N   . THR   A 1 51 ? -5.46559  3.22043   -1.24755  1.000 4.46449  ? 51  THR   A N   1 
ATOM   381 C CA  . THR   A 1 51 ? -5.96290  4.12841   -2.26385  1.000 5.35961  ? 51  THR   A CA  1 
ATOM   382 C C   . THR   A 1 51 ? -4.78320  4.94096   -2.79066  1.000 4.79511  ? 51  THR   A C   1 
ATOM   383 O O   . THR   A 1 51 ? -3.73731  5.04139   -2.13754  1.000 6.08160  ? 51  THR   A O   1 
ATOM   384 C CB  . THR   A 1 51 ? -7.09327  5.01679   -1.70416  1.000 5.79557  ? 51  THR   A CB  1 
ATOM   385 O OG1 . THR   A 1 51 ? -7.73947  5.71261   -2.77471  1.000 6.66120  ? 51  THR   A OG1 1 
ATOM   386 C CG2 . THR   A 1 51 ? -6.56453  6.03266   -0.69699  1.000 7.17511  ? 51  THR   A CG2 1 
ATOM   387 N N   . SER   A 1 52 ? -4.93749  5.50209   -3.99020  1.000 5.77174  ? 52  SER   A N   1 
ATOM   388 C CA  . SER   A 1 52 ? -3.87091  6.31428   -4.56214  1.000 5.53805  ? 52  SER   A CA  1 
ATOM   389 C C   . SER   A 1 52 ? -4.46644  7.37384   -5.47431  1.000 5.43576  ? 52  SER   A C   1 
ATOM   390 O O   . SER   A 1 52 ? -5.57974  7.22851   -5.97853  1.000 6.15971  ? 52  SER   A O   1 
ATOM   391 C CB  . SER   A 1 52 ? -2.84858  5.47521   -5.33810  1.000 6.22514  ? 52  SER   A CB  1 
ATOM   392 O OG  . SER   A 1 52 ? -3.42424  4.88780   -6.49649  1.000 6.00892  ? 52  SER   A OG  1 
ATOM   393 N N   . TRP   A 1 53 ? -3.69160  8.43645   -5.70122  1.000 5.55073  ? 53  TRP   A N   1 
ATOM   394 C CA  . TRP   A 1 53 ? -4.09672  9.51721   -6.58610  1.000 6.64268  ? 53  TRP   A CA  1 
ATOM   395 C C   . TRP   A 1 53 ? -2.86169  10.17141  -7.19449  1.000 6.01038  ? 53  TRP   A C   1 
ATOM   396 O O   . TRP   A 1 53 ? -1.77322  10.14926  -6.61700  1.000 6.88831  ? 53  TRP   A O   1 
ATOM   397 C CB  . TRP   A 1 53 ? -4.93862  10.57590  -5.84846  1.000 8.27164  ? 53  TRP   A CB  1 
ATOM   398 C CG  . TRP   A 1 53 ? -4.16008  11.31622  -4.80521  1.000 7.62279  ? 53  TRP   A CG  1 
ATOM   399 C CD1 . TRP   A 1 53 ? -3.49836  12.49716  -4.96276  1.000 7.45404  ? 53  TRP   A CD1 1 
ATOM   400 C CD2 . TRP   A 1 53 ? -3.93618  10.90329  -3.45266  1.000 6.62624  ? 53  TRP   A CD2 1 
ATOM   401 N NE1 . TRP   A 1 53 ? -2.88205  12.85332  -3.78802  1.000 8.32497  ? 53  TRP   A NE1 1 
ATOM   402 C CE2 . TRP   A 1 53 ? -3.13493  11.89074  -2.84524  1.000 7.32617  ? 53  TRP   A CE2 1 
ATOM   403 C CE3 . TRP   A 1 53 ? -4.34071  9.79942   -2.69333  1.000 6.33231  ? 53  TRP   A CE3 1 
ATOM   404 C CZ2 . TRP   A 1 53 ? -2.72007  11.80083  -1.51882  1.000 7.11413  ? 53  TRP   A CZ2 1 
ATOM   405 C CZ3 . TRP   A 1 53 ? -3.92852  9.72086   -1.37266  1.000 8.68981  ? 53  TRP   A CZ3 1 
ATOM   406 C CH2 . TRP   A 1 53 ? -3.12899  10.71732  -0.80098  1.000 7.37857  ? 53  TRP   A CH2 1 
ATOM   407 N N   . LEU   A 1 54 ? -3.05725  10.78185  -8.35746  1.000 7.67423  ? 54  LEU   A N   1 
ATOM   408 C CA  . LEU   A 1 54 ? -2.00449  11.49620  -9.06679  1.000 7.05282  ? 54  LEU   A CA  1 
ATOM   409 C C   . LEU   A 1 54 ? -2.16142  12.99727  -8.87975  1.000 8.88449  ? 54  LEU   A C   1 
ATOM   410 O O   . LEU   A 1 54 ? -3.27922  13.51859  -8.87448  1.000 11.01658 ? 54  LEU   A O   1 
ATOM   411 C CB  . LEU   A 1 54 ? -2.08513  11.21108  -10.56468 1.000 9.90407  ? 54  LEU   A CB  1 
ATOM   412 C CG  . LEU   A 1 54 ? -1.59896  9.83500   -11.00427 1.000 11.03869 ? 54  LEU   A CG  1 
ATOM   413 C CD1 . LEU   A 1 54 ? -2.10466  9.53521   -12.40072 1.000 11.43468 ? 54  LEU   A CD1 1 
ATOM   414 C CD2 . LEU   A 1 54 ? -0.08014  9.77607   -10.95665 1.000 11.42385 ? 54  LEU   A CD2 1 
ATOM   415 N N   . VAL   A 1 55 ? -1.03162  13.68603  -8.76074  1.000 8.79776  ? 55  VAL   A N   1 
ATOM   416 C CA  . VAL   A 1 55 ? -0.94646  15.13461  -8.91568  1.000 8.74141  ? 55  VAL   A CA  1 
ATOM   417 C C   . VAL   A 1 55 ? 0.09353   15.35735  -10.00156 1.000 9.29220  ? 55  VAL   A C   1 
ATOM   418 O O   . VAL   A 1 55 ? 1.28605   15.14213  -9.76742  1.000 9.50347  ? 55  VAL   A O   1 
ATOM   419 C CB  . VAL   A 1 55 ? -0.53613  15.82524  -7.60668  1.000 11.74065 ? 55  VAL   A CB  1 
ATOM   420 C CG1 . VAL   A 1 55 ? -0.49791  17.33683  -7.77945  1.000 15.50168 ? 55  VAL   A CG1 1 
ATOM   421 C CG2 . VAL   A 1 55 ? -1.48151  15.43727  -6.47104  1.000 12.44390 ? 55  VAL   A CG2 1 
ATOM   422 N N   . GLY   A 1 56 ? -0.34821  15.75022  -11.19229 1.000 11.04490 ? 56  GLY   A N   1 
ATOM   423 C CA  . GLY   A 1 56 ? 0.57652   15.80059  -12.31674 1.000 10.57091 ? 56  GLY   A CA  1 
ATOM   424 C C   . GLY   A 1 56 ? 1.13930   14.41775  -12.59547 1.000 10.39873 ? 56  GLY   A C   1 
ATOM   425 O O   . GLY   A 1 56 ? 0.40344   13.43508  -12.73885 1.000 11.63371 ? 56  GLY   A O   1 
ATOM   426 N N   . SER   A 1 57 ? 2.46303   14.32376  -12.65693 1.000 10.06802 ? 57  SER   A N   1 
ATOM   427 C CA  . SER   A 1 57 ? 3.12999   13.04869  -12.87584 1.000 10.05723 ? 57  SER   A CA  1 
ATOM   428 C C   . SER   A 1 57 ? 3.51819   12.33826  -11.58021 1.000 12.09529 ? 57  SER   A C   1 
ATOM   429 O O   . SER   A 1 57 ? 4.20143   11.30721  -11.63873 1.000 15.21197 ? 57  SER   A O   1 
ATOM   430 C CB  . SER   A 1 57 ? 4.35138   13.23619  -13.78237 1.000 13.63640 ? 57  SER   A CB  1 
ATOM   431 O OG  . SER   A 1 57 ? 3.95848   13.73306  -15.05573 1.000 13.07440 ? 57  SER   A OG  1 
ATOM   432 N N   . ALA   A 1 58 ? 3.08918   12.84499  -10.42296 1.000 8.54904  ? 58  ALA   A N   1 
ATOM   433 C CA  . ALA   A 1 58 ? 3.48257   12.30304  -9.12718  1.000 10.29214 ? 58  ALA   A CA  1 
ATOM   434 C C   . ALA   A 1 58 ? 2.36301   11.44922  -8.53385  1.000 7.77765  ? 58  ALA   A C   1 
ATOM   435 O O   . ALA   A 1 58 ? 1.25809   11.94781  -8.28836  1.000 10.06125 ? 58  ALA   A O   1 
ATOM   436 C CB  . ALA   A 1 58 ? 3.83865   13.43570  -8.16498  1.000 13.54225 ? 58  ALA   A CB  1 
ATOM   437 N N   . ILE   A 1 59 ? 2.66593   10.17543  -8.26745  1.000 8.68675  ? 59  ILE   A N   1 
ATOM   438 C CA  . ILE   A 1 59 ? 1.73737   9.28442   -7.57591  1.000 6.25183  ? 59  ILE   A CA  1 
ATOM   439 C C   . ILE   A 1 59 ? 1.84620   9.47835   -6.06818  1.000 6.79544  ? 59  ILE   A C   1 
ATOM   440 O O   . ILE   A 1 59 ? 2.92472   9.72904   -5.51590  1.000 7.80240  ? 59  ILE   A O   1 
ATOM   441 C CB  . ILE   A 1 59 ? 1.98706   7.81361   -7.96424  1.000 8.36088  ? 59  ILE   A CB  1 
ATOM   442 C CG1 . ILE   A 1 59 ? 0.88491   6.89891   -7.41299  1.000 7.99716  ? 59  ILE   A CG1 1 
ATOM   443 C CG2 . ILE   A 1 59 ? 3.34511   7.34149   -7.43482  1.000 9.13545  ? 59  ILE   A CG2 1 
ATOM   444 C CD1 . ILE   A 1 59 ? -0.49152  7.18852   -7.98316  1.000 8.08789  ? 59  ILE   A CD1 1 
ATOM   445 N N   . HIS   A 1 60 ? 0.70706   9.35027   -5.39859  1.000 6.55064  ? 60  HIS   A N   1 
ATOM   446 C CA  . HIS   A 1 60 ? 0.60768   9.35518   -3.94634  1.000 6.40720  ? 60  HIS   A CA  1 
ATOM   447 C C   . HIS   A 1 60 ? -0.20778  8.13837   -3.54207  1.000 5.23767  ? 60  HIS   A C   1 
ATOM   448 O O   . HIS   A 1 60 ? -1.31288  7.94298   -4.05312  1.000 7.36896  ? 60  HIS   A O   1 
ATOM   449 C CB  . HIS   A 1 60 ? -0.07316  10.63928  -3.48235  1.000 6.54472  ? 60  HIS   A CB  1 
ATOM   450 C CG  . HIS   A 1 60 ? 0.67038   11.87137  -3.88849  1.000 7.37717  ? 60  HIS   A CG  1 
ATOM   451 N ND1 . HIS   A 1 60 ? 1.65888   12.43593  -3.10885  1.000 7.50453  ? 60  HIS   A ND1 1 
ATOM   452 C CD2 . HIS   A 1 60 ? 0.61369   12.61154  -5.02073  1.000 8.21578  ? 60  HIS   A CD2 1 
ATOM   453 C CE1 . HIS   A 1 60 ? 2.16396   13.48505  -3.73526  1.000 8.37452  ? 60  HIS   A CE1 1 
ATOM   454 N NE2 . HIS   A 1 60 ? 1.54832   13.61220  -4.89775  1.000 10.61439 ? 60  HIS   A NE2 1 
ATOM   455 N N   . ILE   A 1 61 ? 0.34246   7.31105   -2.65435  1.000 5.59559  ? 61  ILE   A N   1 
ATOM   456 C CA  . ILE   A 1 61 ? -0.29251  6.07206   -2.22853  1.000 5.18601  ? 61  ILE   A CA  1 
ATOM   457 C C   . ILE   A 1 61 ? -0.49406  6.13637   -0.72282  1.000 4.82625  ? 61  ILE   A C   1 
ATOM   458 O O   . ILE   A 1 61 ? 0.39846   6.57797   0.00355   1.000 5.00619  ? 61  ILE   A O   1 
ATOM   459 C CB  . ILE   A 1 61 ? 0.55105   4.82877   -2.59185  1.000 4.68718  ? 61  ILE   A CB  1 
ATOM   460 C CG1 . ILE   A 1 61 ? 1.03407   4.86989   -4.04359  1.000 6.65083  ? 61  ILE   A CG1 1 
ATOM   461 C CG2 . ILE   A 1 61 ? -0.24940  3.56020   -2.32926  1.000 5.42858  ? 61  ILE   A CG2 1 
ATOM   462 C CD1 . ILE   A 1 61 ? 2.06705   3.80792   -4.37570  1.000 7.17980  ? 61  ILE   A CD1 1 
ATOM   463 N N   . ARG   A 1 62 ? -1.64832  5.67090   -0.25057  1.000 5.15049  ? 62  ARG   A N   1 
ATOM   464 C CA  . ARG   A 1 62 ? -1.92238  5.54205   1.17668   1.000 4.90732  ? 62  ARG   A CA  1 
ATOM   465 C C   . ARG   A 1 62 ? -2.35374  4.11014   1.44673   1.000 4.14526  ? 62  ARG   A C   1 
ATOM   466 O O   . ARG   A 1 62 ? -3.33628  3.63771   0.86317   1.000 5.49430  ? 62  ARG   A O   1 
ATOM   467 C CB  . ARG   A 1 62 ? -3.00174  6.52581   1.63762   1.000 6.15708  ? 62  ARG   A CB  1 
ATOM   468 C CG  . ARG   A 1 62 ? -2.61764  7.99379   1.46381   1.000 5.63366  ? 62  ARG   A CG  1 
ATOM   469 C CD  . ARG   A 1 62 ? -1.42427  8.38575   2.32125   1.000 5.95936  ? 62  ARG   A CD  1 
ATOM   470 N NE  . ARG   A 1 62 ? -1.05641  9.79130   2.17489   1.000 6.45244  ? 62  ARG   A NE  1 
ATOM   471 C CZ  . ARG   A 1 62 ? -0.18255  10.25754  1.29391   1.000 5.63632  ? 62  ARG   A CZ  1 
ATOM   472 N NH1 . ARG   A 1 62 ? 0.45822   9.45735   0.46005   1.000 5.98037  ? 62  ARG   A NH1 1 
ATOM   473 N NH2 . ARG   A 1 62 ? 0.06135   11.56298  1.24805   1.000 6.48808  ? 62  ARG   A NH2 1 
ATOM   474 N N   . VAL   A 1 63 ? -1.61393  3.42927   2.32032   1.000 5.40995  ? 63  VAL   A N   1 
ATOM   475 C CA  . VAL   A 1 63 ? -1.90448  2.06110   2.73209   1.000 5.00518  ? 63  VAL   A CA  1 
ATOM   476 C C   . VAL   A 1 63 ? -2.34879  2.10149   4.18856   1.000 5.07746  ? 63  VAL   A C   1 
ATOM   477 O O   . VAL   A 1 63 ? -1.66790  2.69585   5.03508   1.000 6.53664  ? 63  VAL   A O   1 
ATOM   478 C CB  . VAL   A 1 63 ? -0.67960  1.14661   2.54405   1.000 5.12123  ? 63  VAL   A CB  1 
ATOM   479 C CG1 . VAL   A 1 63 ? -0.97984  -0.25672  3.06043   1.000 6.27246  ? 63  VAL   A CG1 1 
ATOM   480 C CG2 . VAL   A 1 63 ? -0.25933  1.10272   1.07599   1.000 6.48671  ? 63  VAL   A CG2 1 
ATOM   481 N N   . TYR   A 1 64 ? -3.48180  1.46209   4.47998   1.000 5.24754  ? 64  TYR   A N   1 
ATOM   482 C CA  . TYR   A 1 64 ? -4.03605  1.40893   5.83148   1.000 5.42714  ? 64  TYR   A CA  1 
ATOM   483 C C   . TYR   A 1 64 ? -3.81333  0.00280   6.37028   1.000 5.60710  ? 64  TYR   A C   1 
ATOM   484 O O   . TYR   A 1 64 ? -4.40503  -0.95846  5.86826   1.000 5.38762  ? 64  TYR   A O   1 
ATOM   485 C CB  . TYR   A 1 64 ? -5.50733  1.85772   5.85897   1.000 5.69154  ? 64  TYR   A CB  1 
ATOM   486 C CG  . TYR   A 1 64 ? -5.58717  3.28398   5.37559   1.000 5.00532  ? 64  TYR   A CG  1 
ATOM   487 C CD1 . TYR   A 1 64 ? -5.37741  4.34695   6.24744   1.000 5.27178  ? 64  TYR   A CD1 1 
ATOM   488 C CD2 . TYR   A 1 64 ? -5.75477  3.57090   4.02636   1.000 5.77892  ? 64  TYR   A CD2 1 
ATOM   489 C CE1 . TYR   A 1 64 ? -5.36525  5.64850   5.78785   1.000 5.67574  ? 64  TYR   A CE1 1 
ATOM   490 C CE2 . TYR   A 1 64 ? -5.75575  4.86257   3.56397   1.000 4.95925  ? 64  TYR   A CE2 1 
ATOM   491 C CZ  . TYR   A 1 64 ? -5.54026  5.90294   4.44017   1.000 5.30224  ? 64  TYR   A CZ  1 
ATOM   492 O OH  . TYR   A 1 64 ? -5.50673  7.18875   3.94269   1.000 5.15614  ? 64  TYR   A OH  1 
ATOM   493 N N   . ALA   A 1 65 ? -2.91582  -0.12040  7.34362   1.000 5.71757  ? 65  ALA   A N   1 
ATOM   494 C CA  . ALA   A 1 65 ? -2.48838  -1.39975  7.89256   1.000 6.38952  ? 65  ALA   A CA  1 
ATOM   495 C C   . ALA   A 1 65 ? -3.06570  -1.52542  9.29373   1.000 5.60396  ? 65  ALA   A C   1 
ATOM   496 O O   . ALA   A 1 65 ? -2.87363  -0.63353  10.12237  1.000 6.60404  ? 65  ALA   A O   1 
ATOM   497 C CB  . ALA   A 1 65 ? -0.96285  -1.44959  7.96339   1.000 7.86848  ? 65  ALA   A CB  1 
ATOM   498 N N   . SER   A 1 66 ? -3.77144  -2.61886  9.56549   1.000 6.05226  ? 66  SER   A N   1 
ATOM   499 C CA  . SER   A 1 66 ? -4.41218  -2.79152  10.86092  1.000 6.57082  ? 66  SER   A CA  1 
ATOM   500 C C   . SER   A 1 66 ? -4.00636  -4.09973  11.51713  1.000 5.93726  ? 66  SER   A C   1 
ATOM   501 O O   . SER   A 1 66 ? -3.85174  -5.13099  10.85282  1.000 7.16572  ? 66  SER   A O   1 
ATOM   502 C CB  . SER   A 1 66 ? -5.94152  -2.72183  10.76701  1.000 6.51986  ? 66  SER   A CB  1 
ATOM   503 O OG  . SER   A 1 66 ? -6.36050  -1.48146  10.22726  1.000 6.60684  ? 66  SER   A OG  1 
ATOM   504 N N   . THR   A 1 67 ? -3.86039  -4.03063  12.83741  1.000 6.78599  ? 67  THR   A N   1 
ATOM   505 C CA  . THR   A 1 67 ? -3.64484  -5.16912  13.71628  1.000 7.14713  ? 67  THR   A CA  1 
ATOM   506 C C   . THR   A 1 67 ? -4.49934  -4.90880  14.94365  1.000 8.16036  ? 67  THR   A C   1 
ATOM   507 O O   . THR   A 1 67 ? -4.39889  -3.83227  15.53978  1.000 8.29283  ? 67  THR   A O   1 
ATOM   508 C CB  . THR   A 1 67 ? -2.17614  -5.25122  14.15216  1.000 9.24517  ? 67  THR   A CB  1 
ATOM   509 O OG1 . THR   A 1 67 ? -1.32093  -5.35275  13.00592  1.000 9.54081  ? 67  THR   A OG1 1 
ATOM   510 C CG2 . THR   A 1 67 ? -1.95026  -6.44969  15.06627  1.000 11.84150 ? 67  THR   A CG2 1 
ATOM   511 N N   . GLY   A 1 68 ? -5.33233  -5.87374  15.32327  1.000 8.41540  ? 68  GLY   A N   1 
ATOM   512 C CA  . GLY   A 1 68 ? -6.21504  -5.63796  16.45411  1.000 9.55926  ? 68  GLY   A CA  1 
ATOM   513 C C   . GLY   A 1 68 ? -7.14523  -4.48707  16.13747  1.000 8.64210  ? 68  GLY   A C   1 
ATOM   514 O O   . GLY   A 1 68 ? -7.81877  -4.46912  15.10221  1.000 10.47354 ? 68  GLY   A O   1 
ATOM   515 N N   . THR   A 1 69 ? -7.18273  -3.49452  17.01980  1.000 8.87153  ? 69  THR   A N   1 
ATOM   516 C CA  . THR   A 1 69 ? -8.01469  -2.31959  16.79800  1.000 9.43920  ? 69  THR   A CA  1 
ATOM   517 C C   . THR   A 1 69 ? -7.21632  -1.10518  16.34467  1.000 9.97513  ? 69  THR   A C   1 
ATOM   518 O O   . THR   A 1 69 ? -7.75578  0.00560   16.32371  1.000 14.67729 ? 69  THR   A O   1 
ATOM   519 C CB  . THR   A 1 69 ? -8.82164  -1.98054  18.05410  1.000 12.60821 ? 69  THR   A CB  1 
ATOM   520 O OG1 . THR   A 1 69 ? -7.92947  -1.80368  19.15908  1.000 14.80712 ? 69  THR   A OG1 1 
ATOM   521 C CG2 . THR   A 1 69 ? -9.81926  -3.08595  18.37495  1.000 16.52076 ? 69  THR   A CG2 1 
ATOM   522 N N   . THR   A 1 70 ? -5.95737  -1.28714  15.97012  1.000 7.90355  ? 70  THR   A N   1 
ATOM   523 C CA  . THR   A 1 70 ? -5.06996  -0.17641  15.64814  1.000 7.88577  ? 70  THR   A CA  1 
ATOM   524 C C   . THR   A 1 70 ? -4.79561  -0.14575  14.14975  1.000 7.04249  ? 70  THR   A C   1 
ATOM   525 O O   . THR   A 1 70 ? -4.23705  -1.10261  13.60034  1.000 8.03866  ? 70  THR   A O   1 
ATOM   526 C CB  . THR   A 1 70 ? -3.75965  -0.31074  16.42212  1.000 10.08111 ? 70  THR   A CB  1 
ATOM   527 O OG1 . THR   A 1 70 ? -4.04336  -0.38788  17.82584  1.000 12.92909 ? 70  THR   A OG1 1 
ATOM   528 C CG2 . THR   A 1 70 ? -2.85755  0.87890   16.14799  1.000 14.87887 ? 70  THR   A CG2 1 
ATOM   529 N N   . THR   A 1 71 ? -5.16677  0.95966   13.50294  1.000 7.06658  ? 71  THR   A N   1 
ATOM   530 C CA  . THR   A 1 71 ? -4.90861  1.17496   12.08664  1.000 6.35041  ? 71  THR   A CA  1 
ATOM   531 C C   . THR   A 1 71 ? -3.83709  2.24085   11.93561  1.000 5.93392  ? 71  THR   A C   1 
ATOM   532 O O   . THR   A 1 71 ? -3.96814  3.33652   12.49238  1.000 7.96022  ? 71  THR   A O   1 
ATOM   533 C CB  . THR   A 1 71 ? -6.17636  1.65219   11.37580  1.000 6.77583  ? 71  THR   A CB  1 
ATOM   534 O OG1 . THR   A 1 71 ? -7.22447  0.68750   11.53928  1.000 6.83636  ? 71  THR   A OG1 1 
ATOM   535 C CG2 . THR   A 1 71 ? -5.91307  1.88235   9.89855   1.000 8.56677  ? 71  THR   A CG2 1 
ATOM   536 N N   . THR   A 1 72 ? -2.80155  1.92837   11.16180  1.000 6.19540  ? 72  THR   A N   1 
ATOM   537 C CA  . THR   A 1 72 ? -1.71343  2.84889   10.87115  1.000 7.19749  ? 72  THR   A CA  1 
ATOM   538 C C   . THR   A 1 72 ? -1.71760  3.14826   9.38075   1.000 5.49605  ? 72  THR   A C   1 
ATOM   539 O O   . THR   A 1 72 ? -1.76384  2.22746   8.56356   1.000 6.48996  ? 72  THR   A O   1 
ATOM   540 C CB  . THR   A 1 72 ? -0.36781  2.21880   11.24520  1.000 7.21831  ? 72  THR   A CB  1 
ATOM   541 O OG1 . THR   A 1 72 ? -0.41007  1.79602   12.61208  1.000 8.01554  ? 72  THR   A OG1 1 
ATOM   542 C CG2 . THR   A 1 72 ? 0.77789   3.21347   11.04618  1.000 8.39886  ? 72  THR   A CG2 1 
ATOM   543 N N   . GLU   A 1 73 ? -1.66692  4.42909   9.03643   1.000 6.13623  ? 73  GLU   A N   1 
ATOM   544 C CA  . GLU   A 1 73 ? -1.56287  4.86459   7.65344   1.000 5.44500  ? 73  GLU   A CA  1 
ATOM   545 C C   . GLU   A 1 73 ? -0.09583  4.99015   7.26848   1.000 4.52616  ? 73  GLU   A C   1 
ATOM   546 O O   . GLU   A 1 73 ? 0.70203   5.56076   8.02328   1.000 5.87087  ? 73  GLU   A O   1 
ATOM   547 C CB  . GLU   A 1 73 ? -2.25251  6.21411   7.48363   1.000 5.26128  ? 73  GLU   A CB  1 
ATOM   548 C CG  . GLU   A 1 73 ? -2.16222  6.82834   6.10845   1.000 5.94891  ? 73  GLU   A CG  1 
ATOM   549 C CD  . GLU   A 1 73 ? -2.70606  8.23895   6.09547   1.000 4.75588  ? 73  GLU   A CD  1 
ATOM   550 O OE1 . GLU   A 1 73 ? -2.30933  9.02189   6.98157   1.000 5.66015  ? 73  GLU   A OE1 1 
ATOM   551 O OE2 . GLU   A 1 73 ? -3.51557  8.57415   5.20141   1.000 5.61142  ? 73  GLU   A OE2 1 
ATOM   552 N N   . TRP   A 1 74 ? 0.25104   4.45620   6.09871   1.000 5.19193  ? 74  TRP   A N   1 
ATOM   553 C CA  . TRP   A 1 74 ? 1.58099   4.58380   5.52375   1.000 5.71192  ? 74  TRP   A CA  1 
ATOM   554 C C   . TRP   A 1 74 ? 1.47671   5.32149   4.19731   1.000 4.96768  ? 74  TRP   A C   1 
ATOM   555 O O   . TRP   A 1 74 ? 0.56628   5.05899   3.39889   1.000 5.93041  ? 74  TRP   A O   1 
ATOM   556 C CB  . TRP   A 1 74 ? 2.22086   3.20703   5.34240   1.000 5.56556  ? 74  TRP   A CB  1 
ATOM   557 C CG  . TRP   A 1 74 ? 2.46448   2.55136   6.64803   1.000 6.12945  ? 74  TRP   A CG  1 
ATOM   558 C CD1 . TRP   A 1 74 ? 1.71030   1.57965   7.23519   1.000 5.97350  ? 74  TRP   A CD1 1 
ATOM   559 C CD2 . TRP   A 1 74 ? 3.51901   2.84956   7.56484   1.000 6.32377  ? 74  TRP   A CD2 1 
ATOM   560 N NE1 . TRP   A 1 74 ? 2.23751   1.24098   8.45835   1.000 7.78875  ? 74  TRP   A NE1 1 
ATOM   561 C CE2 . TRP   A 1 74 ? 3.34915   2.01228   8.68280   1.000 6.94555  ? 74  TRP   A CE2 1 
ATOM   562 C CE3 . TRP   A 1 74 ? 4.59623   3.73994   7.54668   1.000 7.49603  ? 74  TRP   A CE3 1 
ATOM   563 C CZ2 . TRP   A 1 74 ? 4.21291   2.04224   9.77192   1.000 8.05235  ? 74  TRP   A CZ2 1 
ATOM   564 C CZ3 . TRP   A 1 74 ? 5.45431   3.76883   8.63127   1.000 7.29173  ? 74  TRP   A CZ3 1 
ATOM   565 C CH2 . TRP   A 1 74 ? 5.25884   2.92573   9.72490   1.000 8.69400  ? 74  TRP   A CH2 1 
ATOM   566 N N   . CYS   A 1 75 ? 2.40163   6.25425   3.97063   1.000 4.71056  ? 75  CYS   A N   1 
ATOM   567 C CA  . CYS   A 1 75 ? 2.30804   7.20658   2.87639   1.000 5.21568  ? 75  CYS   A CA  1 
ATOM   568 C C   . CYS   A 1 75 ? 3.49254   7.06892   1.93601   1.000 5.49996  ? 75  CYS   A C   1 
ATOM   569 O O   . CYS   A 1 75 ? 4.65040   7.09756   2.37532   1.000 6.26607  ? 75  CYS   A O   1 
ATOM   570 C CB  . CYS   A 1 75 ? 2.31736   8.64123   3.40338   1.000 5.88413  ? 75  CYS   A CB  1 
ATOM   571 S SG  . CYS   A 1 75 ? 1.10657   8.96718   4.68888   1.000 6.32647  ? 75  CYS   A SG  1 
ATOM   572 N N   . TRP   A 1 76 ? 3.19922   6.98797   0.64124   1.000 5.76868  ? 76  TRP   A N   1 
ATOM   573 C CA  . TRP   A 1 76 ? 4.21005   7.09917   -0.40017  1.000 5.58058  ? 76  TRP   A CA  1 
ATOM   574 C C   . TRP   A 1 76 ? 3.93267   8.36537   -1.18952  1.000 5.76662  ? 76  TRP   A C   1 
ATOM   575 O O   . TRP   A 1 76 ? 2.85264   8.51101   -1.77023  1.000 6.91275  ? 76  TRP   A O   1 
ATOM   576 C CB  . TRP   A 1 76 ? 4.18677   5.90624   -1.35299  1.000 5.62174  ? 76  TRP   A CB  1 
ATOM   577 C CG  . TRP   A 1 76 ? 5.22927   6.01328   -2.41924  1.000 6.48523  ? 76  TRP   A CG  1 
ATOM   578 C CD1 . TRP   A 1 76 ? 5.08653   6.52227   -3.68561  1.000 8.33458  ? 76  TRP   A CD1 1 
ATOM   579 C CD2 . TRP   A 1 76 ? 6.59220   5.60720   -2.30674  1.000 6.44349  ? 76  TRP   A CD2 1 
ATOM   580 N NE1 . TRP   A 1 76 ? 6.28855   6.45305   -4.35934  1.000 8.22834  ? 76  TRP   A NE1 1 
ATOM   581 C CE2 . TRP   A 1 76 ? 7.22698   5.89839   -3.53050  1.000 6.15735  ? 76  TRP   A CE2 1 
ATOM   582 C CE3 . TRP   A 1 76 ? 7.34005   5.02063   -1.28545  1.000 6.75469  ? 76  TRP   A CE3 1 
ATOM   583 C CZ2 . TRP   A 1 76 ? 8.56885   5.61557   -3.75675  1.000 7.85142  ? 76  TRP   A CZ2 1 
ATOM   584 C CZ3 . TRP   A 1 76 ? 8.66395   4.74019   -1.51222  1.000 6.37999  ? 76  TRP   A CZ3 1 
ATOM   585 C CH2 . TRP   A 1 76 ? 9.26773   5.04028   -2.73516  1.000 7.94888  ? 76  TRP   A CH2 1 
ATOM   586 N N   . ASP   A 1 77 ? 4.90960   9.26337   -1.22733  1.000 6.77841  ? 77  ASP   A N   1 
ATOM   587 C CA  . ASP   A 1 77 ? 4.81141   10.50097  -1.98603  1.000 6.89615  ? 77  ASP   A CA  1 
ATOM   588 C C   . ASP   A 1 77 ? 6.04220   10.69117  -2.86130  1.000 8.18599  ? 77  ASP   A C   1 
ATOM   589 O O   . ASP   A 1 77 ? 6.44601   11.81911  -3.15809  1.000 9.68746  ? 77  ASP   A O   1 
ATOM   590 C CB  . ASP   A 1 77 ? 4.57168   11.68724  -1.05738  1.000 7.97337  ? 77  ASP   A CB  1 
ATOM   591 C CG  . ASP   A 1 77 ? 3.35837   11.47517  -0.17303  1.000 8.58384  ? 77  ASP   A CG  1 
ATOM   592 O OD1 . ASP   A 1 77 ? 2.22751   11.54981  -0.68746  1.000 7.61974  ? 77  ASP   A OD1 1 
ATOM   593 O OD2 . ASP   A 1 77 ? 3.53016   11.16227  1.02433   1.000 12.02582 ? 77  ASP   A OD2 1 
ATOM   594 N N   . GLY   A 1 78 ? 6.64113   9.58522   -3.28191  1.000 7.22731  ? 78  GLY   A N   1 
ATOM   595 C CA  . GLY   A 1 78 ? 7.77027   9.59752   -4.18149  1.000 9.30169  ? 78  GLY   A CA  1 
ATOM   596 C C   . GLY   A 1 78 ? 9.13210   9.47866   -3.53058  1.000 8.32126  ? 78  GLY   A C   1 
ATOM   597 O O   . GLY   A 1 78 ? 10.13144  9.36432   -4.25490  1.000 10.29981 ? 78  GLY   A O   1 
ATOM   598 N N   . ASN   A 1 79 ? 9.21030   9.48226   -2.19494  1.000 7.57813  ? 79  ASN   A N   1 
ATOM   599 C CA  . ASN   A 1 79 ? 10.50183  9.63360   -1.53371  1.000 8.47253  ? 79  ASN   A CA  1 
ATOM   600 C C   . ASN   A 1 79 ? 10.65710  8.72398   -0.32238  1.000 7.08807  ? 79  ASN   A C   1 
ATOM   601 O O   . ASN   A 1 79 ? 11.40804  9.05336   0.60209   1.000 8.43543  ? 79  ASN   A O   1 
ATOM   602 C CB  . ASN   A 1 79 ? 10.73464  11.08486  -1.12229  1.000 11.39832 ? 79  ASN   A CB  1 
ATOM   603 C CG  . ASN   A 1 79 ? 10.69135  12.02473  -2.30077  1.000 10.25672 ? 79  ASN   A CG  1 
ATOM   604 O OD1 . ASN   A 1 79 ? 9.62165   12.47046  -2.71212  1.000 18.65460 ? 79  ASN   A OD1 1 
ATOM   605 N ND2 . ASN   A 1 79 ? 11.85765  12.31382  -2.87150  1.000 13.83715 ? 79  ASN   A ND2 1 
ATOM   606 N N   . GLY   A 1 80 ? 9.98262   7.58604   -0.31837  1.000 6.17420  ? 80  GLY   A N   1 
ATOM   607 C CA  . GLY   A 1 80 ? 10.05171  6.68241   0.80745   1.000 5.62570  ? 80  GLY   A CA  1 
ATOM   608 C C   . GLY   A 1 80 ? 8.73090   6.61597   1.55931   1.000 6.80965  ? 80  GLY   A C   1 
ATOM   609 O O   . GLY   A 1 80 ? 7.96478   7.58672   1.61407   1.000 7.29818  ? 80  GLY   A O   1 
ATOM   610 N N   . TRP   A 1 81 ? 8.47245   5.46662   2.17321   1.000 5.34325  ? 81  TRP   A N   1 
ATOM   611 C CA  . TRP   A 1 81 ? 7.26805   5.28502   2.97556   1.000 5.51597  ? 81  TRP   A CA  1 
ATOM   612 C C   . TRP   A 1 81 ? 7.44081   5.92969   4.34484   1.000 5.35913  ? 81  TRP   A C   1 
ATOM   613 O O   . TRP   A 1 81 ? 8.45152   5.71412   5.02183   1.000 6.76617  ? 81  TRP   A O   1 
ATOM   614 C CB  . TRP   A 1 81 ? 6.97020   3.79275   3.12413   1.000 5.85991  ? 81  TRP   A CB  1 
ATOM   615 C CG  . TRP   A 1 81 ? 6.51770   3.15233   1.85111   1.000 5.16972  ? 81  TRP   A CG  1 
ATOM   616 C CD1 . TRP   A 1 81 ? 7.28821   2.46395   0.95860   1.000 5.15772  ? 81  TRP   A CD1 1 
ATOM   617 C CD2 . TRP   A 1 81 ? 5.18739   3.14904   1.31584   1.000 5.74786  ? 81  TRP   A CD2 1 
ATOM   618 N NE1 . TRP   A 1 81 ? 6.52479   2.03940   -0.10470  1.000 5.31498  ? 81  TRP   A NE1 1 
ATOM   619 C CE2 . TRP   A 1 81 ? 5.23202   2.44646   0.09362   1.000 4.97815  ? 81  TRP   A CE2 1 
ATOM   620 C CE3 . TRP   A 1 81 ? 3.96391   3.67093   1.74833   1.000 5.21296  ? 81  TRP   A CE3 1 
ATOM   621 C CZ2 . TRP   A 1 81 ? 4.10287   2.23623   -0.68792  1.000 5.18874  ? 81  TRP   A CZ2 1 
ATOM   622 C CZ3 . TRP   A 1 81 ? 2.84163   3.45953   0.96617   1.000 5.95363  ? 81  TRP   A CZ3 1 
ATOM   623 C CH2 . TRP   A 1 81 ? 2.92046   2.75066   -0.23787  1.000 6.20440  ? 81  TRP   A CH2 1 
ATOM   624 N N   . THR   A 1 82 ? 6.44928   6.72236   4.75076   1.000 5.63501  ? 82  THR   A N   1 
ATOM   625 C CA  . THR   A 1 82 ? 6.43933   7.40244   6.03809   1.000 7.43823  ? 82  THR   A CA  1 
ATOM   626 C C   . THR   A 1 82 ? 5.07870   7.20377   6.68827   1.000 6.23033  ? 82  THR   A C   1 
ATOM   627 O O   . THR   A 1 82 ? 4.07066   6.99765   6.01026   1.000 6.38927  ? 82  THR   A O   1 
ATOM   628 C CB  . THR   A 1 82 ? 6.67297   8.91444   5.88574   1.000 11.01439 ? 82  THR   A CB  1 
ATOM   629 O OG1 . THR   A 1 82 ? 5.62632   9.49272   5.08824   1.000 14.30491 ? 82  THR   A OG1 1 
ATOM   630 C CG2 . THR   A 1 82 ? 8.02964   9.19026   5.24942   1.000 13.14376 ? 82  THR   A CG2 1 
ATOM   631 N N   . LYS   A 1 83 ? 5.05100   7.30257   8.01440   1.000 6.81321  ? 83  LYS   A N   1 
ATOM   632 C CA  . LYS   A 1 83 ? 3.80133   7.14623   8.74199   1.000 5.79444  ? 83  LYS   A CA  1 
ATOM   633 C C   . LYS   A 1 83 ? 2.92378   8.38150   8.57814   1.000 6.02321  ? 83  LYS   A C   1 
ATOM   634 O O   . LYS   A 1 83 ? 3.38738   9.51434   8.75084   1.000 6.98127  ? 83  LYS   A O   1 
ATOM   635 C CB  . LYS   A 1 83 ? 4.07922   6.88192   10.22049  1.000 8.43438  ? 83  LYS   A CB  1 
ATOM   636 C CG  . LYS   A 1 83 ? 2.83051   6.54021   11.01353  1.000 8.76279  ? 83  LYS   A CG  1 
ATOM   637 C CD  . LYS   A 1 83 ? 3.14014   6.19872   12.45878  1.000 13.52419 ? 83  LYS   A CD  1 
ATOM   638 C CE  . LYS   A 1 83 ? 4.12237   5.03981   12.54490  1.000 14.98277 ? 83  LYS   A CE  1 
ATOM   639 N NZ  . LYS   A 1 83 ? 4.30145   4.55461   13.94258  1.000 22.62667 ? 83  LYS   A NZ  1 
ATOM   640 N N   . GLY   A 1 84 ? 1.65033   8.15802   8.23935   1.000 6.32838  ? 84  GLY   A N   1 
ATOM   641 C CA  . GLY   A 1 84 ? 0.70257   9.23789   8.08630   1.000 6.48819  ? 84  GLY   A CA  1 
ATOM   642 C C   . GLY   A 1 84 ? -0.01115  9.62261   9.37527   1.000 5.08209  ? 84  GLY   A C   1 
ATOM   643 O O   . GLY   A 1 84 ? 0.06789   8.95782   10.39978  1.000 5.66810  ? 84  GLY   A O   1 
ATOM   644 N N   . ALA   A 1 85 ? -0.74149  10.73311  9.29374   1.000 6.22355  ? 85  ALA   A N   1 
ATOM   645 C CA  . ALA   A 1 85 ? -1.43388  11.31630  10.43563  1.000 6.82496  ? 85  ALA   A CA  1 
ATOM   646 C C   . ALA   A 1 85 ? -2.73611  10.61168  10.80213  1.000 6.13748  ? 85  ALA   A C   1 
ATOM   647 O O   . ALA   A 1 85 ? -3.32633  10.97187  11.82623  1.000 6.40188  ? 85  ALA   A O   1 
ATOM   648 C CB  . ALA   A 1 85 ? -1.72196  12.79557  10.17279  1.000 7.50213  ? 85  ALA   A CB  1 
ATOM   649 N N   . TYR   A 1 86 ? -3.19810  9.64049   10.00899  1.000 6.16255  ? 86  TYR   A N   1 
ATOM   650 C CA  . TYR   A 1 86 ? -4.47900  8.99127   10.27136  1.000 5.92814  ? 86  TYR   A CA  1 
ATOM   651 C C   . TYR   A 1 86 ? -4.59387  8.54605   11.72166  1.000 5.35808  ? 86  TYR   A C   1 
ATOM   652 O O   . TYR   A 1 86 ? -3.68353  7.91226   12.26587  1.000 7.17978  ? 86  TYR   A O   1 
ATOM   653 C CB  . TYR   A 1 86 ? -4.64461  7.76338   9.37543   1.000 5.66795  ? 86  TYR   A CB  1 
ATOM   654 C CG  . TYR   A 1 86 ? -5.94825  7.04208   9.63420   1.000 5.72325  ? 86  TYR   A CG  1 
ATOM   655 C CD1 . TYR   A 1 86 ? -7.09901  7.39896   8.94519   1.000 5.61581  ? 86  TYR   A CD1 1 
ATOM   656 C CD2 . TYR   A 1 86 ? -6.04618  6.02981   10.58191  1.000 6.39930  ? 86  TYR   A CD2 1 
ATOM   657 C CE1 . TYR   A 1 86 ? -8.31269  6.77387   9.18503   1.000 6.07834  ? 86  TYR   A CE1 1 
ATOM   658 C CE2 . TYR   A 1 86 ? -7.25421  5.39633   10.83232  1.000 6.93339  ? 86  TYR   A CE2 1 
ATOM   659 C CZ  . TYR   A 1 86 ? -8.38759  5.77503   10.12561  1.000 6.29682  ? 86  TYR   A CZ  1 
ATOM   660 O OH  . TYR   A 1 86 ? -9.60335  5.15782   10.35029  1.000 7.95851  ? 86  TYR   A OH  1 
ATOM   661 N N   . THR   A 1 87 ? -5.72356  8.88345   12.33179  1.000 5.76256  ? 87  THR   A N   1 
ATOM   662 C CA  . THR   A 1 87 ? -6.15446  8.32296   13.60143  1.000 7.95804  ? 87  THR   A CA  1 
ATOM   663 C C   . THR   A 1 87 ? -7.61052  7.89575   13.47146  1.000 7.06443  ? 87  THR   A C   1 
ATOM   664 O O   . THR   A 1 87 ? -8.36336  8.42833   12.65309  1.000 7.39246  ? 87  THR   A O   1 
ATOM   665 C CB  . THR   A 1 87 ? -6.04630  9.34113   14.75005  1.000 8.49117  ? 87  THR   A CB  1 
ATOM   666 O OG1 . THR   A 1 87 ? -6.78043  10.52411  14.41305  1.000 7.83079  ? 87  THR   A OG1 1 
ATOM   667 C CG2 . THR   A 1 87 ? -4.59568  9.69169   15.04166  1.000 8.92418  ? 87  THR   A CG2 1 
ATOM   668 N N   . ALA   A 1 88 ? -7.99964  6.94791   14.32192  1.000 8.42792  ? 88  ALA   A N   1 
ATOM   669 C CA  . ALA   A 1 88 ? -9.35793  6.42222   14.37601  1.000 8.75712  ? 88  ALA   A CA  1 
ATOM   670 C C   . ALA   A 1 88 ? -10.31354 7.43228   15.01777  1.000 9.55027  ? 88  ALA   A C   1 
ATOM   671 O O   . ALA   A 1 88 ? -9.91647  8.50518   15.48927  1.000 11.30615 ? 88  ALA   A O   1 
ATOM   672 C CB  . ALA   A 1 88 ? -9.37051  5.12932   15.18462  1.000 10.31640 ? 88  ALA   A CB  1 
ATOM   673 N N   . THR   A 1 89 ? -11.59966 7.07363   15.03860  1.000 10.43132 ? 89  THR   A N   1 
ATOM   674 C CA  . THR   A 1 89 ? -12.57859 7.86672   15.77297  1.000 9.77653  ? 89  THR   A CA  1 
ATOM   675 C C   . THR   A 1 89 ? -12.18884 7.97161   17.24369  1.000 15.07374 ? 89  THR   A C   1 
ATOM   676 O O   . THR   A 1 89 ? -11.57422 7.06939   17.81428  1.000 13.02047 ? 89  THR   A O   1 
ATOM   677 C CB  . THR   A 1 89 ? -13.96376 7.22528   15.69152  1.000 15.07862 ? 89  THR   A CB  1 
ATOM   678 O OG1 . THR   A 1 89 ? -13.88594 5.86471   16.14201  1.000 15.22080 ? 89  THR   A OG1 1 
ATOM   679 C CG2 . THR   A 1 89 ? -14.50950 7.26813   14.26789  1.000 14.30682 ? 89  THR   A CG2 1 
ATOM   680 N N   . ASN   A 1 90 ? -12.57263 9.08481   17.86651  1.000 25.49584 ? 90  ASN   A N   1 
ATOM   681 C CA  . ASN   A 1 90 ? -12.28154 9.31628   19.28140  1.000 21.81699 ? 90  ASN   A CA  1 
ATOM   682 C C   . ASN   A 1 90 ? -13.49991 9.07919   20.16809  1.000 37.35730 ? 90  ASN   A C   1 
ATOM   683 O O   . ASN   A 1 90 ? -14.43499 8.36785   19.79104  1.000 25.40368 ? 90  ASN   A O   1 
ATOM   684 C CB  . ASN   A 1 90 ? -11.74856 10.73533  19.50363  1.000 22.48789 ? 90  ASN   A CB  1 
ATOM   685 C CG  . ASN   A 1 90 ? -10.41320 10.96691  18.82770  1.000 24.90915 ? 90  ASN   A CG  1 
ATOM   686 O OD1 . ASN   A 1 90 ? -9.36888  10.55074  19.33034  1.000 26.78443 ? 90  ASN   A OD1 1 
ATOM   687 N ND2 . ASN   A 1 90 ? -10.43968 11.63552  17.67959  1.000 28.59195 ? 90  ASN   A ND2 1 
ATOM   688 O OXT . ASN   A 1 90 ? -13.56624 9.59478   21.28789  1.000 39.43947 ? 90  ASN   A OXT 1 
HETATM 689 C C1  . BDF   B 2 .  ? 8.41707   0.69730   -7.40165  1.000 6.89982  ? 101 BDF   A C1  1 
HETATM 690 C C2  . BDF   B 2 .  ? 8.06350   1.67442   -6.29292  1.000 6.53222  ? 101 BDF   A C2  1 
HETATM 691 C C3  . BDF   B 2 .  ? 7.81437   0.93719   -4.96783  1.000 6.28836  ? 101 BDF   A C3  1 
HETATM 692 C C4  . BDF   B 2 .  ? 7.21263   1.87153   -3.92138  1.000 5.97100  ? 101 BDF   A C4  1 
HETATM 693 C C5  . BDF   B 2 .  ? 5.95961   2.52867   -4.48119  1.000 6.27993  ? 101 BDF   A C5  1 
HETATM 694 C C6  . BDF   B 2 .  ? 6.32093   3.24573   -5.76681  1.000 6.47769  ? 101 BDF   A C6  1 
HETATM 695 O O1  . BDF   B 2 .  ? 8.56391   1.36911   -8.64312  1.000 8.20459  ? 101 BDF   A O1  1 
HETATM 696 O O2  . BDF   B 2 .  ? 9.09380   2.60304   -6.09195  1.000 7.09234  ? 101 BDF   A O2  1 
HETATM 697 O O3  . BDF   B 2 .  ? 9.02079   0.36019   -4.48773  1.000 7.35709  ? 101 BDF   A O3  1 
HETATM 698 O O4  . BDF   B 2 .  ? 6.93572   1.15696   -2.72021  1.000 6.16596  ? 101 BDF   A O4  1 
HETATM 699 O O5  . BDF   B 2 .  ? 4.97068   1.54682   -4.79985  1.000 5.93427  ? 101 BDF   A O5  1 
HETATM 700 O O6  . BDF   B 2 .  ? 6.87024   2.32550   -6.72168  1.000 5.59952  ? 101 BDF   A O6  1 
HETATM 701 C C1  . BDF   C 2 .  ? 1.10309   12.99977  4.42461   1.000 8.15331  ? 102 BDF   A C1  1 
HETATM 702 C C2  . BDF   C 2 .  ? -0.36728  13.25672  4.70834   1.000 6.67851  ? 102 BDF   A C2  1 
HETATM 703 C C3  . BDF   C 2 .  ? -0.91172  12.30186  5.77903   1.000 6.30008  ? 102 BDF   A C3  1 
HETATM 704 C C4  . BDF   C 2 .  ? -2.42419  12.45280  5.89833   1.000 6.46021  ? 102 BDF   A C4  1 
HETATM 705 C C5  . BDF   C 2 .  ? -3.07677  12.24058  4.53745   1.000 6.46962  ? 102 BDF   A C5  1 
HETATM 706 C C6  . BDF   C 2 .  ? -2.46522  13.19955  3.53651   1.000 7.39241  ? 102 BDF   A C6  1 
HETATM 707 O O1  . BDF   C 2 .  ? 1.63225   14.00389  3.57577   1.000 14.95734 ? 102 BDF   A O1  1 
HETATM 708 O O2  . BDF   C 2 .  ? -0.57870  14.57197  5.14729   1.000 8.05510  ? 102 BDF   A O2  1 
HETATM 709 O O3  . BDF   C 2 .  ? -0.28512  12.54965  7.03408   1.000 6.80388  ? 102 BDF   A O3  1 
HETATM 710 O O4  . BDF   C 2 .  ? -2.92012  11.56022  6.89339   1.000 6.65799  ? 102 BDF   A O4  1 
HETATM 711 O O5  . BDF   C 2 .  ? -2.87267  10.91330  4.05180   1.000 5.68200  ? 102 BDF   A O5  1 
HETATM 712 O O6  . BDF   C 2 .  ? -1.04172  13.02817  3.47368   1.000 6.45411  ? 102 BDF   A O6  1 
HETATM 713 P P   . A1IXG D 3 .  ? -9.77207  -14.97137 6.18732   1.000 6.10311  ? 103 A1IXG A P   1 
HETATM 714 C C1  . A1IXG D 3 .  ? -10.91126 -17.67885 8.06607   1.000 5.80033  ? 103 A1IXG A C1  1 
HETATM 715 O O1  . A1IXG D 3 .  ? -11.05743 -15.87189 6.48900   1.000 6.19643  ? 103 A1IXG A O1  1 
HETATM 716 C C   . A1IXG D 3 .  ? -11.07961 -17.24690 6.75142   1.000 5.87899  ? 103 A1IXG A C   1 
HETATM 717 O O   . A1IXG D 3 .  ? -8.70033  -15.82198 5.64038   1.000 6.64945  ? 103 A1IXG A O   1 
HETATM 718 C C10 . A1IXG D 3 .  ? -8.56560  -15.22742 8.55622   1.000 6.84014  ? 103 A1IXG A C10 1 
HETATM 719 C C11 . A1IXG D 3 .  ? -11.09274 -19.05241 8.33207   1.000 7.08035  ? 103 A1IXG A C11 1 
HETATM 720 C C12 . A1IXG D 3 .  ? -10.94138 -19.61557 9.73843   1.000 7.59782  ? 103 A1IXG A C12 1 
HETATM 721 C C13 . A1IXG D 3 .  ? -9.58581  -20.20352 10.10965  1.000 10.86966 ? 103 A1IXG A C13 1 
HETATM 722 C C14 . A1IXG D 3 .  ? -9.31054  -21.54153 9.81074   1.000 12.92170 ? 103 A1IXG A C14 1 
HETATM 723 C C15 . A1IXG D 3 .  ? -8.10155  -22.16146 10.10795  1.000 16.80217 ? 103 A1IXG A C15 1 
HETATM 724 C C16 . A1IXG D 3 .  ? -7.85481  -23.60740 9.75275   1.000 20.13102 ? 103 A1IXG A C16 1 
HETATM 725 C C17 . A1IXG D 3 .  ? -7.10708  -21.41735 10.74110  1.000 16.89603 ? 103 A1IXG A C17 1 
HETATM 726 C C18 . A1IXG D 3 .  ? -5.77998  -22.05349 11.07956  1.000 21.06922 ? 103 A1IXG A C18 1 
HETATM 727 C C19 . A1IXG D 3 .  ? -7.36412  -20.09056 11.04870  1.000 13.89617 ? 103 A1IXG A C19 1 
HETATM 728 C C2  . A1IXG D 3 .  ? -10.57170 -16.65795 9.14481   1.000 6.43085  ? 103 A1IXG A C2  1 
HETATM 729 C C20 . A1IXG D 3 .  ? -8.57458  -19.45680 10.75426  1.000 10.41909 ? 103 A1IXG A C20 1 
HETATM 730 C C21 . A1IXG D 3 .  ? -8.80929  -18.00354 11.13853  1.000 10.25767 ? 103 A1IXG A C21 1 
HETATM 731 C C22 . A1IXG D 3 .  ? -11.42390 -19.88404 7.26109   1.000 7.17574  ? 103 A1IXG A C22 1 
HETATM 732 C C23 . A1IXG D 3 .  ? -11.57218 -19.43794 5.96161   1.000 6.81798  ? 103 A1IXG A C23 1 
HETATM 733 C C24 . A1IXG D 3 .  ? -11.93750 -20.38834 4.84861   1.000 10.83024 ? 103 A1IXG A C24 1 
HETATM 734 C C25 . A1IXG D 3 .  ? -11.39669 -18.08427 5.70034   1.000 7.33345  ? 103 A1IXG A C25 1 
HETATM 735 C C26 . A1IXG D 3 .  ? -11.56218 -17.54752 4.29988   1.000 9.29920  ? 103 A1IXG A C26 1 
HETATM 736 C C3  . A1IXG D 3 .  ? -9.11208  -16.25671 9.31754   1.000 7.22991  ? 103 A1IXG A C3  1 
HETATM 737 C C4  . A1IXG D 3 .  ? -8.27782  -16.88426 10.25686  1.000 8.12028  ? 103 A1IXG A C4  1 
HETATM 738 C C5  . A1IXG D 3 .  ? -6.95790  -16.45117 10.36802  1.000 6.87498  ? 103 A1IXG A C5  1 
HETATM 739 C C6  . A1IXG D 3 .  ? -6.42673  -15.43556 9.59826   1.000 7.47702  ? 103 A1IXG A C6  1 
HETATM 740 C C7  . A1IXG D 3 .  ? -4.98822  -15.00968 9.76162   1.000 9.50538  ? 103 A1IXG A C7  1 
HETATM 741 C C8  . A1IXG D 3 .  ? -7.25141  -14.80486 8.66890   1.000 6.93845  ? 103 A1IXG A C8  1 
HETATM 742 C C9  . A1IXG D 3 .  ? -6.72297  -13.68134 7.81320   1.000 8.26678  ? 103 A1IXG A C9  1 
HETATM 743 O O10 . A1IXG D 3 .  ? -11.72884 -21.22895 7.51587   1.000 8.29079  ? 103 A1IXG A O10 1 
HETATM 744 O O11 . A1IXG D 3 .  ? -10.23025 -13.76745 5.46349   1.000 6.67878  ? 103 A1IXG A O11 1 
HETATM 745 O O2  . A1IXG D 3 .  ? -6.13491  -17.01122 11.35980  1.000 8.61331  ? 103 A1IXG A O2  1 
HETATM 746 O O3  . A1IXG D 3 .  ? -5.01555  -18.65443 9.80291   1.000 12.81340 ? 103 A1IXG A O3  1 
HETATM 747 O O4  . A1IXG D 3 .  ? -4.18178  -18.31218 12.21992  1.000 13.54239 ? 103 A1IXG A O4  1 
HETATM 748 O O5  . A1IXG D 3 .  ? -9.39719  -14.51564 7.67947   1.000 6.20501  ? 103 A1IXG A O5  1 
HETATM 749 O O6  . A1IXG D 3 .  ? -10.32351 -22.33871 9.25245   1.000 11.26249 ? 103 A1IXG A O6  1 
HETATM 750 O O7  . A1IXG D 3 .  ? -11.44921 -23.67273 7.52622   1.000 9.46923  ? 103 A1IXG A O7  1 
HETATM 751 O O8  . A1IXG D 3 .  ? -9.47410  -22.15997 6.86875   1.000 11.51499 ? 103 A1IXG A O8  1 
HETATM 752 O O9  . A1IXG D 3 .  ? -6.38055  -19.39477 11.77541  1.000 16.26191 ? 103 A1IXG A O9  1 
HETATM 753 P P1  . A1IXG D 3 .  ? -5.27969  -18.36293 11.22651  1.000 12.17639 ? 103 A1IXG A P1  1 
HETATM 754 P P2  . A1IXG D 3 .  ? -10.67845 -22.42383 7.69076   1.000 8.39252  ? 103 A1IXG A P2  1 
HETATM 755 P P   . A1IXG E 3 .  ? 14.88017  -2.99275  -13.35674 0.330 9.48222  ? 104 A1IXG A P   1 
HETATM 756 C C1  . A1IXG E 3 .  ? 14.91264  0.23183   -12.22040 0.330 6.29942  ? 104 A1IXG A C1  1 
HETATM 757 O O1  . A1IXG E 3 .  ? 13.98161  -1.66105  -13.40515 0.330 9.04165  ? 104 A1IXG A O1  1 
HETATM 758 C C   . A1IXG E 3 .  ? 13.89702  -0.71131  -12.36705 0.330 7.36878  ? 104 A1IXG A C   1 
HETATM 759 O O   . A1IXG E 3 .  ? 15.18970  -3.27686  -11.94129 0.330 14.06429 ? 104 A1IXG A O   1 
HETATM 760 C C10 . A1IXG E 3 .  ? 17.34220  -1.95173  -13.38910 0.330 7.20268  ? 104 A1IXG A C10 1 
HETATM 761 C C11 . A1IXG E 3 .  ? 14.78119  1.19721   -11.20048 0.330 6.92673  ? 104 A1IXG A C11 1 
HETATM 762 C C12 . A1IXG E 3 .  ? 15.85281  2.26412   -11.04969 0.330 7.24280  ? 104 A1IXG A C12 1 
HETATM 763 C C13 . A1IXG E 3 .  ? 16.95852  2.16251   -10.01077 0.330 6.31158  ? 104 A1IXG A C13 1 
HETATM 764 C C14 . A1IXG E 3 .  ? 16.74992  2.55446   -8.69039  0.330 7.37281  ? 104 A1IXG A C14 1 
HETATM 765 C C15 . A1IXG E 3 .  ? 17.74601  2.50835   -7.71754  0.330 9.04146  ? 104 A1IXG A C15 1 
HETATM 766 C C16 . A1IXG E 3 .  ? 17.46985  2.93476   -6.29713  0.330 10.32664 ? 104 A1IXG A C16 1 
HETATM 767 C C17 . A1IXG E 3 .  ? 19.01461  2.04673   -8.07988  0.330 8.19371  ? 104 A1IXG A C17 1 
HETATM 768 C C18 . A1IXG E 3 .  ? 20.12044  1.97201   -7.05631  0.330 11.21377 ? 104 A1IXG A C18 1 
HETATM 769 C C19 . A1IXG E 3 .  ? 19.22804  1.65597   -9.39424  0.330 7.21994  ? 104 A1IXG A C19 1 
HETATM 770 C C2  . A1IXG E 3 .  ? 16.09989  0.23604   -13.17135 0.330 7.21041  ? 104 A1IXG A C2  1 
HETATM 771 C C20 . A1IXG E 3 .  ? 18.23778  1.70185   -10.36972 0.330 6.95170  ? 104 A1IXG A C20 1 
HETATM 772 C C21 . A1IXG E 3 .  ? 18.51449  1.30015   -11.80772 0.330 7.20204  ? 104 A1IXG A C21 1 
HETATM 773 C C22 . A1IXG E 3 .  ? 13.64702  1.15627   -10.39243 0.330 7.20123  ? 104 A1IXG A C22 1 
HETATM 774 C C23 . A1IXG E 3 .  ? 12.63995  0.21251   -10.54480 0.330 8.19936  ? 104 A1IXG A C23 1 
HETATM 775 C C24 . A1IXG E 3 .  ? 11.43442  0.20814   -9.63776  0.330 11.23458 ? 104 A1IXG A C24 1 
HETATM 776 C C25 . A1IXG E 3 .  ? 12.76667  -0.74365  -11.55546 0.330 9.05073  ? 104 A1IXG A C25 1 
HETATM 777 C C26 . A1IXG E 3 .  ? 11.69858  -1.79232  -11.74635 0.330 10.33976 ? 104 A1IXG A C26 1 
HETATM 778 C C3  . A1IXG E 3 .  ? 17.32296  -0.63619  -12.93159 0.330 6.93848  ? 104 A1IXG A C3  1 
HETATM 779 C C4  . A1IXG E 3 .  ? 18.47252  -0.14065  -12.29028 0.330 6.31162  ? 104 A1IXG A C4  1 
HETATM 780 C C5  . A1IXG E 3 .  ? 19.56873  -0.98692  -12.13895 0.330 7.36548  ? 104 A1IXG A C5  1 
HETATM 781 C C6  . A1IXG E 3 .  ? 19.57908  -2.30019  -12.59775 0.330 9.03923  ? 104 A1IXG A C6  1 
HETATM 782 C C7  . A1IXG E 3 .  ? 20.78651  -3.18440  -12.40682 0.330 10.34175 ? 104 A1IXG A C7  1 
HETATM 783 C C8  . A1IXG E 3 .  ? 18.43815  -2.79365  -13.23759 0.330 8.17413  ? 104 A1IXG A C8  1 
HETATM 784 C C9  . A1IXG E 3 .  ? 18.40358  -4.21439  -13.74346 0.330 11.15778 ? 104 A1IXG A C9  1 
HETATM 785 O O10 . A1IXG E 3 .  ? 13.47522  2.13478   -9.39275  0.330 8.02426  ? 104 A1IXG A O10 1 
HETATM 786 O O11 . A1IXG E 3 .  ? 14.26166  -4.02885  -14.21575 0.330 9.45287  ? 104 A1IXG A O11 1 
HETATM 787 O O2  . A1IXG E 3 .  ? 20.74281  -0.49924  -11.52699 0.330 9.05356  ? 104 A1IXG A O2  1 
HETATM 788 O O3  . A1IXG E 3 .  ? 19.94151  -1.15788  -9.26393  0.330 14.21377 ? 104 A1IXG A O3  1 
HETATM 789 O O4  . A1IXG E 3 .  ? 22.38441  -0.45287  -9.61893  0.330 9.54260  ? 104 A1IXG A O4  1 
HETATM 790 O O5  . A1IXG E 3 .  ? 16.21912  -2.46166  -14.07082 0.330 8.03081  ? 104 A1IXG A O5  1 
HETATM 791 O O6  . A1IXG E 3 .  ? 15.48858  3.05459   -8.30876  0.330 9.04984  ? 104 A1IXG A O6  1 
HETATM 792 O O7  . A1IXG E 3 .  ? 13.35997  2.92974   -7.05831  0.330 9.34646  ? 104 A1IXG A O7  1 
HETATM 793 O O8  . A1IXG E 3 .  ? 14.64833  0.76926   -7.59351  0.330 13.92751 ? 104 A1IXG A O8  1 
HETATM 794 O O9  . A1IXG E 3 .  ? 20.52316  1.22321   -9.74284  0.330 8.00669  ? 104 A1IXG A O9  1 
HETATM 795 P P1  . A1IXG E 3 .  ? 20.94547  -0.31526  -9.94306  0.330 9.68371  ? 104 A1IXG A P1  1 
HETATM 796 P P2  . A1IXG E 3 .  ? 14.21514  2.13600   -7.96544  0.330 9.69178  ? 104 A1IXG A P2  1 
HETATM 797 O O   . HOH   F 4 .  ? 6.02549   9.72298   2.83116   1.000 19.65582 ? 201 HOH   A O   1 
HETATM 798 O O   . HOH   F 4 .  ? -5.86046  4.94904   -16.83418 1.000 22.20798 ? 202 HOH   A O   1 
HETATM 799 O O   . HOH   F 4 .  ? -9.27494  2.05531   11.41065  0.500 14.14496 ? 203 HOH   A O   1 
HETATM 800 O O   . HOH   F 4 .  ? 7.97402   13.78020  -1.40347  1.000 26.42793 ? 204 HOH   A O   1 
HETATM 801 O O   . HOH   F 4 .  ? -8.29392  8.76972   17.35168  1.000 22.54083 ? 205 HOH   A O   1 
HETATM 802 O O   . HOH   F 4 .  ? -10.24295 3.50446   12.18273  0.500 7.72564  ? 206 HOH   A O   1 
HETATM 803 O O   . HOH   F 4 .  ? -2.36646  -12.55417 10.29036  1.000 22.58083 ? 207 HOH   A O   1 
HETATM 804 O O   . HOH   F 4 .  ? 7.53947   -0.08295  10.65494  1.000 14.56928 ? 208 HOH   A O   1 
HETATM 805 O O   . HOH   F 4 .  ? -1.30188  -10.13948 14.91738  1.000 26.63996 ? 209 HOH   A O   1 
HETATM 806 O O   . HOH   F 4 .  ? -15.86665 4.32842   15.38097  1.000 18.33322 ? 210 HOH   A O   1 
HETATM 807 O O   . HOH   F 4 .  ? -6.45171  -1.89197  7.53616   1.000 5.82841  ? 211 HOH   A O   1 
HETATM 808 O O   . HOH   F 4 .  ? -3.29079  -16.62295 14.01686  1.000 15.08391 ? 212 HOH   A O   1 
HETATM 809 O O   . HOH   F 4 .  ? 8.85750   1.96627   7.71541   1.000 9.57465  ? 213 HOH   A O   1 
HETATM 810 O O   . HOH   F 4 .  ? 7.63046   3.53464   -9.81504  1.000 10.70515 ? 214 HOH   A O   1 
HETATM 811 O O   . HOH   F 4 .  ? 10.85745  -10.91681 -4.26119  1.000 21.11701 ? 215 HOH   A O   1 
HETATM 812 O O   . HOH   F 4 .  ? 1.13382   14.65984  1.05680   1.000 14.03409 ? 216 HOH   A O   1 
HETATM 813 O O   . HOH   F 4 .  ? 10.15735  9.79032   -6.87221  1.000 23.12930 ? 217 HOH   A O   1 
HETATM 814 O O   . HOH   F 4 .  ? -0.73667  -10.58853 7.94555   1.000 13.42066 ? 218 HOH   A O   1 
HETATM 815 O O   . HOH   F 4 .  ? -9.25560  -8.24529  4.92131   1.000 8.73532  ? 219 HOH   A O   1 
HETATM 816 O O   . HOH   F 4 .  ? 3.09635   3.44214   -15.42850 1.000 17.85886 ? 220 HOH   A O   1 
HETATM 817 O O   . HOH   F 4 .  ? 10.27608  -7.68770  7.32477   1.000 29.23704 ? 221 HOH   A O   1 
HETATM 818 O O   . HOH   F 4 .  ? 7.06110   -3.74960  -14.66667 1.000 8.27962  ? 222 HOH   A O   1 
HETATM 819 O O   . HOH   F 4 .  ? -5.02105  -8.42636  14.10335  1.000 13.03164 ? 223 HOH   A O   1 
HETATM 820 O O   . HOH   F 4 .  ? -10.63587 -13.27103 2.85191   1.000 8.15923  ? 224 HOH   A O   1 
HETATM 821 O O   . HOH   F 4 .  ? -8.70004  1.55701   13.61374  1.000 12.60618 ? 225 HOH   A O   1 
HETATM 822 O O   . HOH   F 4 .  ? 0.17487   -0.94891  -21.90434 1.000 20.39007 ? 226 HOH   A O   1 
HETATM 823 O O   . HOH   F 4 .  ? 2.51618   15.93351  -5.85607  1.000 16.34338 ? 227 HOH   A O   1 
HETATM 824 O O   . HOH   F 4 .  ? 11.10989  -2.08828  -5.98333  1.000 23.20864 ? 228 HOH   A O   1 
HETATM 825 O O   . HOH   F 4 .  ? 7.56011   -5.42811  -0.33607  1.000 6.26668  ? 229 HOH   A O   1 
HETATM 826 O O   . HOH   F 4 .  ? -8.94270  3.89874   -4.36810  0.500 12.30184 ? 230 HOH   A O   1 
HETATM 827 O O   . HOH   F 4 .  ? 7.41714   9.66348   -0.02126  1.000 7.40389  ? 231 HOH   A O   1 
HETATM 828 O O   . HOH   F 4 .  ? 9.36723   -7.26018  0.87309   1.000 11.96566 ? 232 HOH   A O   1 
HETATM 829 O O   . HOH   F 4 .  ? 3.39452   -10.39088 2.84368   1.000 13.98773 ? 233 HOH   A O   1 
HETATM 830 O O   . HOH   F 4 .  ? 3.91635   -9.19919  -1.59644  1.000 9.00814  ? 234 HOH   A O   1 
HETATM 831 O O   . HOH   F 4 .  ? 1.56522   -8.47161  -2.98607  1.000 6.05428  ? 235 HOH   A O   1 
HETATM 832 O O   . HOH   F 4 .  ? 3.01787   10.71887  11.15328  1.000 23.37621 ? 236 HOH   A O   1 
HETATM 833 O O   . HOH   F 4 .  ? -5.16221  12.45448  13.17215  1.000 8.28329  ? 237 HOH   A O   1 
HETATM 834 O O   . HOH   F 4 .  ? 10.75059  3.78312   -7.89380  1.000 7.77799  ? 238 HOH   A O   1 
HETATM 835 O O   . HOH   F 4 .  ? -3.32176  5.52619   13.97997  1.000 15.48616 ? 239 HOH   A O   1 
HETATM 836 O O   . HOH   F 4 .  ? 1.90689   1.59286   14.04685  1.000 20.19173 ? 240 HOH   A O   1 
HETATM 837 O O   . HOH   F 4 .  ? 1.47560   13.59772  -16.19367 1.000 18.10168 ? 241 HOH   A O   1 
HETATM 838 O O   . HOH   F 4 .  ? 3.70406   -5.77828  -21.00209 1.000 19.58281 ? 242 HOH   A O   1 
HETATM 839 O O   . HOH   F 4 .  ? 5.77688   10.63102  9.53838   1.000 26.66944 ? 243 HOH   A O   1 
HETATM 840 O O   . HOH   F 4 .  ? 15.29857  0.48233   -4.93375  1.000 19.39525 ? 244 HOH   A O   1 
HETATM 841 O O   . HOH   F 4 .  ? -1.43218  -0.72092  13.11465  1.000 9.66151  ? 245 HOH   A O   1 
HETATM 842 O O   . HOH   F 4 .  ? -7.78622  -21.94951 3.63420   1.000 14.30914 ? 246 HOH   A O   1 
HETATM 843 O O   . HOH   F 4 .  ? 5.35349   10.78053  -6.32619  1.000 13.72374 ? 247 HOH   A O   1 
HETATM 844 O O   . HOH   F 4 .  ? 11.07573  2.24740   -4.19283  1.000 19.07654 ? 248 HOH   A O   1 
HETATM 845 O O   . HOH   F 4 .  ? -7.20796  2.17606   -5.62777  0.500 8.91317  ? 249 HOH   A O   1 
HETATM 846 O O   . HOH   F 4 .  ? -0.86083  -3.01278  11.59130  1.000 8.81783  ? 250 HOH   A O   1 
HETATM 847 O O   . HOH   F 4 .  ? -4.80499  5.74472   -8.75655  1.000 9.93522  ? 251 HOH   A O   1 
HETATM 848 O O   . HOH   F 4 .  ? 0.56128   -3.43833  -18.79582 1.000 12.52566 ? 252 HOH   A O   1 
HETATM 849 O O   . HOH   F 4 .  ? -3.45648  -11.41976 8.02172   1.000 14.01796 ? 253 HOH   A O   1 
HETATM 850 O O   . HOH   F 4 .  ? 4.88816   9.23346   -9.92416  1.000 13.48606 ? 254 HOH   A O   1 
HETATM 851 O O   . HOH   F 4 .  ? -8.26845  -8.27625  1.56517   1.000 8.46726  ? 255 HOH   A O   1 
HETATM 852 O O   . HOH   F 4 .  ? -2.24647  13.71758  -13.53678 1.000 19.36047 ? 256 HOH   A O   1 
HETATM 853 O O   . HOH   F 4 .  ? 9.93031   3.52281   5.88890   1.000 12.44094 ? 257 HOH   A O   1 
HETATM 854 O O   . HOH   F 4 .  ? 2.73397   17.14778  -8.48441  1.000 20.27824 ? 258 HOH   A O   1 
HETATM 855 O O   . HOH   F 4 .  ? -7.52201  12.15971  16.54416  1.000 13.95575 ? 259 HOH   A O   1 
HETATM 856 O O   . HOH   F 4 .  ? -8.00290  8.55868   -6.33908  1.000 13.00076 ? 260 HOH   A O   1 
HETATM 857 O O   . HOH   F 4 .  ? -6.59515  2.81978   15.01948  1.000 11.59329 ? 261 HOH   A O   1 
HETATM 858 O O   . HOH   F 4 .  ? 11.13075  9.49929   3.35195   1.000 10.48031 ? 262 HOH   A O   1 
HETATM 859 O O   . HOH   F 4 .  ? 9.87994   -9.31407  -13.56272 1.000 9.74794  ? 263 HOH   A O   1 
HETATM 860 O O   . HOH   F 4 .  ? 0.55302   16.94673  4.16645   1.000 25.04592 ? 264 HOH   A O   1 
HETATM 861 O O   . HOH   F 4 .  ? -11.09617 -11.45294 6.79600   0.330 9.07847  ? 265 HOH   A O   1 
HETATM 862 O O   . HOH   F 4 .  ? 8.57897   -7.79003  5.23540   1.000 12.93428 ? 266 HOH   A O   1 
HETATM 863 O O   . HOH   F 4 .  ? -9.03668  -5.54402  -0.90907  0.500 11.89391 ? 267 HOH   A O   1 
HETATM 864 O O   . HOH   F 4 .  ? -8.38073  0.27372   -3.65016  1.000 18.40908 ? 268 HOH   A O   1 
HETATM 865 O O   . HOH   F 4 .  ? -7.19803  -6.80646  3.83018   1.000 9.17833  ? 269 HOH   A O   1 
HETATM 866 O O   . HOH   F 4 .  ? 1.75048   -0.81020  10.34828  1.000 9.19738  ? 270 HOH   A O   1 
HETATM 867 O O   . HOH   F 4 .  ? 4.67189   -7.95532  12.11541  1.000 11.52596 ? 271 HOH   A O   1 
HETATM 868 O O   . HOH   F 4 .  ? 11.85087  -8.01983  -7.15661  1.000 11.63123 ? 272 HOH   A O   1 
HETATM 869 O O   . HOH   F 4 .  ? 7.46337   7.33942   9.53526   1.000 15.59282 ? 273 HOH   A O   1 
HETATM 870 O O   . HOH   F 4 .  ? 11.86058  -5.61683  -17.23117 1.000 12.63902 ? 274 HOH   A O   1 
HETATM 871 O O   . HOH   F 4 .  ? 9.73039   -0.60327  7.03678   1.000 11.30455 ? 275 HOH   A O   1 
HETATM 872 O O   . HOH   F 4 .  ? 7.25838   6.87915   -7.01172  1.000 12.23235 ? 276 HOH   A O   1 
HETATM 873 O O   . HOH   F 4 .  ? -5.24831  -2.82890  19.05469  1.000 16.70178 ? 277 HOH   A O   1 
HETATM 874 O O   . HOH   F 4 .  ? 11.30202  -4.65056  0.06530   1.000 15.32543 ? 278 HOH   A O   1 
HETATM 875 O O   . HOH   F 4 .  ? 7.55798   0.34361   4.05522   1.000 8.29925  ? 279 HOH   A O   1 
HETATM 876 O O   . HOH   F 4 .  ? -0.46482  15.27769  7.93979   1.000 10.55932 ? 280 HOH   A O   1 
HETATM 877 O O   . HOH   F 4 .  ? -7.97455  -2.69291  -3.22048  1.000 7.70267  ? 281 HOH   A O   1 
HETATM 878 O O   . HOH   F 4 .  ? -1.57749  -15.03394 7.74745   1.000 21.50459 ? 282 HOH   A O   1 
HETATM 879 O O   . HOH   F 4 .  ? -1.41353  6.56351   11.03168  1.000 6.76962  ? 283 HOH   A O   1 
HETATM 880 O O   . HOH   F 4 .  ? -4.24347  -20.58351 14.01314  1.000 11.40159 ? 284 HOH   A O   1 
HETATM 881 O O   . HOH   F 4 .  ? -0.63129  -12.64468 12.43040  1.000 27.29645 ? 285 HOH   A O   1 
HETATM 882 O O   . HOH   F 4 .  ? 12.72584  -5.60846  -6.44774  1.000 23.35657 ? 286 HOH   A O   1 
HETATM 883 O O   . HOH   F 4 .  ? 10.24707  0.96959   3.10553   1.000 13.94586 ? 287 HOH   A O   1 
HETATM 884 O O   . HOH   F 4 .  ? 2.48103   12.19367  7.88123   1.000 21.13758 ? 288 HOH   A O   1 
HETATM 885 O O   . HOH   F 4 .  ? -1.65613  15.31863  -2.76950  1.000 11.77361 ? 289 HOH   A O   1 
HETATM 886 O O   . HOH   F 4 .  ? -1.05885  3.94924   14.50607  1.000 22.26922 ? 290 HOH   A O   1 
HETATM 887 O O   . HOH   F 4 .  ? -5.71087  5.55337   15.53150  1.000 12.66052 ? 291 HOH   A O   1 
HETATM 888 O O   . HOH   F 4 .  ? -3.97623  -16.71742 6.54972   1.000 21.51183 ? 292 HOH   A O   1 
HETATM 889 O O   . HOH   F 4 .  ? -8.85883  -3.73731  1.04628   0.500 12.39388 ? 293 HOH   A O   1 
HETATM 890 O O   . HOH   F 4 .  ? 6.34727   -6.52501  6.10605   1.000 10.95814 ? 294 HOH   A O   1 
HETATM 891 O O   . HOH   F 4 .  ? -6.94893  4.51339   -5.91060  1.000 20.15447 ? 295 HOH   A O   1 
HETATM 892 O O   . HOH   F 4 .  ? 6.55355   -11.07863 -14.12616 1.000 6.96500  ? 296 HOH   A O   1 
HETATM 893 O O   . HOH   F 4 .  ? -12.00959 4.15533   18.02947  1.000 22.33938 ? 297 HOH   A O   1 
HETATM 894 O O   . HOH   F 4 .  ? -4.80815  7.05386   -13.16424 1.000 11.68961 ? 298 HOH   A O   1 
HETATM 895 O O   . HOH   F 4 .  ? 11.01308  6.92517   4.17572   1.000 7.44891  ? 299 HOH   A O   1 
HETATM 896 O O   . HOH   F 4 .  ? -12.21422 4.54025   13.62429  1.000 12.51499 ? 300 HOH   A O   1 
HETATM 897 O O   . HOH   F 4 .  ? -5.69611  10.30092  -9.62502  1.000 11.64811 ? 301 HOH   A O   1 
HETATM 898 O O   . HOH   F 4 .  ? -7.68461  -24.46894 6.33180   1.000 21.09658 ? 302 HOH   A O   1 
HETATM 899 O O   . HOH   F 4 .  ? -2.04819  -3.29474  17.28474  1.000 17.75779 ? 303 HOH   A O   1 
HETATM 900 O O   . HOH   F 4 .  ? -3.11613  -20.44322 4.74122   1.000 23.52718 ? 304 HOH   A O   1 
HETATM 901 O O   . HOH   F 4 .  ? 10.60870  3.40306   1.88947   1.000 6.91212  ? 305 HOH   A O   1 
HETATM 902 O O   . HOH   F 4 .  ? -3.54394  -13.30291 6.09423   1.000 14.38553 ? 306 HOH   A O   1 
HETATM 903 O O   . HOH   F 4 .  ? 0.72609   4.19968   -16.06480 1.000 16.61251 ? 307 HOH   A O   1 
HETATM 904 O O   . HOH   F 4 .  ? -3.09549  16.95911  -11.40781 1.000 20.73940 ? 308 HOH   A O   1 
HETATM 905 O O   . HOH   F 4 .  ? 4.45980   5.21588   -12.83752 1.000 22.84951 ? 309 HOH   A O   1 
HETATM 906 O O   . HOH   F 4 .  ? -6.79584  2.32759   -8.59260  1.000 15.89843 ? 310 HOH   A O   1 
HETATM 907 O O   . HOH   F 4 .  ? 11.01726  -7.15752  -14.48896 1.000 16.42494 ? 311 HOH   A O   1 
HETATM 908 O O   . HOH   F 4 .  ? 23.32766  -3.38637  -9.90803  1.000 15.00480 ? 312 HOH   A O   1 
HETATM 909 O O   . HOH   F 4 .  ? -8.20976  -1.66954  -0.68276  1.000 7.59944  ? 313 HOH   A O   1 
HETATM 910 O O   . HOH   F 4 .  ? 0.44115   11.42080  -15.11711 1.000 23.31160 ? 314 HOH   A O   1 
HETATM 911 O O   . HOH   F 4 .  ? 6.38052   13.37647  -5.85764  1.000 18.11761 ? 315 HOH   A O   1 
HETATM 912 O O   . HOH   F 4 .  ? 4.08335   -17.62639 2.25470   1.000 28.76655 ? 316 HOH   A O   1 
HETATM 913 O O   . HOH   F 4 .  ? 0.60164   6.29907   -17.75851 1.000 24.01369 ? 317 HOH   A O   1 
HETATM 914 O O   . HOH   F 4 .  ? 8.83923   -3.75314  8.72824   1.000 26.63497 ? 318 HOH   A O   1 
HETATM 915 O O   . HOH   F 4 .  ? -10.15074 -6.28775  16.34869  1.000 21.69840 ? 319 HOH   A O   1 
HETATM 916 O O   . HOH   F 4 .  ? -6.03356  4.78982   -14.13838 1.000 14.14788 ? 320 HOH   A O   1 
HETATM 917 O O   . HOH   F 4 .  ? -7.56561  2.91714   17.69567  1.000 20.94398 ? 321 HOH   A O   1 
HETATM 918 O O   . HOH   F 4 .  ? 6.88257   -5.34810  8.59925   1.000 15.38685 ? 322 HOH   A O   1 
HETATM 919 O O   . HOH   F 4 .  ? 5.34537   -1.47852  -21.04681 1.000 25.90174 ? 323 HOH   A O   1 
HETATM 920 O O   . HOH   F 4 .  ? 4.77959   6.56354   -10.86085 1.000 18.42483 ? 324 HOH   A O   1 
HETATM 921 O O   . HOH   F 4 .  ? -7.42221  5.40702   -8.02518  1.000 22.18601 ? 325 HOH   A O   1 
HETATM 922 O O   . HOH   F 4 .  ? -10.67352 0.93219   15.03981  1.000 20.02909 ? 326 HOH   A O   1 
HETATM 923 O O   . HOH   F 4 .  ? -10.39660 -23.49916 3.95913   1.000 23.61157 ? 327 HOH   A O   1 
HETATM 924 O O   . HOH   F 4 .  ? 12.56587  -9.61028  -5.06995  1.000 26.14746 ? 328 HOH   A O   1 
HETATM 925 O O   . HOH   F 4 .  ? 1.41305   -12.38086 13.37728  1.000 23.66601 ? 329 HOH   A O   1 
HETATM 926 O O   . HOH   F 4 .  ? -2.37428  -3.68496  -19.35070 1.000 13.46075 ? 330 HOH   A O   1 
HETATM 927 O O   . HOH   F 4 .  ? 5.85829   5.14480   -8.68990  1.000 12.11787 ? 331 HOH   A O   1 
HETATM 928 O O   . HOH   F 4 .  ? -0.46271  17.91461  6.48903   1.000 19.62962 ? 332 HOH   A O   1 
HETATM 929 O O   . HOH   F 4 .  ? -14.52230 -25.54299 7.23567   1.000 13.99786 ? 333 HOH   A O   1 
HETATM 930 O O   . HOH   F 4 .  ? -1.38208  -14.79879 10.19811  1.000 25.93398 ? 334 HOH   A O   1 
HETATM 931 O O   . HOH   F 4 .  ? 5.89060   -10.60934 11.81413  1.000 25.19319 ? 335 HOH   A O   1 
HETATM 932 O O   . HOH   F 4 .  ? 8.86231   11.01614  2.76514   1.000 23.65442 ? 336 HOH   A O   1 
HETATM 933 O O   . HOH   F 4 .  ? 9.92935   -3.61171  -14.31324 1.000 11.31027 ? 337 HOH   A O   1 
HETATM 934 O O   . HOH   F 4 .  ? 5.01787   15.41474  -5.00399  1.000 28.88929 ? 338 HOH   A O   1 
HETATM 935 O O   . HOH   F 4 .  ? 8.99271   15.50294  -0.24737  1.000 30.47123 ? 339 HOH   A O   1 
HETATM 936 O O   . HOH   F 4 .  ? 1.72217   -4.47451  -20.88397 1.000 22.17130 ? 340 HOH   A O   1 
HETATM 937 O O   . HOH   F 4 .  ? -17.77988 6.58909   15.78953  1.000 28.85345 ? 341 HOH   A O   1 
HETATM 938 O O   . HOH   F 4 .  ? 8.72545   -2.32219  10.85475  1.000 22.25720 ? 342 HOH   A O   1 
HETATM 939 O O   . HOH   F 4 .  ? 7.60558   12.14865  1.20928   1.000 14.67577 ? 343 HOH   A O   1 
HETATM 940 O O   . HOH   F 4 .  ? -5.82173  7.68292   -16.95367 1.000 28.69157 ? 344 HOH   A O   1 
HETATM 941 O O   . HOH   F 4 .  ? 6.91472   -6.70774  10.96599  1.000 15.82732 ? 345 HOH   A O   1 
HETATM 942 O O   . HOH   F 4 .  ? 3.23460   -0.42649  12.75090  1.000 16.50118 ? 346 HOH   A O   1 
HETATM 943 O O   . HOH   F 4 .  ? 13.30995  -1.64063  -1.44744  1.000 17.65718 ? 347 HOH   A O   1 
HETATM 944 O O   . HOH   F 4 .  ? 5.92683   -11.73393 4.27248   1.000 24.91591 ? 348 HOH   A O   1 
HETATM 945 O O   . HOH   F 4 .  ? 0.33768   19.56908  -13.07512 1.000 26.83087 ? 349 HOH   A O   1 
HETATM 946 O O   . HOH   F 4 .  ? -0.32111  -1.86743  15.34626  1.000 14.79437 ? 350 HOH   A O   1 
HETATM 947 O O   . HOH   F 4 .  ? -5.26715  7.64838   -10.49503 1.000 16.27596 ? 351 HOH   A O   1 
HETATM 948 O O   . HOH   F 4 .  ? 1.46629   8.97381   -14.15871 1.000 23.89510 ? 352 HOH   A O   1 
HETATM 949 O O   . HOH   F 4 .  ? 7.96220   4.89764   11.52825  1.000 17.42369 ? 353 HOH   A O   1 
HETATM 950 O O   . HOH   F 4 .  ? 5.88930   0.05783   12.86402  1.000 22.39450 ? 354 HOH   A O   1 
HETATM 951 O O   . HOH   F 4 .  ? 9.16800   2.55042   10.26520  1.000 21.69816 ? 355 HOH   A O   1 
HETATM 952 O O   . HOH   F 4 .  ? -0.01598  15.52455  -16.66261 1.000 21.39132 ? 356 HOH   A O   1 
HETATM 953 O O   . HOH   F 4 .  ? -3.22978  -6.44476  19.22090  1.000 28.30887 ? 357 HOH   A O   1 
HETATM 954 O O   . HOH   F 4 .  ? -5.04276  9.28119   -14.53852 1.000 27.28061 ? 358 HOH   A O   1 
HETATM 955 O O   . HOH   F 4 .  ? 11.96465  -7.63401  0.05370   1.000 25.92867 ? 359 HOH   A O   1 
HETATM 956 O O   . HOH   F 4 .  ? 6.80481   9.02056   11.84496  1.000 24.37676 ? 360 HOH   A O   1 
HETATM 957 O O   . HOH   F 4 .  ? 7.14645   9.28251   -8.05961  1.000 19.06569 ? 361 HOH   A O   1 
HETATM 958 O O   . HOH   F 4 .  ? 0.91954   0.13675   16.68225  1.000 21.86607 ? 362 HOH   A O   1 
HETATM 959 O O   . HOH   F 4 .  ? -6.09922  11.65010  -12.04245 1.000 17.45936 ? 363 HOH   A O   1 
HETATM 960 O O   . HOH   F 4 .  ? -1.86092  17.71530  -15.11416 1.000 27.88595 ? 364 HOH   A O   1 
HETATM 961 O O   . HOH   F 4 .  ? 13.53583  -8.44204  -2.60743  1.000 26.08439 ? 365 HOH   A O   1 
HETATM 962 O O   . HOH   F 4 .  ? 8.04492   11.22915  8.70279   1.000 26.64635 ? 366 HOH   A O   1 
HETATM 963 O O   . HOH   F 4 .  ? 8.45580   -10.41811 4.46341   1.000 21.90522 ? 367 HOH   A O   1 
HETATM 964 O O   . HOH   F 4 .  ? -10.72602 -7.00542  2.56165   0.33  9.07920  ? 368 HOH   A O   1 
HETATM 965 O O   . HOH   F 4 .  ? 2.56978   -2.24283  -22.86371 1.000 27.57532 ? 369 HOH   A O   1 
HETATM 966 O O   . HOH   F 4 .  ? -1.71808  7.63672   17.24062  1.000 23.13019 ? 370 HOH   A O   1 
HETATM 967 O O   . HOH   F 4 .  ? -8.20734  7.41066   -11.37513 1.000 24.60353 ? 371 HOH   A O   1 
# 
